data_8TDD
#
_entry.id   8TDD
#
_cell.length_a   111.088
_cell.length_b   180.470
_cell.length_c   88.101
_cell.angle_alpha   90.00
_cell.angle_beta   106.63
_cell.angle_gamma   90.00
#
_symmetry.space_group_name_H-M   'C 1 2 1'
#
loop_
_entity.id
_entity.type
_entity.pdbx_description
1 polymer 'Pyrroline-5-carboxylate reductase 1, mitochondrial'
2 non-polymer '1,4-DIHYDRONICOTINAMIDE ADENINE DINUCLEOTIDE'
3 non-polymer 'SULFATE ION'
4 non-polymer '(furan-2-yl)acetic acid'
5 water water
#
_entity_poly.entity_id   1
_entity_poly.type   'polypeptide(L)'
_entity_poly.pdbx_seq_one_letter_code
;MHHHHHHSSGVDLGTENLYFQSMSVGFIGAGQLAFALAKGFTAAGVLAAHKIMASSPDMDLATVSALRKMGVKLTPHNKE
TVQHSDVLFLAVKPHIIPFILDEIGADIEDRHIVVSCAAGVTISSIEKKLSAFRPAPRVIRCMTNTPVVVREGATVYATG
THAQVEDGRLMEQLLSSVGFCTEVEEDLIDAVTGLSGSGPAYAFTALDALADGGVKMGLPRRLAVRLGAQALLGAAKMLL
HSEQHPGQLKDNVSSPGGATIHALHVLESGGFRSLLINAVEASCIRTRELQSMADQEQVSPAAIKKTILDKVKLDS
;
_entity_poly.pdbx_strand_id   A,B,C,D,E
#
# COMPACT_ATOMS: atom_id res chain seq x y z
N PHE A 20 9.44 -18.25 -34.33
CA PHE A 20 9.22 -18.55 -35.74
C PHE A 20 7.76 -18.31 -36.08
N GLN A 21 7.06 -17.66 -35.15
CA GLN A 21 5.65 -17.35 -35.37
C GLN A 21 5.46 -16.26 -36.42
N SER A 22 6.33 -15.25 -36.42
CA SER A 22 6.18 -14.08 -37.28
C SER A 22 4.83 -13.39 -37.04
N MET A 23 4.38 -13.46 -35.78
CA MET A 23 3.11 -12.90 -35.37
C MET A 23 3.24 -11.38 -35.23
N SER A 24 2.30 -10.65 -35.81
CA SER A 24 2.25 -9.20 -35.69
C SER A 24 1.27 -8.87 -34.58
N VAL A 25 1.68 -7.98 -33.67
CA VAL A 25 0.89 -7.66 -32.49
C VAL A 25 0.58 -6.17 -32.50
N GLY A 26 -0.65 -5.83 -32.13
CA GLY A 26 -1.05 -4.45 -32.03
C GLY A 26 -1.62 -4.15 -30.67
N PHE A 27 -1.42 -2.90 -30.24
CA PHE A 27 -2.02 -2.36 -29.03
C PHE A 27 -2.80 -1.12 -29.41
N ILE A 28 -4.11 -1.14 -29.17
CA ILE A 28 -4.89 0.08 -29.18
CA ILE A 28 -4.92 0.08 -29.17
C ILE A 28 -4.78 0.66 -27.76
N GLY A 29 -4.09 1.79 -27.65
CA GLY A 29 -3.73 2.33 -26.35
C GLY A 29 -2.23 2.17 -26.20
N ALA A 30 -1.52 3.26 -25.88
CA ALA A 30 -0.08 3.16 -25.73
C ALA A 30 0.31 3.65 -24.35
N GLY A 31 -0.32 3.09 -23.31
CA GLY A 31 -0.07 3.51 -21.95
C GLY A 31 0.75 2.52 -21.13
N GLN A 32 0.49 2.51 -19.82
CA GLN A 32 1.30 1.71 -18.89
C GLN A 32 1.23 0.22 -19.23
N LEU A 33 0.03 -0.28 -19.53
CA LEU A 33 -0.09 -1.71 -19.78
C LEU A 33 0.53 -2.09 -21.11
N ALA A 34 0.27 -1.31 -22.18
CA ALA A 34 0.89 -1.60 -23.47
C ALA A 34 2.40 -1.62 -23.34
N PHE A 35 2.97 -0.66 -22.60
CA PHE A 35 4.41 -0.65 -22.43
C PHE A 35 4.89 -1.88 -21.66
N ALA A 36 4.20 -2.20 -20.55
CA ALA A 36 4.63 -3.34 -19.74
C ALA A 36 4.57 -4.63 -20.53
N LEU A 37 3.47 -4.85 -21.27
CA LEU A 37 3.37 -6.05 -22.08
C LEU A 37 4.41 -6.07 -23.20
N ALA A 38 4.59 -4.94 -23.90
CA ALA A 38 5.56 -4.90 -24.99
C ALA A 38 6.97 -5.15 -24.48
N LYS A 39 7.32 -4.52 -23.35
CA LYS A 39 8.63 -4.76 -22.75
C LYS A 39 8.79 -6.23 -22.38
N GLY A 40 7.74 -6.82 -21.79
CA GLY A 40 7.84 -8.22 -21.40
C GLY A 40 7.98 -9.15 -22.60
N PHE A 41 7.13 -8.96 -23.62
CA PHE A 41 7.19 -9.82 -24.80
C PHE A 41 8.55 -9.74 -25.49
N THR A 42 9.10 -8.53 -25.62
CA THR A 42 10.38 -8.40 -26.32
C THR A 42 11.51 -8.97 -25.48
N ALA A 43 11.45 -8.76 -24.16
CA ALA A 43 12.47 -9.35 -23.28
C ALA A 43 12.39 -10.87 -23.26
N ALA A 44 11.18 -11.42 -23.41
CA ALA A 44 11.03 -12.86 -23.52
C ALA A 44 11.54 -13.40 -24.85
N GLY A 45 11.77 -12.53 -25.83
CA GLY A 45 12.15 -13.00 -27.15
C GLY A 45 11.03 -13.63 -27.94
N VAL A 46 9.77 -13.40 -27.58
CA VAL A 46 8.70 -13.98 -28.37
C VAL A 46 8.38 -13.09 -29.57
N LEU A 47 8.59 -11.78 -29.44
CA LEU A 47 8.23 -10.80 -30.46
C LEU A 47 9.40 -9.87 -30.69
N ALA A 48 9.67 -9.56 -31.96
CA ALA A 48 10.55 -8.43 -32.24
C ALA A 48 9.79 -7.14 -31.97
N ALA A 49 10.47 -6.18 -31.33
CA ALA A 49 9.81 -4.90 -31.00
C ALA A 49 9.16 -4.27 -32.23
N HIS A 50 9.84 -4.31 -33.38
CA HIS A 50 9.28 -3.68 -34.58
C HIS A 50 8.12 -4.48 -35.20
N LYS A 51 7.77 -5.65 -34.67
CA LYS A 51 6.56 -6.34 -35.09
C LYS A 51 5.36 -5.97 -34.22
N ILE A 52 5.56 -5.06 -33.28
CA ILE A 52 4.51 -4.49 -32.45
C ILE A 52 4.18 -3.10 -32.97
N MET A 53 2.90 -2.78 -33.06
CA MET A 53 2.46 -1.44 -33.37
C MET A 53 1.49 -1.02 -32.27
N ALA A 54 1.61 0.23 -31.83
CA ALA A 54 0.73 0.77 -30.80
C ALA A 54 0.21 2.12 -31.26
N SER A 55 -1.03 2.41 -30.89
CA SER A 55 -1.63 3.67 -31.32
C SER A 55 -2.14 4.41 -30.09
N SER A 56 -2.11 5.73 -30.19
CA SER A 56 -2.64 6.61 -29.15
C SER A 56 -2.92 7.96 -29.80
N PRO A 57 -3.94 8.69 -29.36
CA PRO A 57 -4.07 10.09 -29.79
C PRO A 57 -3.17 11.05 -29.04
N ASP A 58 -2.52 10.62 -27.97
CA ASP A 58 -1.63 11.46 -27.19
C ASP A 58 -0.22 10.87 -27.28
N MET A 59 0.61 11.43 -28.15
CA MET A 59 2.00 11.01 -28.23
C MET A 59 2.89 11.63 -27.18
N ASP A 60 2.41 12.64 -26.45
CA ASP A 60 3.25 13.30 -25.45
C ASP A 60 3.43 12.46 -24.20
N LEU A 61 2.85 11.27 -24.14
CA LEU A 61 2.97 10.45 -22.94
C LEU A 61 4.38 9.89 -22.81
N ALA A 62 4.79 9.66 -21.56
CA ALA A 62 6.09 9.03 -21.30
C ALA A 62 6.10 7.59 -21.79
N THR A 63 4.97 6.89 -21.63
CA THR A 63 4.88 5.51 -22.12
C THR A 63 5.12 5.44 -23.62
N VAL A 64 4.61 6.42 -24.38
CA VAL A 64 4.79 6.41 -25.83
C VAL A 64 6.26 6.57 -26.20
N SER A 65 6.99 7.42 -25.46
CA SER A 65 8.40 7.62 -25.75
C SER A 65 9.24 6.40 -25.38
N ALA A 66 8.86 5.69 -24.33
CA ALA A 66 9.52 4.43 -24.00
C ALA A 66 9.26 3.39 -25.07
N LEU A 67 8.01 3.24 -25.50
CA LEU A 67 7.70 2.32 -26.59
C LEU A 67 8.52 2.65 -27.82
N ARG A 68 8.58 3.93 -28.17
CA ARG A 68 9.34 4.33 -29.35
C ARG A 68 10.81 3.96 -29.19
N LYS A 69 11.39 4.23 -28.02
CA LYS A 69 12.79 3.88 -27.76
C LYS A 69 13.03 2.39 -27.90
N MET A 70 12.08 1.56 -27.46
CA MET A 70 12.15 0.11 -27.62
C MET A 70 12.20 -0.33 -29.08
N GLY A 71 11.73 0.50 -30.01
CA GLY A 71 11.58 0.09 -31.39
C GLY A 71 10.17 -0.33 -31.79
N VAL A 72 9.17 -0.11 -30.94
CA VAL A 72 7.79 -0.39 -31.31
C VAL A 72 7.30 0.66 -32.30
N LYS A 73 6.47 0.25 -33.25
CA LYS A 73 5.89 1.18 -34.21
C LYS A 73 4.75 1.96 -33.56
N LEU A 74 4.76 3.29 -33.72
CA LEU A 74 3.76 4.16 -33.12
C LEU A 74 3.00 4.89 -34.21
N THR A 75 1.68 4.99 -34.04
CA THR A 75 0.83 5.69 -35.00
C THR A 75 -0.33 6.31 -34.23
N PRO A 76 -0.84 7.45 -34.66
CA PRO A 76 -2.05 7.98 -34.03
C PRO A 76 -3.32 7.26 -34.48
N HIS A 77 -3.26 6.47 -35.57
CA HIS A 77 -4.43 5.94 -36.26
C HIS A 77 -4.71 4.52 -35.81
N ASN A 78 -5.84 4.32 -35.14
CA ASN A 78 -6.19 3.00 -34.64
C ASN A 78 -6.40 2.00 -35.78
N LYS A 79 -6.87 2.47 -36.95
CA LYS A 79 -7.06 1.57 -38.07
C LYS A 79 -5.73 0.97 -38.53
N GLU A 80 -4.66 1.77 -38.52
CA GLU A 80 -3.36 1.23 -38.91
C GLU A 80 -2.93 0.11 -37.97
N THR A 81 -3.13 0.29 -36.66
CA THR A 81 -2.85 -0.78 -35.71
C THR A 81 -3.63 -2.04 -36.04
N VAL A 82 -4.94 -1.89 -36.31
CA VAL A 82 -5.75 -3.06 -36.65
C VAL A 82 -5.20 -3.75 -37.90
N GLN A 83 -4.96 -2.99 -38.96
CA GLN A 83 -4.53 -3.60 -40.22
C GLN A 83 -3.17 -4.28 -40.08
N HIS A 84 -2.32 -3.75 -39.20
CA HIS A 84 -1.02 -4.35 -38.95
C HIS A 84 -1.15 -5.69 -38.22
N SER A 85 -2.10 -5.78 -37.29
CA SER A 85 -2.05 -6.80 -36.26
C SER A 85 -2.64 -8.13 -36.72
N ASP A 86 -2.10 -9.22 -36.15
CA ASP A 86 -2.77 -10.51 -36.12
C ASP A 86 -3.48 -10.71 -34.79
N VAL A 87 -2.77 -10.41 -33.70
CA VAL A 87 -3.31 -10.39 -32.35
C VAL A 87 -3.43 -8.93 -31.94
N LEU A 88 -4.62 -8.52 -31.51
CA LEU A 88 -4.92 -7.12 -31.26
C LEU A 88 -5.32 -6.95 -29.80
N PHE A 89 -4.46 -6.28 -29.01
CA PHE A 89 -4.76 -6.01 -27.62
C PHE A 89 -5.51 -4.70 -27.50
N LEU A 90 -6.57 -4.70 -26.69
CA LEU A 90 -7.29 -3.48 -26.36
C LEU A 90 -6.79 -3.02 -25.00
N ALA A 91 -5.96 -1.98 -25.00
CA ALA A 91 -5.28 -1.47 -23.81
C ALA A 91 -5.67 -0.02 -23.54
N VAL A 92 -6.95 0.30 -23.69
CA VAL A 92 -7.45 1.62 -23.35
C VAL A 92 -8.30 1.49 -22.09
N LYS A 93 -8.62 2.64 -21.50
CA LYS A 93 -9.45 2.68 -20.31
C LYS A 93 -10.84 2.09 -20.61
N PRO A 94 -11.47 1.45 -19.62
CA PRO A 94 -12.75 0.75 -19.87
C PRO A 94 -13.81 1.59 -20.55
N HIS A 95 -13.95 2.88 -20.20
CA HIS A 95 -15.00 3.66 -20.84
C HIS A 95 -14.66 4.04 -22.28
N ILE A 96 -13.41 3.84 -22.70
CA ILE A 96 -13.03 4.08 -24.09
C ILE A 96 -13.33 2.88 -24.99
N ILE A 97 -13.45 1.67 -24.42
CA ILE A 97 -13.61 0.47 -25.27
C ILE A 97 -14.76 0.60 -26.25
N PRO A 98 -15.98 1.00 -25.85
CA PRO A 98 -17.06 1.08 -26.84
C PRO A 98 -16.82 2.11 -27.93
N PHE A 99 -16.15 3.23 -27.62
CA PHE A 99 -15.79 4.17 -28.68
C PHE A 99 -14.86 3.49 -29.68
N ILE A 100 -13.86 2.77 -29.17
CA ILE A 100 -12.87 2.07 -29.99
C ILE A 100 -13.56 1.07 -30.90
N LEU A 101 -14.46 0.27 -30.34
CA LEU A 101 -15.11 -0.78 -31.12
C LEU A 101 -15.97 -0.19 -32.24
N ASP A 102 -16.66 0.92 -31.97
CA ASP A 102 -17.38 1.61 -33.03
C ASP A 102 -16.44 2.07 -34.13
N GLU A 103 -15.27 2.59 -33.75
CA GLU A 103 -14.37 3.21 -34.70
C GLU A 103 -13.74 2.19 -35.63
N ILE A 104 -13.25 1.07 -35.10
CA ILE A 104 -12.49 0.13 -35.93
C ILE A 104 -13.21 -1.21 -36.08
N GLY A 105 -14.46 -1.32 -35.63
CA GLY A 105 -15.17 -2.59 -35.78
C GLY A 105 -15.28 -3.07 -37.21
N ALA A 106 -15.42 -2.14 -38.15
CA ALA A 106 -15.47 -2.50 -39.56
C ALA A 106 -14.14 -3.04 -40.05
N ASP A 107 -13.04 -2.77 -39.35
CA ASP A 107 -11.71 -3.21 -39.79
C ASP A 107 -11.29 -4.53 -39.18
N ILE A 108 -12.06 -5.08 -38.24
CA ILE A 108 -11.72 -6.38 -37.68
C ILE A 108 -11.98 -7.45 -38.73
N GLU A 109 -11.02 -8.33 -38.92
CA GLU A 109 -11.12 -9.34 -39.97
C GLU A 109 -11.23 -10.72 -39.35
N ASP A 110 -11.56 -11.70 -40.20
CA ASP A 110 -11.70 -13.06 -39.70
C ASP A 110 -10.39 -13.57 -39.09
N ARG A 111 -9.24 -13.10 -39.60
CA ARG A 111 -7.94 -13.54 -39.10
C ARG A 111 -7.62 -13.00 -37.70
N HIS A 112 -8.33 -11.99 -37.21
CA HIS A 112 -7.94 -11.32 -35.97
C HIS A 112 -8.32 -12.11 -34.73
N ILE A 113 -7.44 -12.09 -33.72
CA ILE A 113 -7.81 -12.43 -32.36
C ILE A 113 -7.80 -11.13 -31.58
N VAL A 114 -8.96 -10.75 -31.02
CA VAL A 114 -9.08 -9.51 -30.25
C VAL A 114 -8.99 -9.85 -28.76
N VAL A 115 -7.99 -9.29 -28.09
CA VAL A 115 -7.72 -9.57 -26.68
C VAL A 115 -7.99 -8.28 -25.91
N SER A 116 -9.09 -8.25 -25.15
CA SER A 116 -9.40 -7.09 -24.34
C SER A 116 -8.70 -7.22 -22.98
N CYS A 117 -7.91 -6.20 -22.63
CA CYS A 117 -7.28 -6.15 -21.31
C CYS A 117 -8.01 -5.24 -20.34
N ALA A 118 -9.11 -4.61 -20.78
CA ALA A 118 -9.75 -3.56 -20.00
C ALA A 118 -10.44 -4.15 -18.78
N ALA A 119 -10.22 -3.52 -17.63
CA ALA A 119 -10.87 -3.97 -16.40
C ALA A 119 -12.38 -3.95 -16.58
N GLY A 120 -13.03 -5.04 -16.18
CA GLY A 120 -14.48 -5.08 -16.07
C GLY A 120 -15.26 -5.28 -17.35
N VAL A 121 -14.68 -5.03 -18.53
CA VAL A 121 -15.43 -5.04 -19.78
C VAL A 121 -15.71 -6.48 -20.20
N THR A 122 -16.98 -6.81 -20.40
CA THR A 122 -17.36 -8.20 -20.63
C THR A 122 -17.14 -8.60 -22.09
N ILE A 123 -16.88 -9.90 -22.28
CA ILE A 123 -16.85 -10.47 -23.62
C ILE A 123 -18.15 -10.19 -24.37
N SER A 124 -19.29 -10.35 -23.68
CA SER A 124 -20.58 -10.11 -24.32
C SER A 124 -20.66 -8.70 -24.92
N SER A 125 -20.22 -7.69 -24.17
CA SER A 125 -20.33 -6.32 -24.67
C SER A 125 -19.46 -6.11 -25.90
N ILE A 126 -18.27 -6.72 -25.92
CA ILE A 126 -17.37 -6.59 -27.07
C ILE A 126 -17.94 -7.32 -28.28
N GLU A 127 -18.36 -8.57 -28.09
CA GLU A 127 -18.89 -9.33 -29.22
C GLU A 127 -20.15 -8.67 -29.79
N LYS A 128 -20.97 -8.04 -28.94
CA LYS A 128 -22.17 -7.38 -29.45
C LYS A 128 -21.82 -6.25 -30.41
N LYS A 129 -20.79 -5.46 -30.08
CA LYS A 129 -20.33 -4.41 -30.99
C LYS A 129 -19.76 -4.99 -32.27
N LEU A 130 -18.80 -5.90 -32.14
CA LEU A 130 -18.07 -6.38 -33.32
C LEU A 130 -18.94 -7.22 -34.24
N SER A 131 -19.93 -7.92 -33.68
CA SER A 131 -20.79 -8.79 -34.49
C SER A 131 -21.65 -8.01 -35.46
N ALA A 132 -21.89 -6.72 -35.23
CA ALA A 132 -22.64 -5.94 -36.21
C ALA A 132 -21.86 -5.78 -37.51
N PHE A 133 -20.55 -6.05 -37.50
CA PHE A 133 -19.73 -5.98 -38.69
C PHE A 133 -19.44 -7.38 -39.22
N ARG A 134 -18.41 -8.05 -38.70
CA ARG A 134 -18.37 -9.42 -39.18
C ARG A 134 -19.00 -10.36 -38.15
N PRO A 135 -19.54 -11.52 -38.59
CA PRO A 135 -20.42 -12.31 -37.71
C PRO A 135 -19.76 -13.08 -36.56
N ALA A 136 -18.49 -13.47 -36.68
CA ALA A 136 -17.89 -14.38 -35.71
C ALA A 136 -16.57 -13.83 -35.18
N PRO A 137 -16.60 -12.66 -34.53
CA PRO A 137 -15.35 -12.08 -33.99
C PRO A 137 -14.73 -12.98 -32.92
N ARG A 138 -13.43 -13.19 -33.04
CA ARG A 138 -12.67 -14.03 -32.11
C ARG A 138 -12.17 -13.16 -30.97
N VAL A 139 -12.78 -13.31 -29.79
CA VAL A 139 -12.56 -12.41 -28.67
C VAL A 139 -12.06 -13.22 -27.48
N ILE A 140 -11.04 -12.68 -26.83
CA ILE A 140 -10.50 -13.21 -25.58
C ILE A 140 -10.43 -12.07 -24.58
N ARG A 141 -10.84 -12.32 -23.35
CA ARG A 141 -10.70 -11.32 -22.30
C ARG A 141 -9.60 -11.74 -21.34
N CYS A 142 -8.76 -10.80 -20.96
CA CYS A 142 -7.70 -11.16 -20.03
C CYS A 142 -7.60 -10.11 -18.92
N MET A 143 -6.98 -10.54 -17.82
CA MET A 143 -6.63 -9.63 -16.74
C MET A 143 -5.20 -9.98 -16.38
N THR A 144 -4.34 -8.98 -16.35
CA THR A 144 -2.92 -9.22 -16.13
C THR A 144 -2.49 -8.15 -15.12
N ASN A 145 -1.18 -7.88 -15.05
CA ASN A 145 -0.72 -6.84 -14.13
C ASN A 145 0.65 -6.36 -14.59
N THR A 146 1.11 -5.27 -13.99
CA THR A 146 2.32 -4.64 -14.54
C THR A 146 3.60 -5.47 -14.40
N PRO A 147 3.72 -6.41 -13.44
CA PRO A 147 4.96 -7.21 -13.38
C PRO A 147 5.25 -8.09 -14.60
N VAL A 148 4.37 -8.14 -15.61
CA VAL A 148 4.80 -8.74 -16.88
C VAL A 148 6.06 -8.04 -17.39
N VAL A 149 6.29 -6.79 -16.97
CA VAL A 149 7.45 -6.04 -17.43
C VAL A 149 8.75 -6.69 -16.99
N VAL A 150 8.74 -7.47 -15.91
CA VAL A 150 9.87 -8.27 -15.48
C VAL A 150 9.58 -9.76 -15.64
N ARG A 151 8.60 -10.10 -16.48
CA ARG A 151 8.24 -11.48 -16.82
C ARG A 151 7.81 -12.27 -15.59
N GLU A 152 7.16 -11.61 -14.63
CA GLU A 152 6.56 -12.27 -13.47
C GLU A 152 5.11 -11.81 -13.30
N GLY A 153 4.41 -11.63 -14.41
CA GLY A 153 3.01 -11.26 -14.33
C GLY A 153 2.17 -12.40 -13.78
N ALA A 154 0.92 -12.04 -13.45
CA ALA A 154 -0.12 -13.00 -13.10
C ALA A 154 -1.28 -12.71 -14.04
N THR A 155 -1.56 -13.64 -14.95
CA THR A 155 -2.52 -13.39 -16.01
C THR A 155 -3.58 -14.48 -15.99
N VAL A 156 -4.85 -14.09 -16.17
CA VAL A 156 -5.91 -15.05 -16.44
C VAL A 156 -6.58 -14.61 -17.74
N TYR A 157 -7.25 -15.56 -18.40
CA TYR A 157 -7.99 -15.21 -19.60
C TYR A 157 -9.22 -16.11 -19.74
N ALA A 158 -10.24 -15.58 -20.42
CA ALA A 158 -11.42 -16.36 -20.78
C ALA A 158 -11.68 -16.22 -22.27
N THR A 159 -12.09 -17.31 -22.90
CA THR A 159 -12.31 -17.32 -24.34
C THR A 159 -13.75 -16.98 -24.66
N GLY A 160 -13.94 -16.22 -25.73
CA GLY A 160 -15.27 -15.83 -26.16
C GLY A 160 -15.96 -16.89 -26.98
N THR A 161 -17.13 -16.50 -27.51
CA THR A 161 -18.02 -17.43 -28.20
C THR A 161 -17.38 -18.05 -29.43
N HIS A 162 -16.67 -17.25 -30.23
CA HIS A 162 -16.13 -17.70 -31.49
C HIS A 162 -14.63 -17.95 -31.45
N ALA A 163 -14.00 -17.81 -30.28
CA ALA A 163 -12.58 -18.08 -30.17
C ALA A 163 -12.32 -19.57 -30.36
N GLN A 164 -11.36 -19.90 -31.23
CA GLN A 164 -11.05 -21.29 -31.48
C GLN A 164 -10.17 -21.87 -30.36
N VAL A 165 -10.21 -23.21 -30.24
CA VAL A 165 -9.37 -23.87 -29.24
C VAL A 165 -7.92 -23.46 -29.40
N GLU A 166 -7.45 -23.35 -30.65
CA GLU A 166 -6.09 -22.89 -30.89
C GLU A 166 -5.88 -21.43 -30.50
N ASP A 167 -6.94 -20.61 -30.48
CA ASP A 167 -6.81 -19.22 -30.05
C ASP A 167 -6.49 -19.15 -28.56
N GLY A 168 -7.20 -19.94 -27.76
CA GLY A 168 -6.88 -19.99 -26.33
C GLY A 168 -5.48 -20.50 -26.06
N ARG A 169 -5.06 -21.53 -26.81
CA ARG A 169 -3.72 -22.10 -26.61
C ARG A 169 -2.64 -21.11 -27.02
N LEU A 170 -2.84 -20.41 -28.13
CA LEU A 170 -1.89 -19.37 -28.55
C LEU A 170 -1.78 -18.29 -27.49
N MET A 171 -2.93 -17.84 -26.98
CA MET A 171 -2.92 -16.78 -25.97
CA MET A 171 -2.85 -16.76 -26.00
C MET A 171 -2.18 -17.22 -24.71
N GLU A 172 -2.41 -18.47 -24.29
CA GLU A 172 -1.70 -18.97 -23.11
C GLU A 172 -0.20 -19.08 -23.35
N GLN A 173 0.21 -19.52 -24.54
CA GLN A 173 1.64 -19.54 -24.83
C GLN A 173 2.23 -18.14 -24.77
N LEU A 174 1.55 -17.17 -25.38
CA LEU A 174 2.04 -15.80 -25.40
C LEU A 174 2.15 -15.22 -23.98
N LEU A 175 1.05 -15.28 -23.23
CA LEU A 175 1.08 -14.63 -21.91
C LEU A 175 1.88 -15.42 -20.90
N SER A 176 2.04 -16.74 -21.09
CA SER A 176 2.93 -17.48 -20.21
C SER A 176 4.39 -17.06 -20.39
N SER A 177 4.72 -16.38 -21.50
CA SER A 177 6.10 -15.95 -21.66
C SER A 177 6.46 -14.79 -20.74
N VAL A 178 5.48 -14.16 -20.09
CA VAL A 178 5.74 -13.02 -19.22
C VAL A 178 5.23 -13.25 -17.81
N GLY A 179 4.94 -14.49 -17.44
CA GLY A 179 4.55 -14.79 -16.08
C GLY A 179 3.60 -15.96 -16.04
N PHE A 180 2.89 -16.07 -14.91
CA PHE A 180 1.88 -17.11 -14.74
C PHE A 180 0.68 -16.82 -15.61
N CYS A 181 0.11 -17.85 -16.23
CA CYS A 181 -1.09 -17.64 -17.04
C CYS A 181 -2.00 -18.86 -16.96
N THR A 182 -3.30 -18.63 -16.78
CA THR A 182 -4.23 -19.75 -16.75
C THR A 182 -5.60 -19.32 -17.28
N GLU A 183 -6.30 -20.27 -17.88
CA GLU A 183 -7.67 -20.03 -18.33
C GLU A 183 -8.60 -20.04 -17.12
N VAL A 184 -9.56 -19.12 -17.11
CA VAL A 184 -10.62 -19.08 -16.11
C VAL A 184 -11.96 -18.87 -16.79
N GLU A 185 -13.04 -19.20 -16.06
CA GLU A 185 -14.36 -18.75 -16.47
C GLU A 185 -14.45 -17.24 -16.32
N GLU A 186 -15.17 -16.58 -17.25
CA GLU A 186 -15.18 -15.12 -17.24
C GLU A 186 -15.70 -14.55 -15.92
N ASP A 187 -16.58 -15.27 -15.23
CA ASP A 187 -17.15 -14.65 -14.03
C ASP A 187 -16.18 -14.57 -12.87
N LEU A 188 -14.97 -15.11 -13.02
CA LEU A 188 -13.96 -14.91 -11.99
C LEU A 188 -13.10 -13.67 -12.22
N ILE A 189 -13.20 -13.03 -13.38
CA ILE A 189 -12.13 -12.10 -13.76
C ILE A 189 -12.22 -10.80 -12.95
N ASP A 190 -13.43 -10.36 -12.60
CA ASP A 190 -13.52 -9.16 -11.75
C ASP A 190 -12.84 -9.39 -10.40
N ALA A 191 -13.02 -10.57 -9.82
CA ALA A 191 -12.32 -10.90 -8.56
C ALA A 191 -10.82 -10.97 -8.76
N VAL A 192 -10.37 -11.56 -9.88
CA VAL A 192 -8.94 -11.58 -10.17
C VAL A 192 -8.40 -10.15 -10.22
N THR A 193 -9.15 -9.25 -10.85
CA THR A 193 -8.76 -7.85 -10.94
C THR A 193 -8.49 -7.27 -9.55
N GLY A 194 -9.36 -7.56 -8.59
CA GLY A 194 -9.19 -7.03 -7.25
C GLY A 194 -7.99 -7.62 -6.52
N LEU A 195 -7.58 -8.83 -6.92
CA LEU A 195 -6.51 -9.54 -6.22
C LEU A 195 -5.16 -9.32 -6.89
N SER A 196 -4.95 -9.89 -8.08
CA SER A 196 -3.64 -9.80 -8.71
C SER A 196 -3.51 -8.61 -9.66
N GLY A 197 -4.62 -8.08 -10.17
CA GLY A 197 -4.54 -6.88 -10.99
C GLY A 197 -4.12 -5.67 -10.17
N SER A 198 -4.88 -5.38 -9.09
CA SER A 198 -4.53 -4.31 -8.17
C SER A 198 -3.43 -4.70 -7.20
N GLY A 199 -3.18 -6.01 -7.03
CA GLY A 199 -2.21 -6.51 -6.07
C GLY A 199 -0.85 -5.84 -6.00
N PRO A 200 -0.22 -5.58 -7.16
CA PRO A 200 1.09 -4.91 -7.10
C PRO A 200 1.04 -3.56 -6.38
N ALA A 201 -0.05 -2.80 -6.51
CA ALA A 201 -0.16 -1.54 -5.78
C ALA A 201 -0.19 -1.74 -4.27
N TYR A 202 -0.89 -2.79 -3.80
CA TYR A 202 -0.88 -3.10 -2.38
C TYR A 202 0.54 -3.42 -1.91
N ALA A 203 1.28 -4.18 -2.72
CA ALA A 203 2.66 -4.54 -2.41
C ALA A 203 3.57 -3.32 -2.38
N PHE A 204 3.42 -2.41 -3.36
CA PHE A 204 4.24 -1.20 -3.36
C PHE A 204 3.98 -0.34 -2.13
N THR A 205 2.71 -0.21 -1.74
CA THR A 205 2.34 0.46 -0.48
C THR A 205 2.99 -0.22 0.72
N ALA A 206 2.88 -1.56 0.80
CA ALA A 206 3.48 -2.30 1.91
C ALA A 206 4.98 -2.12 1.94
N LEU A 207 5.64 -2.17 0.78
CA LEU A 207 7.11 -2.07 0.75
C LEU A 207 7.56 -0.68 1.18
N ASP A 208 6.83 0.36 0.77
CA ASP A 208 7.13 1.73 1.20
C ASP A 208 7.04 1.84 2.72
N ALA A 209 6.00 1.24 3.31
CA ALA A 209 5.78 1.31 4.76
C ALA A 209 6.77 0.45 5.51
N LEU A 210 7.06 -0.76 5.02
CA LEU A 210 8.10 -1.59 5.64
C LEU A 210 9.44 -0.86 5.65
N ALA A 211 9.78 -0.16 4.56
CA ALA A 211 11.01 0.61 4.53
C ALA A 211 10.99 1.75 5.55
N ASP A 212 9.85 2.45 5.70
CA ASP A 212 9.73 3.47 6.74
C ASP A 212 9.99 2.87 8.11
N GLY A 213 9.50 1.65 8.35
CA GLY A 213 9.75 1.00 9.62
C GLY A 213 11.22 0.68 9.79
N GLY A 214 11.88 0.23 8.71
CA GLY A 214 13.33 0.03 8.77
C GLY A 214 14.07 1.31 9.11
N VAL A 215 13.71 2.41 8.44
CA VAL A 215 14.32 3.70 8.69
C VAL A 215 14.05 4.15 10.13
N LYS A 216 12.83 3.94 10.62
CA LYS A 216 12.54 4.36 12.00
C LYS A 216 13.45 3.66 12.99
N MET A 217 13.77 2.40 12.73
CA MET A 217 14.61 1.62 13.63
C MET A 217 16.12 1.77 13.35
N GLY A 218 16.53 2.67 12.46
CA GLY A 218 17.95 2.99 12.27
C GLY A 218 18.59 2.57 10.94
N LEU A 219 17.86 1.93 10.03
CA LEU A 219 18.43 1.50 8.74
C LEU A 219 18.44 2.65 7.73
N PRO A 220 19.51 2.77 6.92
CA PRO A 220 19.44 3.65 5.75
C PRO A 220 18.29 3.26 4.83
N ARG A 221 17.68 4.27 4.24
CA ARG A 221 16.53 4.05 3.37
CA ARG A 221 16.54 4.06 3.35
C ARG A 221 16.86 3.04 2.25
N ARG A 222 17.99 3.23 1.57
CA ARG A 222 18.30 2.35 0.44
C ARG A 222 18.34 0.88 0.88
N LEU A 223 19.03 0.60 1.99
CA LEU A 223 19.11 -0.76 2.51
C LEU A 223 17.74 -1.28 2.93
N ALA A 224 16.94 -0.43 3.60
CA ALA A 224 15.62 -0.86 4.05
C ALA A 224 14.72 -1.24 2.88
N VAL A 225 14.75 -0.47 1.79
CA VAL A 225 13.97 -0.81 0.61
C VAL A 225 14.43 -2.15 0.03
N ARG A 226 15.76 -2.32 -0.08
CA ARG A 226 16.32 -3.55 -0.66
C ARG A 226 15.92 -4.78 0.16
N LEU A 227 16.12 -4.70 1.48
CA LEU A 227 15.81 -5.82 2.36
C LEU A 227 14.32 -6.14 2.36
N GLY A 228 13.48 -5.10 2.46
CA GLY A 228 12.05 -5.32 2.49
C GLY A 228 11.54 -5.98 1.22
N ALA A 229 12.01 -5.51 0.07
CA ALA A 229 11.59 -6.08 -1.21
C ALA A 229 12.10 -7.50 -1.38
N GLN A 230 13.35 -7.76 -0.96
CA GLN A 230 13.90 -9.10 -1.03
C GLN A 230 13.13 -10.05 -0.12
N ALA A 231 12.74 -9.57 1.06
CA ALA A 231 11.96 -10.40 1.97
C ALA A 231 10.64 -10.82 1.35
N LEU A 232 9.96 -9.88 0.70
CA LEU A 232 8.67 -10.18 0.08
CA LEU A 232 8.66 -10.19 0.10
C LEU A 232 8.83 -11.12 -1.10
N LEU A 233 9.84 -10.86 -1.93
CA LEU A 233 10.09 -11.75 -3.07
C LEU A 233 10.39 -13.17 -2.58
N GLY A 234 11.26 -13.28 -1.58
CA GLY A 234 11.61 -14.60 -1.08
C GLY A 234 10.43 -15.33 -0.47
N ALA A 235 9.60 -14.61 0.29
CA ALA A 235 8.47 -15.25 0.93
C ALA A 235 7.44 -15.70 -0.10
N ALA A 236 7.19 -14.87 -1.11
CA ALA A 236 6.24 -15.26 -2.16
C ALA A 236 6.74 -16.49 -2.91
N LYS A 237 8.04 -16.50 -3.26
CA LYS A 237 8.60 -17.68 -3.90
C LYS A 237 8.51 -18.92 -3.01
N MET A 238 8.85 -18.78 -1.72
CA MET A 238 8.69 -19.91 -0.80
C MET A 238 7.29 -20.51 -0.88
N LEU A 239 6.27 -19.64 -0.80
CA LEU A 239 4.89 -20.11 -0.83
C LEU A 239 4.55 -20.77 -2.17
N LEU A 240 4.99 -20.18 -3.29
CA LEU A 240 4.70 -20.80 -4.57
C LEU A 240 5.35 -22.17 -4.71
N HIS A 241 6.51 -22.37 -4.07
CA HIS A 241 7.25 -23.63 -4.15
C HIS A 241 6.90 -24.60 -3.04
N SER A 242 5.99 -24.25 -2.14
CA SER A 242 5.63 -25.09 -1.01
C SER A 242 4.20 -25.58 -1.16
N GLU A 243 3.95 -26.79 -0.70
CA GLU A 243 2.58 -27.30 -0.58
C GLU A 243 1.98 -27.00 0.79
N GLN A 244 2.71 -26.31 1.64
CA GLN A 244 2.29 -25.99 2.99
C GLN A 244 1.38 -24.75 3.01
N HIS A 245 0.55 -24.69 4.02
CA HIS A 245 -0.34 -23.55 4.18
C HIS A 245 0.46 -22.32 4.61
N PRO A 246 0.09 -21.12 4.16
CA PRO A 246 0.83 -19.93 4.59
C PRO A 246 0.88 -19.77 6.11
N GLY A 247 -0.12 -20.25 6.84
CA GLY A 247 -0.04 -20.23 8.30
C GLY A 247 1.07 -21.11 8.83
N GLN A 248 1.30 -22.27 8.20
CA GLN A 248 2.41 -23.13 8.60
C GLN A 248 3.76 -22.47 8.31
N LEU A 249 3.90 -21.85 7.13
CA LEU A 249 5.15 -21.15 6.86
C LEU A 249 5.38 -20.05 7.88
N LYS A 250 4.31 -19.35 8.26
CA LYS A 250 4.41 -18.33 9.29
C LYS A 250 4.88 -18.93 10.63
N ASP A 251 4.31 -20.09 11.01
CA ASP A 251 4.70 -20.73 12.27
C ASP A 251 6.17 -21.12 12.28
N ASN A 252 6.74 -21.44 11.12
CA ASN A 252 8.16 -21.80 11.04
C ASN A 252 9.08 -20.61 11.27
N VAL A 253 8.59 -19.38 11.05
CA VAL A 253 9.42 -18.21 11.31
C VAL A 253 9.42 -17.87 12.80
N SER A 254 8.26 -17.97 13.46
CA SER A 254 8.10 -17.39 14.80
C SER A 254 8.46 -18.41 15.88
N SER A 255 9.57 -18.16 16.58
CA SER A 255 9.90 -18.95 17.75
C SER A 255 9.12 -18.45 18.97
N PRO A 256 8.88 -19.33 19.94
CA PRO A 256 8.14 -18.93 21.14
C PRO A 256 8.77 -17.74 21.84
N GLY A 257 7.92 -16.78 22.21
CA GLY A 257 8.32 -15.56 22.89
C GLY A 257 9.13 -14.58 22.07
N GLY A 258 9.36 -14.88 20.78
CA GLY A 258 10.36 -14.19 20.00
C GLY A 258 9.86 -12.91 19.32
N ALA A 259 10.77 -12.35 18.52
CA ALA A 259 10.51 -11.05 17.87
C ALA A 259 9.35 -11.14 16.88
N THR A 260 9.34 -12.20 16.08
CA THR A 260 8.36 -12.27 15.00
C THR A 260 6.94 -12.36 15.56
N ILE A 261 6.71 -13.21 16.57
CA ILE A 261 5.36 -13.36 17.11
C ILE A 261 4.91 -12.07 17.80
N HIS A 262 5.85 -11.31 18.39
CA HIS A 262 5.48 -9.99 18.92
C HIS A 262 5.02 -9.07 17.79
N ALA A 263 5.74 -9.07 16.66
CA ALA A 263 5.32 -8.24 15.53
C ALA A 263 3.99 -8.70 14.94
N LEU A 264 3.77 -10.03 14.83
CA LEU A 264 2.49 -10.49 14.31
C LEU A 264 1.33 -10.03 15.18
N HIS A 265 1.56 -9.97 16.49
CA HIS A 265 0.48 -9.51 17.37
C HIS A 265 0.08 -8.08 17.05
N VAL A 266 1.04 -7.18 16.83
CA VAL A 266 0.63 -5.80 16.57
C VAL A 266 -0.06 -5.68 15.21
N LEU A 267 0.34 -6.49 14.21
CA LEU A 267 -0.45 -6.54 12.97
C LEU A 267 -1.89 -6.97 13.23
N GLU A 268 -2.10 -8.06 13.98
CA GLU A 268 -3.45 -8.51 14.32
C GLU A 268 -4.24 -7.45 15.07
N SER A 269 -3.60 -6.74 16.00
CA SER A 269 -4.34 -5.75 16.78
C SER A 269 -4.86 -4.61 15.90
N GLY A 270 -4.21 -4.34 14.78
CA GLY A 270 -4.71 -3.35 13.84
C GLY A 270 -5.68 -3.90 12.80
N GLY A 271 -6.05 -5.17 12.87
CA GLY A 271 -6.89 -5.75 11.82
C GLY A 271 -6.23 -5.81 10.45
N PHE A 272 -4.92 -6.06 10.42
CA PHE A 272 -4.14 -6.13 9.17
C PHE A 272 -4.80 -7.03 8.14
N ARG A 273 -5.21 -8.24 8.54
CA ARG A 273 -5.85 -9.16 7.61
C ARG A 273 -7.09 -8.54 7.01
N SER A 274 -7.94 -7.93 7.87
CA SER A 274 -9.19 -7.36 7.36
C SER A 274 -8.95 -6.25 6.34
N LEU A 275 -7.85 -5.50 6.48
CA LEU A 275 -7.57 -4.43 5.53
C LEU A 275 -7.30 -4.99 4.14
N LEU A 276 -6.55 -6.08 4.06
CA LEU A 276 -6.27 -6.68 2.75
C LEU A 276 -7.53 -7.29 2.15
N ILE A 277 -8.37 -7.93 2.96
CA ILE A 277 -9.67 -8.39 2.47
C ILE A 277 -10.49 -7.21 1.95
N ASN A 278 -10.53 -6.12 2.74
CA ASN A 278 -11.24 -4.91 2.32
C ASN A 278 -10.76 -4.41 0.97
N ALA A 279 -9.45 -4.42 0.75
CA ALA A 279 -8.89 -3.91 -0.50
C ALA A 279 -9.34 -4.75 -1.70
N VAL A 280 -9.15 -6.08 -1.61
CA VAL A 280 -9.56 -6.96 -2.71
C VAL A 280 -11.05 -6.76 -3.03
N GLU A 281 -11.87 -6.69 -1.98
CA GLU A 281 -13.30 -6.47 -2.17
C GLU A 281 -13.57 -5.12 -2.82
N ALA A 282 -12.90 -4.07 -2.35
CA ALA A 282 -13.18 -2.72 -2.87
C ALA A 282 -12.82 -2.62 -4.34
N SER A 283 -11.68 -3.21 -4.72
CA SER A 283 -11.27 -3.18 -6.13
C SER A 283 -12.23 -4.00 -7.00
N CYS A 284 -12.58 -5.20 -6.53
CA CYS A 284 -13.53 -6.03 -7.28
C CYS A 284 -14.88 -5.33 -7.44
N ILE A 285 -15.40 -4.74 -6.36
CA ILE A 285 -16.71 -4.09 -6.43
C ILE A 285 -16.67 -2.88 -7.37
N ARG A 286 -15.62 -2.07 -7.29
CA ARG A 286 -15.49 -0.93 -8.19
C ARG A 286 -15.43 -1.38 -9.64
N THR A 287 -14.70 -2.46 -9.91
CA THR A 287 -14.63 -3.03 -11.26
C THR A 287 -16.02 -3.42 -11.74
N ARG A 288 -16.82 -4.06 -10.88
CA ARG A 288 -18.19 -4.43 -11.26
C ARG A 288 -19.07 -3.20 -11.42
N GLU A 289 -18.90 -2.21 -10.54
CA GLU A 289 -19.80 -1.06 -10.58
CA GLU A 289 -19.74 -1.01 -10.53
C GLU A 289 -19.52 -0.16 -11.78
N LEU A 290 -18.27 -0.08 -12.21
CA LEU A 290 -17.98 0.63 -13.45
C LEU A 290 -18.69 -0.04 -14.63
N GLN A 291 -18.55 -1.36 -14.74
CA GLN A 291 -19.14 -2.06 -15.89
C GLN A 291 -20.67 -1.95 -15.88
N SER A 292 -21.28 -2.00 -14.70
CA SER A 292 -22.74 -1.82 -14.63
C SER A 292 -23.14 -0.46 -15.18
N MET A 293 -22.38 0.59 -14.85
CA MET A 293 -22.64 1.91 -15.40
C MET A 293 -22.32 1.96 -16.90
N ALA A 294 -21.31 1.20 -17.33
CA ALA A 294 -20.97 1.15 -18.75
C ALA A 294 -22.09 0.50 -19.56
N ASP A 295 -22.58 -0.66 -19.11
CA ASP A 295 -23.64 -1.36 -19.82
C ASP A 295 -25.01 -0.71 -19.63
N GLN A 296 -25.15 0.15 -18.61
CA GLN A 296 -26.33 1.02 -18.54
C GLN A 296 -26.33 2.04 -19.67
N GLU A 297 -25.17 2.61 -19.98
CA GLU A 297 -25.02 3.52 -21.11
C GLU A 297 -25.03 2.73 -22.42
N ASN B 17 29.75 -20.83 -11.33
CA ASN B 17 30.79 -21.84 -11.35
C ASN B 17 31.59 -21.83 -10.03
N LEU B 18 30.92 -21.44 -8.96
CA LEU B 18 31.52 -21.37 -7.63
C LEU B 18 31.41 -22.72 -6.94
N TYR B 19 32.46 -23.10 -6.21
CA TYR B 19 32.43 -24.33 -5.41
C TYR B 19 33.55 -24.30 -4.38
N PHE B 20 33.20 -24.50 -3.11
CA PHE B 20 34.15 -24.46 -1.99
C PHE B 20 34.62 -25.88 -1.70
N GLN B 21 35.63 -26.35 -2.44
CA GLN B 21 36.00 -27.76 -2.37
C GLN B 21 36.70 -28.12 -1.05
N SER B 22 37.39 -27.18 -0.42
CA SER B 22 38.11 -27.45 0.82
C SER B 22 37.32 -27.03 2.06
N MET B 23 36.06 -26.65 1.91
CA MET B 23 35.27 -26.12 3.02
C MET B 23 34.38 -27.21 3.61
N SER B 24 34.50 -27.42 4.92
CA SER B 24 33.59 -28.29 5.66
C SER B 24 32.71 -27.40 6.53
N VAL B 25 31.40 -27.52 6.37
CA VAL B 25 30.43 -26.69 7.09
C VAL B 25 29.75 -27.53 8.15
N GLY B 26 29.53 -26.95 9.32
CA GLY B 26 28.77 -27.60 10.37
C GLY B 26 27.65 -26.70 10.86
N PHE B 27 26.59 -27.34 11.33
CA PHE B 27 25.49 -26.63 11.99
C PHE B 27 25.31 -27.14 13.40
N ILE B 28 25.42 -26.26 14.39
CA ILE B 28 24.99 -26.55 15.75
CA ILE B 28 24.99 -26.58 15.75
C ILE B 28 23.52 -26.18 15.82
N GLY B 29 22.65 -27.18 15.97
CA GLY B 29 21.23 -27.00 15.85
C GLY B 29 20.80 -27.49 14.48
N ALA B 30 19.83 -28.39 14.42
CA ALA B 30 19.40 -28.92 13.13
C ALA B 30 17.93 -28.64 12.89
N GLY B 31 17.52 -27.39 13.05
CA GLY B 31 16.12 -27.00 12.93
C GLY B 31 15.83 -26.30 11.63
N GLN B 32 14.87 -25.38 11.68
CA GLN B 32 14.35 -24.75 10.47
C GLN B 32 15.45 -24.04 9.69
N LEU B 33 16.26 -23.23 10.38
CA LEU B 33 17.27 -22.45 9.67
C LEU B 33 18.38 -23.35 9.14
N ALA B 34 18.83 -24.32 9.94
CA ALA B 34 19.86 -25.23 9.45
C ALA B 34 19.37 -25.96 8.19
N PHE B 35 18.13 -26.42 8.20
CA PHE B 35 17.60 -27.05 6.99
C PHE B 35 17.58 -26.06 5.84
N ALA B 36 17.07 -24.85 6.08
CA ALA B 36 16.91 -23.88 4.99
C ALA B 36 18.23 -23.55 4.34
N LEU B 37 19.28 -23.30 5.15
CA LEU B 37 20.59 -22.98 4.60
C LEU B 37 21.22 -24.18 3.90
N ALA B 38 21.13 -25.38 4.51
CA ALA B 38 21.75 -26.55 3.89
C ALA B 38 21.09 -26.85 2.56
N LYS B 39 19.77 -26.69 2.48
CA LYS B 39 19.06 -26.93 1.23
C LYS B 39 19.44 -25.89 0.19
N GLY B 40 19.52 -24.62 0.60
CA GLY B 40 19.97 -23.58 -0.31
C GLY B 40 21.37 -23.80 -0.82
N PHE B 41 22.32 -24.09 0.09
CA PHE B 41 23.70 -24.31 -0.32
C PHE B 41 23.80 -25.49 -1.29
N THR B 42 23.12 -26.59 -0.98
CA THR B 42 23.26 -27.77 -1.84
C THR B 42 22.58 -27.54 -3.18
N ALA B 43 21.41 -26.90 -3.19
CA ALA B 43 20.76 -26.56 -4.45
C ALA B 43 21.60 -25.60 -5.27
N ALA B 44 22.29 -24.67 -4.62
CA ALA B 44 23.19 -23.76 -5.31
C ALA B 44 24.38 -24.47 -5.93
N GLY B 45 24.64 -25.72 -5.54
CA GLY B 45 25.79 -26.47 -5.99
C GLY B 45 27.12 -26.06 -5.38
N VAL B 46 27.12 -25.16 -4.39
CA VAL B 46 28.41 -24.71 -3.84
C VAL B 46 28.94 -25.64 -2.77
N LEU B 47 28.11 -26.53 -2.23
CA LEU B 47 28.54 -27.49 -1.23
C LEU B 47 27.85 -28.82 -1.52
N ALA B 48 28.61 -29.91 -1.35
CA ALA B 48 28.01 -31.24 -1.36
C ALA B 48 27.42 -31.52 0.02
N ALA B 49 26.24 -32.16 0.04
CA ALA B 49 25.57 -32.39 1.31
C ALA B 49 26.43 -33.20 2.28
N HIS B 50 27.26 -34.12 1.78
CA HIS B 50 28.08 -34.94 2.66
C HIS B 50 29.22 -34.15 3.30
N LYS B 51 29.51 -32.95 2.80
CA LYS B 51 30.48 -32.07 3.44
C LYS B 51 29.83 -31.22 4.52
N ILE B 52 28.55 -31.41 4.76
CA ILE B 52 27.82 -30.69 5.81
C ILE B 52 27.46 -31.69 6.90
N MET B 53 27.61 -31.26 8.16
CA MET B 53 27.21 -32.02 9.32
C MET B 53 26.34 -31.14 10.20
N ALA B 54 25.30 -31.71 10.80
CA ALA B 54 24.43 -30.99 11.71
C ALA B 54 24.24 -31.79 12.98
N SER B 55 24.10 -31.09 14.12
CA SER B 55 23.92 -31.76 15.39
C SER B 55 22.70 -31.21 16.10
N SER B 56 22.03 -32.10 16.85
CA SER B 56 20.84 -31.75 17.62
C SER B 56 20.67 -32.79 18.70
N PRO B 57 20.17 -32.41 19.88
CA PRO B 57 19.86 -33.42 20.90
C PRO B 57 18.62 -34.23 20.61
N ASP B 58 17.87 -33.90 19.56
CA ASP B 58 16.64 -34.61 19.21
C ASP B 58 16.73 -35.06 17.76
N MET B 59 17.15 -36.30 17.56
CA MET B 59 17.26 -36.89 16.23
C MET B 59 15.93 -37.43 15.71
N ASP B 60 14.81 -37.05 16.33
CA ASP B 60 13.48 -37.45 15.91
C ASP B 60 12.64 -36.23 15.56
N LEU B 61 13.30 -35.17 15.09
CA LEU B 61 12.62 -33.98 14.60
C LEU B 61 12.44 -34.07 13.09
N ALA B 62 11.44 -33.35 12.59
CA ALA B 62 11.14 -33.39 11.16
C ALA B 62 12.26 -32.77 10.33
N THR B 63 12.93 -31.74 10.87
CA THR B 63 14.03 -31.10 10.16
C THR B 63 15.23 -32.03 10.05
N VAL B 64 15.50 -32.80 11.10
CA VAL B 64 16.59 -33.78 11.03
C VAL B 64 16.31 -34.82 9.95
N SER B 65 15.06 -35.30 9.87
CA SER B 65 14.70 -36.27 8.85
C SER B 65 14.95 -35.72 7.46
N ALA B 66 14.66 -34.44 7.24
CA ALA B 66 14.85 -33.83 5.93
C ALA B 66 16.34 -33.68 5.62
N LEU B 67 17.12 -33.18 6.57
CA LEU B 67 18.57 -33.09 6.39
C LEU B 67 19.18 -34.45 6.06
N ARG B 68 18.71 -35.50 6.72
CA ARG B 68 19.23 -36.83 6.44
C ARG B 68 18.96 -37.22 4.99
N LYS B 69 17.77 -36.91 4.48
CA LYS B 69 17.42 -37.28 3.10
C LYS B 69 18.21 -36.47 2.09
N MET B 70 18.65 -35.27 2.45
CA MET B 70 19.55 -34.52 1.57
C MET B 70 20.93 -35.16 1.48
N GLY B 71 21.32 -35.98 2.44
CA GLY B 71 22.67 -36.50 2.51
C GLY B 71 23.56 -35.84 3.56
N VAL B 72 23.00 -34.96 4.38
CA VAL B 72 23.79 -34.26 5.39
C VAL B 72 24.14 -35.21 6.52
N LYS B 73 25.37 -35.11 7.04
CA LYS B 73 25.78 -35.96 8.15
C LYS B 73 25.17 -35.46 9.44
N LEU B 74 24.60 -36.36 10.23
CA LEU B 74 23.89 -35.99 11.45
C LEU B 74 24.51 -36.68 12.65
N THR B 75 24.54 -35.99 13.78
CA THR B 75 25.09 -36.53 15.01
C THR B 75 24.43 -35.86 16.19
N PRO B 76 24.25 -36.56 17.31
CA PRO B 76 23.76 -35.88 18.51
C PRO B 76 24.81 -35.01 19.18
N HIS B 77 26.09 -35.16 18.85
CA HIS B 77 27.17 -34.58 19.64
C HIS B 77 27.74 -33.34 18.97
N ASN B 78 27.56 -32.19 19.63
CA ASN B 78 28.06 -30.93 19.10
C ASN B 78 29.57 -30.93 18.92
N LYS B 79 30.31 -31.66 19.78
CA LYS B 79 31.76 -31.73 19.61
C LYS B 79 32.13 -32.36 18.26
N GLU B 80 31.35 -33.34 17.80
CA GLU B 80 31.68 -33.94 16.51
CA GLU B 80 31.63 -33.96 16.51
C GLU B 80 31.44 -32.97 15.36
N THR B 81 30.38 -32.16 15.44
CA THR B 81 30.18 -31.11 14.45
C THR B 81 31.38 -30.16 14.41
N VAL B 82 31.83 -29.72 15.58
CA VAL B 82 32.98 -28.82 15.66
C VAL B 82 34.22 -29.44 15.04
N GLN B 83 34.54 -30.69 15.42
CA GLN B 83 35.74 -31.34 14.91
C GLN B 83 35.67 -31.57 13.40
N HIS B 84 34.47 -31.79 12.86
CA HIS B 84 34.31 -31.97 11.41
C HIS B 84 34.44 -30.66 10.65
N SER B 85 34.10 -29.54 11.27
CA SER B 85 33.79 -28.35 10.50
C SER B 85 34.94 -27.35 10.47
N ASP B 86 34.97 -26.57 9.40
CA ASP B 86 35.74 -25.34 9.26
C ASP B 86 34.88 -24.12 9.52
N VAL B 87 33.76 -24.01 8.82
CA VAL B 87 32.78 -22.97 9.04
C VAL B 87 31.69 -23.55 9.94
N LEU B 88 31.45 -22.93 11.08
CA LEU B 88 30.53 -23.46 12.09
C LEU B 88 29.38 -22.48 12.28
N PHE B 89 28.19 -22.86 11.79
CA PHE B 89 26.99 -22.07 12.00
C PHE B 89 26.35 -22.42 13.33
N LEU B 90 26.05 -21.39 14.13
CA LEU B 90 25.31 -21.55 15.36
C LEU B 90 23.84 -21.28 15.04
N ALA B 91 23.05 -22.35 14.99
CA ALA B 91 21.67 -22.30 14.53
C ALA B 91 20.74 -22.82 15.61
N VAL B 92 21.01 -22.39 16.85
CA VAL B 92 20.19 -22.72 17.99
C VAL B 92 19.45 -21.45 18.42
N LYS B 93 18.45 -21.63 19.28
CA LYS B 93 17.72 -20.48 19.79
C LYS B 93 18.68 -19.58 20.58
N PRO B 94 18.42 -18.27 20.61
CA PRO B 94 19.37 -17.33 21.25
C PRO B 94 19.72 -17.68 22.69
N HIS B 95 18.76 -18.15 23.49
CA HIS B 95 19.06 -18.46 24.88
C HIS B 95 19.90 -19.73 25.03
N ILE B 96 20.05 -20.52 23.97
CA ILE B 96 20.89 -21.72 24.01
C ILE B 96 22.33 -21.43 23.62
N ILE B 97 22.59 -20.29 22.95
CA ILE B 97 23.95 -19.95 22.53
C ILE B 97 24.95 -20.01 23.67
N PRO B 98 24.73 -19.34 24.82
CA PRO B 98 25.75 -19.39 25.88
C PRO B 98 26.02 -20.80 26.38
N PHE B 99 25.02 -21.68 26.42
CA PHE B 99 25.29 -23.06 26.83
C PHE B 99 26.14 -23.79 25.79
N ILE B 100 25.85 -23.58 24.52
CA ILE B 100 26.60 -24.18 23.42
C ILE B 100 28.04 -23.72 23.45
N LEU B 101 28.28 -22.42 23.65
CA LEU B 101 29.63 -21.90 23.61
C LEU B 101 30.47 -22.47 24.75
N ASP B 102 29.86 -22.65 25.93
CA ASP B 102 30.58 -23.27 27.03
C ASP B 102 30.85 -24.74 26.77
N GLU B 103 29.95 -25.40 26.04
CA GLU B 103 30.14 -26.83 25.79
C GLU B 103 31.30 -27.09 24.84
N ILE B 104 31.40 -26.33 23.75
CA ILE B 104 32.39 -26.65 22.73
C ILE B 104 33.48 -25.59 22.63
N GLY B 105 33.50 -24.61 23.54
CA GLY B 105 34.52 -23.58 23.47
C GLY B 105 35.94 -24.11 23.50
N ALA B 106 36.18 -25.16 24.31
CA ALA B 106 37.51 -25.77 24.36
C ALA B 106 37.89 -26.46 23.05
N ASP B 107 36.91 -26.70 22.17
CA ASP B 107 37.15 -27.38 20.91
C ASP B 107 37.35 -26.42 19.74
N ILE B 108 37.20 -25.12 19.95
CA ILE B 108 37.39 -24.16 18.88
C ILE B 108 38.87 -24.04 18.57
N GLU B 109 39.24 -24.28 17.32
CA GLU B 109 40.63 -24.24 16.87
C GLU B 109 40.89 -22.99 16.06
N ASP B 110 42.16 -22.78 15.71
CA ASP B 110 42.52 -21.61 14.92
C ASP B 110 41.79 -21.56 13.59
N ARG B 111 41.50 -22.73 12.99
CA ARG B 111 40.93 -22.78 11.65
C ARG B 111 39.46 -22.41 11.60
N HIS B 112 38.78 -22.35 12.74
CA HIS B 112 37.32 -22.21 12.74
C HIS B 112 36.88 -20.78 12.47
N ILE B 113 35.82 -20.65 11.67
CA ILE B 113 35.06 -19.41 11.57
C ILE B 113 33.70 -19.70 12.18
N VAL B 114 33.37 -19.02 13.28
CA VAL B 114 32.11 -19.22 13.98
C VAL B 114 31.12 -18.18 13.44
N VAL B 115 30.01 -18.64 12.87
CA VAL B 115 29.01 -17.76 12.30
C VAL B 115 27.73 -17.92 13.12
N SER B 116 27.41 -16.91 13.92
CA SER B 116 26.20 -16.96 14.72
C SER B 116 25.05 -16.43 13.89
N CYS B 117 23.98 -17.24 13.79
CA CYS B 117 22.74 -16.81 13.16
C CYS B 117 21.68 -16.40 14.17
N ALA B 118 21.97 -16.52 15.47
CA ALA B 118 20.97 -16.28 16.51
C ALA B 118 20.52 -14.82 16.54
N ALA B 119 19.20 -14.62 16.59
CA ALA B 119 18.65 -13.28 16.69
C ALA B 119 19.13 -12.59 17.96
N GLY B 120 19.55 -11.34 17.83
CA GLY B 120 19.90 -10.51 18.97
C GLY B 120 21.26 -10.72 19.61
N VAL B 121 21.85 -11.90 19.47
CA VAL B 121 23.06 -12.25 20.23
C VAL B 121 24.26 -11.50 19.67
N THR B 122 24.96 -10.75 20.54
CA THR B 122 26.02 -9.87 20.07
C THR B 122 27.33 -10.60 19.85
N ILE B 123 28.13 -10.05 18.92
CA ILE B 123 29.49 -10.52 18.71
C ILE B 123 30.28 -10.46 20.01
N SER B 124 30.11 -9.38 20.76
CA SER B 124 30.83 -9.21 22.02
C SER B 124 30.56 -10.38 22.97
N SER B 125 29.30 -10.79 23.10
CA SER B 125 28.98 -11.86 24.05
C SER B 125 29.58 -13.19 23.61
N ILE B 126 29.59 -13.46 22.30
CA ILE B 126 30.18 -14.70 21.79
C ILE B 126 31.68 -14.70 21.99
N GLU B 127 32.34 -13.59 21.64
CA GLU B 127 33.79 -13.53 21.77
C GLU B 127 34.22 -13.64 23.22
N LYS B 128 33.43 -13.09 24.13
CA LYS B 128 33.79 -13.16 25.54
C LYS B 128 33.82 -14.60 26.02
N LYS B 129 32.81 -15.38 25.64
CA LYS B 129 32.73 -16.79 26.03
C LYS B 129 33.89 -17.58 25.44
N LEU B 130 34.09 -17.47 24.13
CA LEU B 130 35.09 -18.28 23.46
C LEU B 130 36.50 -17.85 23.84
N SER B 131 36.71 -16.56 24.12
CA SER B 131 38.05 -16.10 24.45
C SER B 131 38.55 -16.68 25.76
N ALA B 132 37.65 -17.13 26.63
CA ALA B 132 38.07 -17.75 27.87
C ALA B 132 38.83 -19.04 27.60
N PHE B 133 38.63 -19.68 26.45
CA PHE B 133 39.28 -20.94 26.13
C PHE B 133 40.51 -20.73 25.26
N ARG B 134 40.40 -19.91 24.23
CA ARG B 134 41.47 -19.71 23.31
C ARG B 134 41.31 -18.27 22.85
N PRO B 135 42.36 -17.46 22.86
CA PRO B 135 42.23 -16.08 22.40
C PRO B 135 41.99 -16.03 20.89
N ALA B 136 41.47 -14.89 20.46
CA ALA B 136 41.22 -14.57 19.05
C ALA B 136 40.28 -15.51 18.31
N PRO B 137 39.10 -15.86 18.84
CA PRO B 137 38.13 -16.58 18.03
C PRO B 137 37.65 -15.73 16.85
N ARG B 138 37.49 -16.38 15.70
CA ARG B 138 37.03 -15.73 14.48
C ARG B 138 35.51 -15.82 14.42
N VAL B 139 34.84 -14.70 14.65
CA VAL B 139 33.38 -14.69 14.81
C VAL B 139 32.78 -13.77 13.77
N ILE B 140 31.69 -14.23 13.15
CA ILE B 140 30.86 -13.42 12.27
C ILE B 140 29.43 -13.59 12.73
N ARG B 141 28.70 -12.48 12.79
CA ARG B 141 27.29 -12.49 13.16
C ARG B 141 26.48 -12.27 11.88
N CYS B 142 25.45 -13.07 11.69
CA CYS B 142 24.63 -12.84 10.50
C CYS B 142 23.16 -12.83 10.90
N MET B 143 22.36 -12.17 10.08
CA MET B 143 20.91 -12.28 10.16
C MET B 143 20.43 -12.64 8.77
N THR B 144 19.64 -13.70 8.66
CA THR B 144 19.18 -14.17 7.36
C THR B 144 17.68 -14.39 7.47
N ASN B 145 17.10 -15.21 6.57
CA ASN B 145 15.68 -15.55 6.68
C ASN B 145 15.42 -16.85 5.94
N THR B 146 14.24 -17.43 6.19
CA THR B 146 13.96 -18.76 5.65
C THR B 146 13.98 -18.84 4.12
N PRO B 147 13.67 -17.78 3.35
CA PRO B 147 13.75 -17.92 1.89
C PRO B 147 15.11 -18.29 1.31
N VAL B 148 16.18 -18.40 2.13
CA VAL B 148 17.38 -19.02 1.59
C VAL B 148 17.07 -20.41 1.07
N VAL B 149 15.99 -21.04 1.56
CA VAL B 149 15.62 -22.36 1.10
C VAL B 149 15.28 -22.36 -0.40
N VAL B 150 14.82 -21.23 -0.96
CA VAL B 150 14.59 -21.10 -2.41
C VAL B 150 15.60 -20.16 -3.03
N ARG B 151 16.75 -20.00 -2.38
CA ARG B 151 17.86 -19.15 -2.84
C ARG B 151 17.41 -17.70 -3.09
N GLU B 152 16.47 -17.19 -2.29
CA GLU B 152 16.08 -15.78 -2.37
C GLU B 152 16.07 -15.17 -0.98
N GLY B 153 17.05 -15.54 -0.15
CA GLY B 153 17.17 -14.96 1.16
C GLY B 153 17.61 -13.51 1.11
N ALA B 154 17.50 -12.88 2.28
CA ALA B 154 18.03 -11.55 2.53
C ALA B 154 18.94 -11.68 3.74
N THR B 155 20.24 -11.49 3.53
CA THR B 155 21.24 -11.76 4.57
C THR B 155 22.12 -10.54 4.77
N VAL B 156 22.36 -10.18 6.04
CA VAL B 156 23.40 -9.22 6.37
C VAL B 156 24.35 -9.91 7.33
N TYR B 157 25.59 -9.42 7.38
CA TYR B 157 26.56 -9.97 8.32
C TYR B 157 27.47 -8.85 8.82
N ALA B 158 28.04 -9.08 10.00
CA ALA B 158 29.03 -8.19 10.60
C ALA B 158 30.21 -9.03 11.05
N THR B 159 31.42 -8.53 10.84
CA THR B 159 32.64 -9.26 11.18
C THR B 159 33.10 -8.89 12.59
N GLY B 160 33.58 -9.89 13.33
CA GLY B 160 34.02 -9.69 14.70
C GLY B 160 35.44 -9.15 14.76
N THR B 161 35.96 -9.07 16.00
CA THR B 161 37.25 -8.44 16.27
C THR B 161 38.40 -9.16 15.58
N HIS B 162 38.36 -10.49 15.58
CA HIS B 162 39.49 -11.30 15.11
C HIS B 162 39.21 -11.95 13.76
N ALA B 163 38.07 -11.64 13.14
CA ALA B 163 37.79 -12.15 11.81
C ALA B 163 38.77 -11.52 10.81
N GLN B 164 39.35 -12.35 9.95
CA GLN B 164 40.21 -11.87 8.90
C GLN B 164 39.40 -11.27 7.75
N VAL B 165 40.04 -10.42 6.95
CA VAL B 165 39.38 -9.84 5.79
C VAL B 165 38.83 -10.95 4.88
N GLU B 166 39.62 -12.00 4.66
CA GLU B 166 39.16 -13.10 3.83
C GLU B 166 38.00 -13.88 4.46
N ASP B 167 37.84 -13.82 5.78
CA ASP B 167 36.69 -14.51 6.41
C ASP B 167 35.37 -13.87 5.99
N GLY B 168 35.29 -12.54 6.02
CA GLY B 168 34.07 -11.88 5.60
C GLY B 168 33.81 -12.05 4.11
N ARG B 169 34.88 -12.00 3.30
CA ARG B 169 34.70 -12.17 1.86
C ARG B 169 34.20 -13.59 1.55
N LEU B 170 34.73 -14.59 2.24
CA LEU B 170 34.30 -15.96 2.04
C LEU B 170 32.84 -16.15 2.46
N MET B 171 32.47 -15.62 3.64
CA MET B 171 31.09 -15.75 4.08
C MET B 171 30.13 -15.00 3.16
N GLU B 172 30.53 -13.84 2.66
CA GLU B 172 29.67 -13.17 1.69
C GLU B 172 29.53 -13.98 0.42
N GLN B 173 30.59 -14.67 -0.01
CA GLN B 173 30.50 -15.51 -1.20
C GLN B 173 29.56 -16.68 -0.95
N LEU B 174 29.70 -17.32 0.21
CA LEU B 174 28.83 -18.44 0.56
C LEU B 174 27.36 -18.01 0.67
N LEU B 175 27.09 -16.92 1.41
CA LEU B 175 25.71 -16.53 1.63
C LEU B 175 25.09 -15.85 0.41
N SER B 176 25.89 -15.25 -0.46
CA SER B 176 25.36 -14.73 -1.72
C SER B 176 24.84 -15.83 -2.63
N SER B 177 25.25 -17.09 -2.41
CA SER B 177 24.74 -18.17 -3.25
C SER B 177 23.29 -18.53 -2.93
N VAL B 178 22.71 -17.99 -1.85
CA VAL B 178 21.35 -18.32 -1.47
C VAL B 178 20.48 -17.08 -1.32
N GLY B 179 20.96 -15.95 -1.81
CA GLY B 179 20.14 -14.76 -1.82
C GLY B 179 21.00 -13.51 -1.79
N PHE B 180 20.35 -12.40 -1.45
CA PHE B 180 21.04 -11.14 -1.29
C PHE B 180 21.90 -11.19 -0.02
N CYS B 181 23.11 -10.66 -0.10
CA CYS B 181 23.98 -10.63 1.07
C CYS B 181 24.84 -9.38 1.04
N THR B 182 24.92 -8.67 2.17
CA THR B 182 25.82 -7.53 2.27
C THR B 182 26.33 -7.39 3.69
N GLU B 183 27.53 -6.81 3.83
CA GLU B 183 28.08 -6.50 5.14
C GLU B 183 27.40 -5.27 5.72
N VAL B 184 27.17 -5.27 7.04
CA VAL B 184 26.67 -4.10 7.74
C VAL B 184 27.45 -3.91 9.04
N GLU B 185 27.36 -2.70 9.61
CA GLU B 185 27.77 -2.52 10.99
C GLU B 185 26.86 -3.33 11.90
N GLU B 186 27.44 -3.87 12.99
CA GLU B 186 26.64 -4.74 13.85
C GLU B 186 25.43 -4.02 14.44
N ASP B 187 25.52 -2.71 14.63
CA ASP B 187 24.40 -2.03 15.31
C ASP B 187 23.17 -1.87 14.43
N LEU B 188 23.21 -2.28 13.15
CA LEU B 188 22.01 -2.33 12.33
C LEU B 188 21.28 -3.66 12.39
N ILE B 189 21.88 -4.70 12.98
CA ILE B 189 21.34 -6.05 12.75
C ILE B 189 20.01 -6.27 13.46
N ASP B 190 19.80 -5.69 14.65
CA ASP B 190 18.52 -5.88 15.31
C ASP B 190 17.37 -5.29 14.47
N ALA B 191 17.62 -4.16 13.80
CA ALA B 191 16.61 -3.57 12.92
C ALA B 191 16.41 -4.40 11.66
N VAL B 192 17.50 -4.93 11.09
CA VAL B 192 17.34 -5.86 9.95
C VAL B 192 16.49 -7.04 10.37
N THR B 193 16.72 -7.55 11.58
CA THR B 193 15.91 -8.65 12.10
C THR B 193 14.42 -8.31 12.05
N GLY B 194 14.05 -7.10 12.44
CA GLY B 194 12.65 -6.74 12.44
C GLY B 194 12.07 -6.55 11.05
N LEU B 195 12.93 -6.27 10.07
CA LEU B 195 12.46 -6.01 8.70
C LEU B 195 12.52 -7.29 7.86
N SER B 196 13.73 -7.79 7.54
CA SER B 196 13.80 -8.95 6.65
C SER B 196 13.86 -10.27 7.39
N GLY B 197 14.30 -10.30 8.65
CA GLY B 197 14.20 -11.53 9.43
C GLY B 197 12.77 -11.96 9.66
N SER B 198 11.96 -11.06 10.26
CA SER B 198 10.55 -11.31 10.50
C SER B 198 9.70 -11.11 9.24
N GLY B 199 10.21 -10.37 8.26
CA GLY B 199 9.47 -10.03 7.06
C GLY B 199 8.68 -11.13 6.38
N PRO B 200 9.27 -12.32 6.20
CA PRO B 200 8.50 -13.38 5.54
C PRO B 200 7.20 -13.71 6.28
N ALA B 201 7.20 -13.69 7.61
CA ALA B 201 5.96 -13.92 8.37
C ALA B 201 4.91 -12.85 8.07
N TYR B 202 5.32 -11.58 7.97
CA TYR B 202 4.37 -10.54 7.56
C TYR B 202 3.78 -10.88 6.20
N ALA B 203 4.62 -11.33 5.28
CA ALA B 203 4.17 -11.66 3.92
C ALA B 203 3.23 -12.85 3.92
N PHE B 204 3.54 -13.90 4.70
CA PHE B 204 2.64 -15.04 4.76
C PHE B 204 1.28 -14.64 5.31
N THR B 205 1.26 -13.79 6.34
CA THR B 205 0.02 -13.25 6.88
C THR B 205 -0.75 -12.48 5.82
N ALA B 206 -0.04 -11.59 5.10
CA ALA B 206 -0.68 -10.82 4.05
C ALA B 206 -1.25 -11.71 2.96
N LEU B 207 -0.51 -12.77 2.58
CA LEU B 207 -0.97 -13.63 1.48
C LEU B 207 -2.18 -14.45 1.89
N ASP B 208 -2.20 -14.93 3.13
CA ASP B 208 -3.38 -15.62 3.67
C ASP B 208 -4.60 -14.71 3.59
N ALA B 209 -4.44 -13.44 3.98
CA ALA B 209 -5.56 -12.50 4.00
C ALA B 209 -5.98 -12.10 2.60
N LEU B 210 -5.01 -11.86 1.70
CA LEU B 210 -5.36 -11.56 0.30
C LEU B 210 -6.12 -12.73 -0.32
N ALA B 211 -5.69 -13.96 -0.03
CA ALA B 211 -6.42 -15.11 -0.54
C ALA B 211 -7.83 -15.17 0.02
N ASP B 212 -8.00 -14.90 1.32
CA ASP B 212 -9.35 -14.80 1.90
C ASP B 212 -10.19 -13.78 1.15
N GLY B 213 -9.59 -12.63 0.81
CA GLY B 213 -10.30 -11.64 0.02
C GLY B 213 -10.70 -12.16 -1.35
N GLY B 214 -9.78 -12.88 -2.02
CA GLY B 214 -10.11 -13.49 -3.29
C GLY B 214 -11.28 -14.47 -3.17
N VAL B 215 -11.25 -15.30 -2.12
CA VAL B 215 -12.33 -16.26 -1.89
C VAL B 215 -13.65 -15.54 -1.61
N LYS B 216 -13.62 -14.47 -0.83
CA LYS B 216 -14.84 -13.74 -0.55
C LYS B 216 -15.48 -13.24 -1.84
N MET B 217 -14.67 -12.80 -2.80
CA MET B 217 -15.19 -12.26 -4.06
C MET B 217 -15.43 -13.33 -5.12
N GLY B 218 -15.27 -14.61 -4.78
CA GLY B 218 -15.70 -15.68 -5.67
C GLY B 218 -14.61 -16.59 -6.22
N LEU B 219 -13.33 -16.41 -5.87
CA LEU B 219 -12.26 -17.24 -6.42
C LEU B 219 -12.10 -18.54 -5.62
N PRO B 220 -11.78 -19.65 -6.27
CA PRO B 220 -11.32 -20.83 -5.53
C PRO B 220 -10.06 -20.51 -4.75
N ARG B 221 -9.95 -21.13 -3.58
CA ARG B 221 -8.83 -20.84 -2.68
CA ARG B 221 -8.83 -20.85 -2.68
C ARG B 221 -7.49 -21.10 -3.36
N ARG B 222 -7.37 -22.22 -4.07
CA ARG B 222 -6.09 -22.57 -4.69
C ARG B 222 -5.64 -21.49 -5.68
N LEU B 223 -6.56 -21.03 -6.51
CA LEU B 223 -6.24 -19.97 -7.47
C LEU B 223 -5.94 -18.65 -6.76
N ALA B 224 -6.72 -18.31 -5.73
CA ALA B 224 -6.47 -17.06 -5.04
C ALA B 224 -5.08 -17.06 -4.39
N VAL B 225 -4.66 -18.20 -3.82
CA VAL B 225 -3.34 -18.28 -3.21
C VAL B 225 -2.25 -18.08 -4.27
N ARG B 226 -2.40 -18.76 -5.41
CA ARG B 226 -1.40 -18.70 -6.48
C ARG B 226 -1.29 -17.28 -7.05
N LEU B 227 -2.44 -16.64 -7.31
CA LEU B 227 -2.44 -15.30 -7.88
C LEU B 227 -1.89 -14.27 -6.91
N GLY B 228 -2.32 -14.34 -5.64
CA GLY B 228 -1.82 -13.41 -4.65
C GLY B 228 -0.31 -13.51 -4.46
N ALA B 229 0.20 -14.74 -4.40
CA ALA B 229 1.64 -14.94 -4.24
C ALA B 229 2.40 -14.49 -5.48
N GLN B 230 1.85 -14.76 -6.66
CA GLN B 230 2.46 -14.28 -7.90
C GLN B 230 2.46 -12.76 -7.96
N ALA B 231 1.37 -12.13 -7.52
CA ALA B 231 1.31 -10.66 -7.53
C ALA B 231 2.39 -10.07 -6.62
N LEU B 232 2.57 -10.65 -5.44
CA LEU B 232 3.57 -10.11 -4.52
CA LEU B 232 3.57 -10.14 -4.51
C LEU B 232 4.97 -10.36 -5.04
N LEU B 233 5.23 -11.56 -5.56
CA LEU B 233 6.54 -11.86 -6.12
C LEU B 233 6.87 -10.89 -7.25
N GLY B 234 5.92 -10.66 -8.15
CA GLY B 234 6.20 -9.82 -9.30
C GLY B 234 6.42 -8.37 -8.91
N ALA B 235 5.65 -7.88 -7.94
CA ALA B 235 5.79 -6.50 -7.53
C ALA B 235 7.15 -6.28 -6.84
N ALA B 236 7.54 -7.24 -6.00
CA ALA B 236 8.85 -7.14 -5.34
C ALA B 236 9.96 -7.15 -6.37
N LYS B 237 9.86 -8.02 -7.38
CA LYS B 237 10.86 -8.05 -8.45
C LYS B 237 10.89 -6.73 -9.21
N MET B 238 9.72 -6.17 -9.54
CA MET B 238 9.69 -4.88 -10.24
C MET B 238 10.44 -3.81 -9.45
N LEU B 239 10.20 -3.75 -8.14
CA LEU B 239 10.87 -2.73 -7.34
C LEU B 239 12.38 -2.98 -7.29
N LEU B 240 12.79 -4.25 -7.14
CA LEU B 240 14.22 -4.54 -7.10
C LEU B 240 14.91 -4.20 -8.39
N HIS B 241 14.22 -4.32 -9.52
CA HIS B 241 14.82 -4.05 -10.82
C HIS B 241 14.58 -2.63 -11.31
N SER B 242 13.91 -1.79 -10.54
CA SER B 242 13.60 -0.44 -10.96
C SER B 242 14.36 0.57 -10.11
N GLU B 243 14.68 1.70 -10.72
CA GLU B 243 15.23 2.83 -10.00
C GLU B 243 14.16 3.79 -9.51
N GLN B 244 12.89 3.47 -9.72
CA GLN B 244 11.82 4.37 -9.35
C GLN B 244 11.37 4.12 -7.92
N HIS B 245 10.83 5.17 -7.30
CA HIS B 245 10.31 5.07 -5.95
C HIS B 245 9.08 4.15 -5.93
N PRO B 246 8.88 3.40 -4.86
CA PRO B 246 7.68 2.55 -4.78
C PRO B 246 6.37 3.29 -4.98
N GLY B 247 6.30 4.58 -4.60
CA GLY B 247 5.12 5.38 -4.88
C GLY B 247 4.88 5.57 -6.36
N GLN B 248 5.95 5.71 -7.16
CA GLN B 248 5.76 5.90 -8.60
C GLN B 248 5.25 4.62 -9.26
N LEU B 249 5.81 3.47 -8.89
CA LEU B 249 5.31 2.21 -9.42
C LEU B 249 3.84 2.02 -9.05
N LYS B 250 3.48 2.45 -7.84
CA LYS B 250 2.10 2.41 -7.41
C LYS B 250 1.22 3.30 -8.30
N ASP B 251 1.68 4.51 -8.59
CA ASP B 251 0.90 5.42 -9.42
C ASP B 251 0.65 4.83 -10.81
N ASN B 252 1.56 3.98 -11.32
CA ASN B 252 1.40 3.39 -12.65
C ASN B 252 0.29 2.34 -12.67
N VAL B 253 0.00 1.71 -11.54
CA VAL B 253 -1.10 0.76 -11.50
C VAL B 253 -2.45 1.47 -11.49
N SER B 254 -2.56 2.56 -10.72
CA SER B 254 -3.90 3.10 -10.45
C SER B 254 -4.32 4.08 -11.55
N SER B 255 -5.37 3.70 -12.32
CA SER B 255 -6.06 4.58 -13.24
C SER B 255 -6.99 5.54 -12.49
N PRO B 256 -7.11 6.78 -12.97
CA PRO B 256 -8.04 7.74 -12.35
C PRO B 256 -9.44 7.18 -12.18
N GLY B 257 -9.97 7.30 -10.97
CA GLY B 257 -11.29 6.78 -10.67
C GLY B 257 -11.42 5.27 -10.64
N GLY B 258 -10.33 4.54 -10.80
CA GLY B 258 -10.37 3.11 -11.07
C GLY B 258 -10.43 2.22 -9.84
N ALA B 259 -10.35 0.90 -10.09
CA ALA B 259 -10.49 -0.08 -9.02
C ALA B 259 -9.34 0.00 -8.03
N THR B 260 -8.12 0.20 -8.51
CA THR B 260 -6.96 0.15 -7.63
C THR B 260 -6.96 1.32 -6.65
N ILE B 261 -7.24 2.53 -7.14
CA ILE B 261 -7.20 3.69 -6.23
C ILE B 261 -8.33 3.58 -5.21
N HIS B 262 -9.45 2.95 -5.58
CA HIS B 262 -10.49 2.70 -4.58
C HIS B 262 -9.99 1.74 -3.50
N ALA B 263 -9.28 0.70 -3.89
CA ALA B 263 -8.73 -0.23 -2.91
C ALA B 263 -7.65 0.42 -2.06
N LEU B 264 -6.77 1.22 -2.68
CA LEU B 264 -5.73 1.89 -1.90
C LEU B 264 -6.34 2.78 -0.82
N HIS B 265 -7.47 3.41 -1.12
CA HIS B 265 -8.10 4.30 -0.13
C HIS B 265 -8.53 3.50 1.09
N VAL B 266 -9.12 2.31 0.91
CA VAL B 266 -9.56 1.58 2.09
C VAL B 266 -8.37 1.06 2.89
N LEU B 267 -7.24 0.74 2.24
CA LEU B 267 -6.03 0.43 3.00
C LEU B 267 -5.59 1.62 3.85
N GLU B 268 -5.53 2.81 3.24
CA GLU B 268 -5.15 4.03 3.96
C GLU B 268 -6.10 4.31 5.12
N SER B 269 -7.40 4.12 4.91
CA SER B 269 -8.37 4.41 5.96
C SER B 269 -8.15 3.54 7.19
N GLY B 270 -7.62 2.34 7.01
CA GLY B 270 -7.31 1.52 8.17
C GLY B 270 -5.92 1.71 8.74
N GLY B 271 -5.13 2.65 8.22
CA GLY B 271 -3.79 2.84 8.73
C GLY B 271 -2.85 1.69 8.37
N PHE B 272 -3.06 1.07 7.21
CA PHE B 272 -2.25 -0.05 6.72
C PHE B 272 -0.76 0.21 6.86
N ARG B 273 -0.28 1.37 6.39
CA ARG B 273 1.14 1.68 6.46
C ARG B 273 1.64 1.64 7.91
N SER B 274 0.89 2.28 8.81
CA SER B 274 1.33 2.34 10.21
C SER B 274 1.44 0.95 10.82
N LEU B 275 0.62 0.00 10.37
CA LEU B 275 0.68 -1.34 10.95
C LEU B 275 2.00 -2.01 10.61
N LEU B 276 2.46 -1.86 9.37
CA LEU B 276 3.74 -2.45 8.99
C LEU B 276 4.91 -1.76 9.68
N ILE B 277 4.84 -0.43 9.84
CA ILE B 277 5.84 0.25 10.66
C ILE B 277 5.82 -0.29 12.08
N ASN B 278 4.61 -0.42 12.66
CA ASN B 278 4.45 -0.98 14.00
C ASN B 278 5.12 -2.33 14.13
N ALA B 279 4.99 -3.16 13.08
CA ALA B 279 5.51 -4.52 13.12
C ALA B 279 7.03 -4.53 13.14
N VAL B 280 7.66 -3.81 12.21
CA VAL B 280 9.13 -3.76 12.19
C VAL B 280 9.66 -3.24 13.52
N GLU B 281 9.04 -2.17 14.04
CA GLU B 281 9.44 -1.64 15.34
C GLU B 281 9.31 -2.70 16.43
N ALA B 282 8.19 -3.41 16.47
CA ALA B 282 7.92 -4.34 17.56
C ALA B 282 8.91 -5.51 17.55
N SER B 283 9.23 -6.01 16.35
CA SER B 283 10.20 -7.10 16.23
C SER B 283 11.60 -6.63 16.63
N CYS B 284 12.01 -5.46 16.14
CA CYS B 284 13.28 -4.88 16.53
C CYS B 284 13.37 -4.67 18.04
N ILE B 285 12.35 -4.03 18.63
CA ILE B 285 12.39 -3.74 20.06
C ILE B 285 12.46 -5.03 20.88
N ARG B 286 11.66 -6.03 20.50
CA ARG B 286 11.69 -7.31 21.23
C ARG B 286 13.07 -7.95 21.12
N THR B 287 13.67 -7.89 19.93
CA THR B 287 15.03 -8.43 19.76
C THR B 287 16.02 -7.75 20.69
N ARG B 288 15.94 -6.42 20.80
CA ARG B 288 16.82 -5.70 21.72
C ARG B 288 16.53 -6.07 23.17
N GLU B 289 15.25 -6.21 23.52
CA GLU B 289 14.85 -6.51 24.90
CA GLU B 289 14.91 -6.48 24.91
C GLU B 289 15.32 -7.88 25.33
N LEU B 290 15.18 -8.87 24.46
CA LEU B 290 15.63 -10.22 24.80
C LEU B 290 17.14 -10.24 25.04
N GLN B 291 17.91 -9.57 24.19
CA GLN B 291 19.35 -9.58 24.39
C GLN B 291 19.72 -8.82 25.68
N SER B 292 19.04 -7.70 25.97
CA SER B 292 19.29 -6.99 27.21
C SER B 292 19.03 -7.89 28.43
N MET B 293 18.02 -8.77 28.34
CA MET B 293 17.82 -9.77 29.39
C MET B 293 18.97 -10.77 29.43
N ALA B 294 19.44 -11.22 28.26
CA ALA B 294 20.54 -12.18 28.21
C ALA B 294 21.81 -11.60 28.83
N ASP B 295 22.10 -10.33 28.53
CA ASP B 295 23.31 -9.70 29.07
C ASP B 295 23.18 -9.40 30.55
N GLN B 296 21.97 -9.06 31.02
CA GLN B 296 21.77 -8.95 32.46
C GLN B 296 21.88 -10.31 33.14
N GLU B 297 21.41 -11.36 32.46
CA GLU B 297 21.60 -12.74 32.94
C GLU B 297 23.03 -13.19 32.69
N PHE C 20 -2.63 43.29 -23.15
CA PHE C 20 -4.09 43.41 -23.12
C PHE C 20 -4.48 44.89 -23.00
N GLN C 21 -3.94 45.71 -23.91
CA GLN C 21 -4.09 47.15 -23.81
C GLN C 21 -5.55 47.58 -23.99
N SER C 22 -6.28 46.90 -24.88
CA SER C 22 -7.64 47.33 -25.24
C SER C 22 -8.71 46.51 -24.56
N MET C 23 -8.37 45.71 -23.55
CA MET C 23 -9.30 44.73 -22.99
C MET C 23 -10.02 45.31 -21.78
N SER C 24 -11.35 45.31 -21.84
CA SER C 24 -12.20 45.65 -20.71
C SER C 24 -12.71 44.37 -20.08
N VAL C 25 -12.62 44.28 -18.76
CA VAL C 25 -13.00 43.09 -18.00
C VAL C 25 -14.11 43.48 -17.04
N GLY C 26 -15.08 42.60 -16.88
CA GLY C 26 -16.17 42.84 -15.96
C GLY C 26 -16.37 41.65 -15.04
N PHE C 27 -16.89 41.95 -13.85
CA PHE C 27 -17.25 40.95 -12.86
C PHE C 27 -18.71 41.11 -12.48
N ILE C 28 -19.51 40.09 -12.76
CA ILE C 28 -20.84 40.00 -12.18
C ILE C 28 -20.68 39.30 -10.84
N GLY C 29 -20.95 40.03 -9.75
CA GLY C 29 -20.63 39.55 -8.42
C GLY C 29 -19.32 40.13 -7.93
N ALA C 30 -19.40 41.15 -7.08
CA ALA C 30 -18.20 41.84 -6.57
C ALA C 30 -17.82 41.32 -5.19
N GLY C 31 -17.55 40.02 -5.12
CA GLY C 31 -17.24 39.39 -3.86
C GLY C 31 -15.79 38.99 -3.70
N GLN C 32 -15.55 37.92 -2.95
CA GLN C 32 -14.20 37.50 -2.62
C GLN C 32 -13.40 37.15 -3.87
N LEU C 33 -13.99 36.37 -4.78
CA LEU C 33 -13.24 35.95 -5.96
C LEU C 33 -12.97 37.12 -6.88
N ALA C 34 -13.98 37.97 -7.11
CA ALA C 34 -13.75 39.16 -7.93
C ALA C 34 -12.62 40.01 -7.37
N PHE C 35 -12.63 40.22 -6.05
CA PHE C 35 -11.54 41.00 -5.45
C PHE C 35 -10.20 40.31 -5.67
N ALA C 36 -10.14 39.00 -5.41
CA ALA C 36 -8.87 38.28 -5.53
C ALA C 36 -8.33 38.35 -6.96
N LEU C 37 -9.20 38.14 -7.95
CA LEU C 37 -8.78 38.20 -9.35
C LEU C 37 -8.40 39.61 -9.76
N ALA C 38 -9.19 40.62 -9.38
CA ALA C 38 -8.86 41.98 -9.77
C ALA C 38 -7.55 42.42 -9.12
N LYS C 39 -7.34 42.04 -7.86
CA LYS C 39 -6.08 42.34 -7.21
C LYS C 39 -4.93 41.66 -7.94
N GLY C 40 -5.06 40.36 -8.22
CA GLY C 40 -4.02 39.65 -8.92
C GLY C 40 -3.74 40.22 -10.31
N PHE C 41 -4.79 40.42 -11.10
CA PHE C 41 -4.63 40.97 -12.45
C PHE C 41 -3.90 42.30 -12.42
N THR C 42 -4.27 43.19 -11.50
CA THR C 42 -3.66 44.50 -11.51
C THR C 42 -2.25 44.48 -10.95
N ALA C 43 -2.02 43.65 -9.92
CA ALA C 43 -0.65 43.47 -9.43
C ALA C 43 0.25 42.86 -10.49
N ALA C 44 -0.30 41.99 -11.35
CA ALA C 44 0.46 41.43 -12.46
C ALA C 44 0.73 42.45 -13.56
N GLY C 45 0.00 43.56 -13.57
CA GLY C 45 0.17 44.56 -14.60
C GLY C 45 -0.52 44.27 -15.90
N VAL C 46 -1.31 43.20 -15.97
CA VAL C 46 -1.94 42.85 -17.24
C VAL C 46 -3.26 43.59 -17.45
N LEU C 47 -3.87 44.11 -16.38
CA LEU C 47 -5.04 44.95 -16.48
C LEU C 47 -4.81 46.22 -15.68
N ALA C 48 -5.37 47.33 -16.17
CA ALA C 48 -5.48 48.55 -15.41
C ALA C 48 -6.76 48.52 -14.61
N ALA C 49 -6.68 48.94 -13.35
CA ALA C 49 -7.86 48.87 -12.47
C ALA C 49 -9.04 49.62 -13.06
N HIS C 50 -8.79 50.77 -13.70
CA HIS C 50 -9.92 51.52 -14.24
C HIS C 50 -10.56 50.87 -15.44
N LYS C 51 -9.96 49.83 -16.00
CA LYS C 51 -10.56 49.09 -17.11
C LYS C 51 -11.38 47.91 -16.62
N ILE C 52 -11.55 47.78 -15.31
CA ILE C 52 -12.30 46.71 -14.68
C ILE C 52 -13.56 47.30 -14.08
N MET C 53 -14.70 46.66 -14.31
CA MET C 53 -15.95 47.02 -13.67
C MET C 53 -16.51 45.80 -12.94
N ALA C 54 -17.13 46.03 -11.79
CA ALA C 54 -17.70 44.96 -10.99
C ALA C 54 -19.06 45.39 -10.47
N SER C 55 -20.02 44.46 -10.45
CA SER C 55 -21.37 44.80 -10.04
C SER C 55 -21.84 43.88 -8.92
N SER C 56 -22.59 44.45 -7.98
CA SER C 56 -23.21 43.74 -6.88
C SER C 56 -24.45 44.52 -6.46
N PRO C 57 -25.51 43.85 -6.01
CA PRO C 57 -26.71 44.60 -5.63
C PRO C 57 -26.50 45.54 -4.45
N ASP C 58 -25.54 45.25 -3.56
CA ASP C 58 -25.25 46.09 -2.39
C ASP C 58 -23.89 46.75 -2.58
N MET C 59 -23.88 48.07 -2.76
CA MET C 59 -22.64 48.82 -2.95
C MET C 59 -21.93 49.15 -1.64
N ASP C 60 -22.36 48.57 -0.52
CA ASP C 60 -21.74 48.84 0.77
C ASP C 60 -21.01 47.62 1.33
N LEU C 61 -20.90 46.54 0.56
CA LEU C 61 -20.16 45.36 1.01
C LEU C 61 -18.67 45.70 1.18
N ALA C 62 -18.02 44.92 2.04
CA ALA C 62 -16.59 45.14 2.29
C ALA C 62 -15.76 44.86 1.05
N THR C 63 -16.06 43.77 0.34
CA THR C 63 -15.36 43.48 -0.92
C THR C 63 -15.57 44.60 -1.92
N VAL C 64 -16.78 45.16 -1.97
CA VAL C 64 -17.04 46.30 -2.85
C VAL C 64 -16.16 47.48 -2.46
N SER C 65 -15.99 47.72 -1.16
CA SER C 65 -15.14 48.82 -0.71
C SER C 65 -13.69 48.58 -1.11
N ALA C 66 -13.21 47.36 -0.89
CA ALA C 66 -11.82 47.02 -1.23
C ALA C 66 -11.57 47.16 -2.73
N LEU C 67 -12.55 46.73 -3.56
CA LEU C 67 -12.42 46.93 -5.00
C LEU C 67 -12.40 48.41 -5.36
N ARG C 68 -13.22 49.22 -4.69
CA ARG C 68 -13.25 50.64 -4.96
C ARG C 68 -11.93 51.31 -4.57
N LYS C 69 -11.39 50.97 -3.40
CA LYS C 69 -10.10 51.53 -3.01
C LYS C 69 -9.00 51.15 -4.00
N MET C 70 -9.18 50.04 -4.71
CA MET C 70 -8.26 49.56 -5.73
C MET C 70 -8.33 50.37 -7.02
N GLY C 71 -9.41 51.10 -7.26
CA GLY C 71 -9.60 51.81 -8.51
C GLY C 71 -10.55 51.15 -9.49
N VAL C 72 -11.20 50.06 -9.10
CA VAL C 72 -12.16 49.39 -9.99
C VAL C 72 -13.45 50.21 -10.08
N LYS C 73 -14.07 50.19 -11.26
CA LYS C 73 -15.39 50.82 -11.43
C LYS C 73 -16.46 49.91 -10.84
N LEU C 74 -17.38 50.48 -10.06
CA LEU C 74 -18.41 49.71 -9.38
C LEU C 74 -19.79 50.28 -9.66
N THR C 75 -20.76 49.39 -9.76
CA THR C 75 -22.13 49.75 -10.11
C THR C 75 -23.06 48.66 -9.61
N PRO C 76 -24.29 49.01 -9.20
CA PRO C 76 -25.25 47.95 -8.83
C PRO C 76 -25.89 47.26 -10.02
N HIS C 77 -25.69 47.75 -11.24
CA HIS C 77 -26.44 47.30 -12.42
C HIS C 77 -25.61 46.31 -13.23
N ASN C 78 -26.01 45.04 -13.19
CA ASN C 78 -25.33 44.01 -13.96
C ASN C 78 -25.28 44.33 -15.45
N LYS C 79 -26.31 44.98 -15.98
CA LYS C 79 -26.31 45.33 -17.41
C LYS C 79 -25.19 46.32 -17.72
N GLU C 80 -24.84 47.18 -16.77
CA GLU C 80 -23.77 48.13 -17.02
C GLU C 80 -22.43 47.42 -17.13
N THR C 81 -22.20 46.42 -16.27
CA THR C 81 -20.98 45.61 -16.38
C THR C 81 -20.88 44.92 -17.73
N VAL C 82 -21.99 44.35 -18.20
CA VAL C 82 -22.01 43.68 -19.49
C VAL C 82 -21.64 44.65 -20.60
N GLN C 83 -22.26 45.83 -20.61
CA GLN C 83 -21.99 46.81 -21.65
C GLN C 83 -20.56 47.31 -21.61
N HIS C 84 -19.95 47.31 -20.42
CA HIS C 84 -18.56 47.75 -20.28
C HIS C 84 -17.57 46.73 -20.85
N SER C 85 -17.88 45.45 -20.76
CA SER C 85 -16.89 44.38 -20.79
C SER C 85 -16.75 43.73 -22.17
N ASP C 86 -15.53 43.27 -22.43
CA ASP C 86 -15.23 42.28 -23.47
C ASP C 86 -15.20 40.89 -22.85
N VAL C 87 -14.36 40.70 -21.83
CA VAL C 87 -14.32 39.47 -21.06
C VAL C 87 -15.18 39.66 -19.83
N LEU C 88 -16.12 38.75 -19.61
CA LEU C 88 -17.13 38.89 -18.56
C LEU C 88 -17.02 37.69 -17.61
N PHE C 89 -16.54 37.93 -16.40
CA PHE C 89 -16.48 36.88 -15.39
C PHE C 89 -17.80 36.82 -14.63
N LEU C 90 -18.35 35.61 -14.52
CA LEU C 90 -19.47 35.36 -13.62
C LEU C 90 -18.90 34.90 -12.28
N ALA C 91 -19.03 35.74 -11.26
CA ALA C 91 -18.44 35.49 -9.96
C ALA C 91 -19.49 35.56 -8.86
N VAL C 92 -20.67 35.02 -9.13
CA VAL C 92 -21.72 34.91 -8.14
C VAL C 92 -21.76 33.47 -7.65
N LYS C 93 -22.45 33.25 -6.53
CA LYS C 93 -22.65 31.89 -6.04
C LYS C 93 -23.39 31.07 -7.10
N PRO C 94 -23.17 29.75 -7.11
CA PRO C 94 -23.70 28.94 -8.23
C PRO C 94 -25.22 29.00 -8.37
N HIS C 95 -25.96 29.08 -7.26
CA HIS C 95 -27.40 29.14 -7.40
C HIS C 95 -27.87 30.47 -7.96
N ILE C 96 -27.01 31.49 -8.02
CA ILE C 96 -27.37 32.77 -8.62
C ILE C 96 -27.10 32.81 -10.13
N ILE C 97 -26.30 31.87 -10.66
CA ILE C 97 -25.97 31.93 -12.09
C ILE C 97 -27.21 31.93 -12.99
N PRO C 98 -28.21 31.07 -12.79
CA PRO C 98 -29.37 31.13 -13.70
C PRO C 98 -30.10 32.46 -13.67
N PHE C 99 -30.26 33.05 -12.48
CA PHE C 99 -30.90 34.35 -12.39
C PHE C 99 -30.12 35.40 -13.16
N ILE C 100 -28.80 35.34 -13.09
CA ILE C 100 -27.96 36.32 -13.78
C ILE C 100 -28.07 36.13 -15.29
N LEU C 101 -27.96 34.89 -15.77
CA LEU C 101 -28.03 34.64 -17.21
C LEU C 101 -29.37 35.09 -17.78
N ASP C 102 -30.45 34.97 -17.01
CA ASP C 102 -31.74 35.46 -17.46
C ASP C 102 -31.77 36.98 -17.49
N GLU C 103 -31.16 37.62 -16.48
CA GLU C 103 -31.19 39.08 -16.39
C GLU C 103 -30.46 39.74 -17.56
N ILE C 104 -29.30 39.21 -17.94
CA ILE C 104 -28.44 39.86 -18.92
C ILE C 104 -28.29 39.08 -20.22
N GLY C 105 -28.97 37.93 -20.36
CA GLY C 105 -28.82 37.15 -21.57
C GLY C 105 -29.06 37.94 -22.84
N ALA C 106 -30.07 38.81 -22.84
CA ALA C 106 -30.36 39.61 -24.04
C ALA C 106 -29.31 40.68 -24.31
N ASP C 107 -28.38 40.91 -23.39
CA ASP C 107 -27.35 41.92 -23.60
C ASP C 107 -26.01 41.34 -24.03
N ILE C 108 -25.87 40.01 -24.03
CA ILE C 108 -24.63 39.39 -24.48
C ILE C 108 -24.50 39.58 -25.99
N GLU C 109 -23.31 39.99 -26.44
CA GLU C 109 -23.05 40.29 -27.84
C GLU C 109 -22.04 39.30 -28.42
N ASP C 110 -21.85 39.41 -29.73
CA ASP C 110 -20.82 38.63 -30.40
C ASP C 110 -19.46 38.87 -29.80
N ARG C 111 -19.20 40.09 -29.31
CA ARG C 111 -17.87 40.42 -28.80
C ARG C 111 -17.55 39.75 -27.47
N HIS C 112 -18.55 39.28 -26.74
CA HIS C 112 -18.36 38.86 -25.35
C HIS C 112 -17.75 37.46 -25.25
N ILE C 113 -16.81 37.31 -24.32
CA ILE C 113 -16.39 36.01 -23.82
C ILE C 113 -16.90 35.90 -22.40
N VAL C 114 -17.77 34.93 -22.15
CA VAL C 114 -18.38 34.73 -20.84
C VAL C 114 -17.62 33.65 -20.11
N VAL C 115 -17.02 34.01 -18.97
CA VAL C 115 -16.19 33.12 -18.19
C VAL C 115 -16.91 32.85 -16.88
N SER C 116 -17.46 31.66 -16.73
CA SER C 116 -18.12 31.30 -15.48
C SER C 116 -17.10 30.71 -14.53
N CYS C 117 -17.01 31.29 -13.32
CA CYS C 117 -16.14 30.76 -12.28
C CYS C 117 -16.89 29.93 -11.28
N ALA C 118 -18.20 29.74 -11.46
CA ALA C 118 -19.04 29.16 -10.42
C ALA C 118 -18.75 27.67 -10.25
N ALA C 119 -18.57 27.25 -9.00
CA ALA C 119 -18.37 25.83 -8.71
C ALA C 119 -19.54 25.00 -9.26
N GLY C 120 -19.21 23.90 -9.92
CA GLY C 120 -20.22 22.95 -10.35
C GLY C 120 -21.00 23.28 -11.62
N VAL C 121 -21.17 24.55 -11.97
CA VAL C 121 -22.12 24.95 -13.01
C VAL C 121 -21.56 24.59 -14.39
N THR C 122 -22.33 23.82 -15.17
CA THR C 122 -21.83 23.27 -16.41
C THR C 122 -21.91 24.26 -17.58
N ILE C 123 -20.99 24.08 -18.53
CA ILE C 123 -21.06 24.87 -19.76
C ILE C 123 -22.41 24.66 -20.43
N SER C 124 -22.91 23.42 -20.45
CA SER C 124 -24.19 23.14 -21.07
C SER C 124 -25.30 24.02 -20.50
N SER C 125 -25.40 24.08 -19.16
CA SER C 125 -26.47 24.87 -18.54
C SER C 125 -26.37 26.34 -18.91
N ILE C 126 -25.13 26.85 -19.01
CA ILE C 126 -24.93 28.25 -19.37
C ILE C 126 -25.26 28.50 -20.84
N GLU C 127 -24.79 27.62 -21.73
CA GLU C 127 -25.06 27.82 -23.14
C GLU C 127 -26.55 27.71 -23.43
N LYS C 128 -27.28 26.87 -22.69
CA LYS C 128 -28.71 26.72 -22.91
C LYS C 128 -29.45 28.02 -22.59
N LYS C 129 -29.15 28.62 -21.43
CA LYS C 129 -29.75 29.91 -21.06
C LYS C 129 -29.44 30.98 -22.11
N LEU C 130 -28.15 31.18 -22.41
CA LEU C 130 -27.77 32.29 -23.29
C LEU C 130 -28.22 32.07 -24.72
N SER C 131 -28.22 30.82 -25.20
CA SER C 131 -28.59 30.53 -26.58
C SER C 131 -30.03 30.88 -26.91
N ALA C 132 -30.92 30.94 -25.90
CA ALA C 132 -32.29 31.38 -26.18
C ALA C 132 -32.36 32.82 -26.62
N PHE C 133 -31.36 33.64 -26.25
CA PHE C 133 -31.34 35.06 -26.61
C PHE C 133 -30.59 35.31 -27.90
N ARG C 134 -29.45 34.66 -28.10
CA ARG C 134 -28.64 34.87 -29.28
C ARG C 134 -27.84 33.59 -29.48
N PRO C 135 -27.81 33.05 -30.69
CA PRO C 135 -27.06 31.81 -30.92
C PRO C 135 -25.56 32.04 -30.76
N ALA C 136 -24.86 30.94 -30.51
CA ALA C 136 -23.40 30.84 -30.40
C ALA C 136 -22.77 31.71 -29.31
N PRO C 137 -23.25 31.68 -28.06
CA PRO C 137 -22.51 32.37 -27.00
C PRO C 137 -21.12 31.76 -26.80
N ARG C 138 -20.13 32.62 -26.60
CA ARG C 138 -18.76 32.18 -26.37
C ARG C 138 -18.59 32.01 -24.86
N VAL C 139 -18.45 30.76 -24.42
CA VAL C 139 -18.44 30.44 -22.99
C VAL C 139 -17.16 29.69 -22.66
N ILE C 140 -16.53 30.09 -21.56
CA ILE C 140 -15.42 29.39 -20.94
C ILE C 140 -15.82 29.10 -19.50
N ARG C 141 -15.59 27.88 -19.04
CA ARG C 141 -15.75 27.53 -17.64
C ARG C 141 -14.39 27.41 -16.98
N CYS C 142 -14.22 28.01 -15.80
CA CYS C 142 -12.96 27.85 -15.10
C CYS C 142 -13.20 27.50 -13.64
N MET C 143 -12.15 26.95 -13.04
CA MET C 143 -12.07 26.76 -11.60
C MET C 143 -10.72 27.31 -11.17
N THR C 144 -10.72 28.16 -10.15
CA THR C 144 -9.50 28.79 -9.70
C THR C 144 -9.51 28.67 -8.18
N ASN C 145 -8.77 29.53 -7.49
CA ASN C 145 -8.80 29.55 -6.03
C ASN C 145 -8.35 30.92 -5.58
N THR C 146 -8.52 31.18 -4.28
CA THR C 146 -8.23 32.53 -3.78
C THR C 146 -6.75 32.95 -3.89
N PRO C 147 -5.73 32.06 -3.88
CA PRO C 147 -4.35 32.56 -3.98
C PRO C 147 -3.99 33.28 -5.28
N VAL C 148 -4.94 33.45 -6.23
CA VAL C 148 -4.68 34.39 -7.32
C VAL C 148 -4.40 35.78 -6.76
N VAL C 149 -4.89 36.06 -5.54
CA VAL C 149 -4.69 37.37 -4.94
C VAL C 149 -3.21 37.64 -4.69
N VAL C 150 -2.39 36.58 -4.55
CA VAL C 150 -0.94 36.72 -4.45
C VAL C 150 -0.25 36.12 -5.67
N ARG C 151 -0.99 36.01 -6.78
CA ARG C 151 -0.47 35.54 -8.07
C ARG C 151 0.11 34.14 -7.99
N GLU C 152 -0.47 33.28 -7.16
CA GLU C 152 -0.09 31.89 -7.07
C GLU C 152 -1.32 31.00 -7.08
N GLY C 153 -2.31 31.38 -7.88
CA GLY C 153 -3.48 30.55 -8.00
C GLY C 153 -3.19 29.29 -8.79
N ALA C 154 -4.18 28.39 -8.73
CA ALA C 154 -4.19 27.16 -9.53
C ALA C 154 -5.51 27.20 -10.30
N THR C 155 -5.41 27.30 -11.61
CA THR C 155 -6.59 27.51 -12.44
C THR C 155 -6.63 26.49 -13.55
N VAL C 156 -7.82 25.91 -13.80
CA VAL C 156 -8.07 25.14 -15.01
C VAL C 156 -9.26 25.78 -15.70
N TYR C 157 -9.36 25.53 -17.01
CA TYR C 157 -10.50 26.04 -17.77
C TYR C 157 -10.90 25.05 -18.84
N ALA C 158 -12.16 25.10 -19.25
CA ALA C 158 -12.67 24.31 -20.36
C ALA C 158 -13.41 25.24 -21.32
N THR C 159 -13.17 25.06 -22.62
CA THR C 159 -13.78 25.88 -23.65
C THR C 159 -15.14 25.34 -24.07
N GLY C 160 -16.09 26.25 -24.28
CA GLY C 160 -17.44 25.87 -24.66
C GLY C 160 -17.58 25.53 -26.14
N THR C 161 -18.82 25.24 -26.53
CA THR C 161 -19.11 24.84 -27.91
C THR C 161 -18.69 25.90 -28.92
N HIS C 162 -18.99 27.16 -28.65
CA HIS C 162 -18.77 28.24 -29.62
C HIS C 162 -17.59 29.12 -29.28
N ALA C 163 -16.83 28.77 -28.25
CA ALA C 163 -15.60 29.50 -27.96
C ALA C 163 -14.64 29.34 -29.13
N GLN C 164 -14.03 30.45 -29.52
CA GLN C 164 -13.05 30.40 -30.59
C GLN C 164 -11.70 29.95 -30.04
N VAL C 165 -10.82 29.52 -30.95
CA VAL C 165 -9.53 28.98 -30.52
C VAL C 165 -8.72 30.05 -29.78
N GLU C 166 -8.80 31.30 -30.25
CA GLU C 166 -8.12 32.39 -29.58
C GLU C 166 -8.78 32.77 -28.26
N ASP C 167 -10.04 32.42 -28.05
CA ASP C 167 -10.67 32.68 -26.76
C ASP C 167 -9.98 31.88 -25.67
N GLY C 168 -9.66 30.61 -25.96
CA GLY C 168 -8.94 29.80 -25.00
C GLY C 168 -7.53 30.30 -24.75
N ARG C 169 -6.83 30.69 -25.82
CA ARG C 169 -5.46 31.17 -25.66
C ARG C 169 -5.43 32.49 -24.89
N LEU C 170 -6.40 33.37 -25.14
CA LEU C 170 -6.49 34.62 -24.39
C LEU C 170 -6.74 34.34 -22.92
N MET C 171 -7.73 33.49 -22.65
CA MET C 171 -8.06 33.09 -21.28
CA MET C 171 -8.03 33.18 -21.26
C MET C 171 -6.84 32.55 -20.56
N GLU C 172 -6.10 31.67 -21.23
CA GLU C 172 -4.92 31.10 -20.58
C GLU C 172 -3.86 32.16 -20.34
N GLN C 173 -3.65 33.06 -21.31
CA GLN C 173 -2.68 34.12 -21.14
C GLN C 173 -3.03 34.98 -19.94
N LEU C 174 -4.30 35.35 -19.82
CA LEU C 174 -4.77 36.18 -18.70
C LEU C 174 -4.60 35.47 -17.36
N LEU C 175 -5.11 34.24 -17.25
CA LEU C 175 -5.08 33.58 -15.95
C LEU C 175 -3.69 33.05 -15.57
N SER C 176 -2.82 32.79 -16.55
CA SER C 176 -1.43 32.45 -16.23
C SER C 176 -0.69 33.60 -15.54
N SER C 177 -1.20 34.83 -15.66
CA SER C 177 -0.54 35.95 -14.99
C SER C 177 -0.75 35.92 -13.48
N VAL C 178 -1.72 35.13 -12.99
CA VAL C 178 -2.02 35.09 -11.56
C VAL C 178 -1.81 33.69 -10.98
N GLY C 179 -1.11 32.82 -11.68
CA GLY C 179 -0.73 31.52 -11.14
C GLY C 179 -0.65 30.49 -12.25
N PHE C 180 -0.70 29.22 -11.85
CA PHE C 180 -0.73 28.12 -12.80
C PHE C 180 -2.07 28.11 -13.54
N CYS C 181 -2.01 27.85 -14.84
CA CYS C 181 -3.24 27.75 -15.64
C CYS C 181 -3.06 26.68 -16.71
N THR C 182 -4.07 25.82 -16.89
CA THR C 182 -4.01 24.84 -17.96
C THR C 182 -5.43 24.50 -18.41
N GLU C 183 -5.56 24.18 -19.70
CA GLU C 183 -6.84 23.72 -20.23
C GLU C 183 -7.09 22.27 -19.83
N VAL C 184 -8.35 21.96 -19.48
CA VAL C 184 -8.76 20.59 -19.18
C VAL C 184 -10.09 20.30 -19.88
N GLU C 185 -10.39 19.00 -20.03
CA GLU C 185 -11.74 18.57 -20.36
C GLU C 185 -12.67 18.93 -19.21
N GLU C 186 -13.88 19.38 -19.55
CA GLU C 186 -14.81 19.86 -18.52
C GLU C 186 -15.13 18.79 -17.49
N ASP C 187 -15.10 17.50 -17.89
CA ASP C 187 -15.49 16.50 -16.87
C ASP C 187 -14.43 16.32 -15.79
N LEU C 188 -13.30 17.01 -15.86
CA LEU C 188 -12.37 16.99 -14.73
C LEU C 188 -12.63 18.10 -13.71
N ILE C 189 -13.48 19.07 -14.01
CA ILE C 189 -13.44 20.32 -13.23
C ILE C 189 -14.03 20.12 -11.82
N ASP C 190 -15.05 19.27 -11.65
CA ASP C 190 -15.57 19.04 -10.30
C ASP C 190 -14.51 18.42 -9.39
N ALA C 191 -13.66 17.54 -9.94
CA ALA C 191 -12.57 16.97 -9.16
C ALA C 191 -11.49 18.00 -8.85
N VAL C 192 -11.15 18.85 -9.83
CA VAL C 192 -10.22 19.96 -9.55
C VAL C 192 -10.77 20.83 -8.43
N THR C 193 -12.08 21.07 -8.44
CA THR C 193 -12.71 21.86 -7.38
C THR C 193 -12.43 21.25 -6.02
N GLY C 194 -12.50 19.92 -5.91
CA GLY C 194 -12.26 19.29 -4.62
C GLY C 194 -10.81 19.30 -4.19
N LEU C 195 -9.88 19.45 -5.13
CA LEU C 195 -8.45 19.41 -4.86
C LEU C 195 -7.89 20.82 -4.69
N SER C 196 -7.78 21.60 -5.77
CA SER C 196 -7.16 22.92 -5.65
C SER C 196 -8.17 24.03 -5.35
N GLY C 197 -9.46 23.84 -5.66
CA GLY C 197 -10.46 24.82 -5.25
C GLY C 197 -10.61 24.90 -3.74
N SER C 198 -10.91 23.76 -3.12
CA SER C 198 -11.01 23.66 -1.67
C SER C 198 -9.65 23.56 -0.99
N GLY C 199 -8.61 23.21 -1.74
CA GLY C 199 -7.29 22.97 -1.18
C GLY C 199 -6.72 24.03 -0.25
N PRO C 200 -6.86 25.33 -0.57
CA PRO C 200 -6.35 26.34 0.37
C PRO C 200 -6.95 26.21 1.76
N ALA C 201 -8.22 25.85 1.85
CA ALA C 201 -8.87 25.67 3.16
C ALA C 201 -8.25 24.52 3.94
N TYR C 202 -7.94 23.41 3.25
CA TYR C 202 -7.21 22.33 3.92
C TYR C 202 -5.88 22.84 4.45
N ALA C 203 -5.18 23.64 3.65
CA ALA C 203 -3.89 24.15 4.07
C ALA C 203 -4.01 25.13 5.23
N PHE C 204 -5.06 25.96 5.24
CA PHE C 204 -5.23 26.89 6.37
C PHE C 204 -5.52 26.12 7.65
N THR C 205 -6.34 25.07 7.57
CA THR C 205 -6.59 24.21 8.72
C THR C 205 -5.29 23.56 9.20
N ALA C 206 -4.49 23.05 8.26
CA ALA C 206 -3.23 22.39 8.63
C ALA C 206 -2.25 23.37 9.25
N LEU C 207 -2.20 24.60 8.74
CA LEU C 207 -1.27 25.58 9.29
C LEU C 207 -1.67 26.01 10.69
N ASP C 208 -2.98 26.19 10.92
CA ASP C 208 -3.45 26.49 12.27
C ASP C 208 -3.04 25.38 13.24
N ALA C 209 -3.19 24.13 12.83
CA ALA C 209 -2.87 22.99 13.69
C ALA C 209 -1.37 22.85 13.92
N LEU C 210 -0.56 22.98 12.86
CA LEU C 210 0.89 22.94 13.03
C LEU C 210 1.37 24.04 13.95
N ALA C 211 0.78 25.24 13.83
CA ALA C 211 1.14 26.32 14.75
C ALA C 211 0.74 25.98 16.19
N ASP C 212 -0.44 25.39 16.40
CA ASP C 212 -0.81 24.92 17.75
C ASP C 212 0.22 23.93 18.28
N GLY C 213 0.67 23.00 17.44
CA GLY C 213 1.74 22.09 17.83
C GLY C 213 3.01 22.83 18.22
N GLY C 214 3.43 23.79 17.39
CA GLY C 214 4.57 24.61 17.76
C GLY C 214 4.40 25.28 19.11
N VAL C 215 3.21 25.85 19.34
CA VAL C 215 2.95 26.54 20.60
C VAL C 215 2.98 25.56 21.76
N LYS C 216 2.39 24.36 21.57
CA LYS C 216 2.42 23.37 22.65
C LYS C 216 3.85 23.03 23.05
N MET C 217 4.76 23.01 22.09
CA MET C 217 6.16 22.68 22.36
C MET C 217 7.00 23.89 22.75
N GLY C 218 6.39 25.05 22.91
CA GLY C 218 7.07 26.19 23.53
C GLY C 218 7.33 27.38 22.63
N LEU C 219 6.87 27.36 21.35
CA LEU C 219 7.12 28.48 20.44
C LEU C 219 6.06 29.57 20.64
N PRO C 220 6.45 30.84 20.54
CA PRO C 220 5.43 31.91 20.46
C PRO C 220 4.57 31.73 19.23
N ARG C 221 3.29 32.09 19.37
CA ARG C 221 2.34 31.84 18.29
CA ARG C 221 2.35 31.82 18.27
C ARG C 221 2.78 32.48 16.98
N ARG C 222 3.23 33.75 17.05
CA ARG C 222 3.61 34.46 15.83
C ARG C 222 4.74 33.75 15.09
N LEU C 223 5.76 33.28 15.84
CA LEU C 223 6.85 32.57 15.20
C LEU C 223 6.39 31.22 14.66
N ALA C 224 5.53 30.52 15.39
CA ALA C 224 5.07 29.22 14.92
C ALA C 224 4.28 29.35 13.61
N VAL C 225 3.46 30.40 13.49
CA VAL C 225 2.70 30.60 12.25
C VAL C 225 3.65 30.87 11.08
N ARG C 226 4.65 31.74 11.30
CA ARG C 226 5.59 32.07 10.23
CA ARG C 226 5.60 32.08 10.24
C ARG C 226 6.39 30.85 9.80
N LEU C 227 6.93 30.10 10.76
CA LEU C 227 7.72 28.91 10.44
C LEU C 227 6.89 27.84 9.74
N GLY C 228 5.68 27.57 10.24
CA GLY C 228 4.87 26.54 9.63
C GLY C 228 4.47 26.90 8.22
N ALA C 229 4.08 28.16 8.02
CA ALA C 229 3.72 28.60 6.67
C ALA C 229 4.93 28.58 5.74
N GLN C 230 6.11 29.00 6.23
CA GLN C 230 7.30 28.96 5.41
C GLN C 230 7.65 27.53 5.05
N ALA C 231 7.48 26.60 5.98
CA ALA C 231 7.78 25.20 5.72
C ALA C 231 6.90 24.65 4.60
N LEU C 232 5.60 24.95 4.65
CA LEU C 232 4.68 24.46 3.63
C LEU C 232 4.97 25.10 2.27
N LEU C 233 5.27 26.40 2.25
CA LEU C 233 5.57 27.06 1.00
C LEU C 233 6.82 26.48 0.36
N GLY C 234 7.88 26.32 1.16
CA GLY C 234 9.13 25.78 0.61
C GLY C 234 8.98 24.35 0.12
N ALA C 235 8.25 23.53 0.85
CA ALA C 235 8.07 22.14 0.44
C ALA C 235 7.28 22.07 -0.86
N ALA C 236 6.23 22.88 -0.96
CA ALA C 236 5.45 22.92 -2.19
C ALA C 236 6.31 23.38 -3.35
N LYS C 237 7.19 24.37 -3.12
CA LYS C 237 8.05 24.82 -4.20
C LYS C 237 9.06 23.75 -4.58
N MET C 238 9.64 23.06 -3.59
CA MET C 238 10.57 21.98 -3.89
C MET C 238 9.95 20.95 -4.81
N LEU C 239 8.73 20.53 -4.49
CA LEU C 239 8.06 19.51 -5.32
C LEU C 239 7.75 20.06 -6.71
N LEU C 240 7.28 21.29 -6.81
CA LEU C 240 6.98 21.85 -8.12
C LEU C 240 8.22 21.94 -8.99
N HIS C 241 9.38 22.20 -8.38
CA HIS C 241 10.65 22.33 -9.10
C HIS C 241 11.42 21.03 -9.24
N SER C 242 10.96 19.94 -8.63
CA SER C 242 11.65 18.66 -8.68
C SER C 242 10.98 17.72 -9.66
N GLU C 243 11.77 16.86 -10.29
CA GLU C 243 11.21 15.77 -11.07
C GLU C 243 10.93 14.54 -10.22
N GLN C 244 11.23 14.58 -8.93
CA GLN C 244 11.15 13.41 -8.09
C GLN C 244 9.76 13.23 -7.49
N HIS C 245 9.45 11.99 -7.16
CA HIS C 245 8.19 11.66 -6.51
C HIS C 245 8.17 12.24 -5.08
N PRO C 246 7.01 12.72 -4.61
CA PRO C 246 6.97 13.28 -3.24
C PRO C 246 7.44 12.32 -2.16
N GLY C 247 7.27 11.01 -2.34
CA GLY C 247 7.82 10.07 -1.38
C GLY C 247 9.33 10.09 -1.33
N GLN C 248 9.98 10.30 -2.48
CA GLN C 248 11.43 10.38 -2.50
C GLN C 248 11.92 11.63 -1.77
N LEU C 249 11.24 12.77 -1.99
CA LEU C 249 11.60 13.98 -1.26
C LEU C 249 11.36 13.79 0.24
N LYS C 250 10.28 13.11 0.59
CA LYS C 250 10.06 12.73 1.99
C LYS C 250 11.22 11.90 2.53
N ASP C 251 11.65 10.88 1.76
CA ASP C 251 12.77 10.04 2.19
C ASP C 251 14.03 10.86 2.49
N ASN C 252 14.28 11.92 1.69
CA ASN C 252 15.49 12.72 1.89
C ASN C 252 15.46 13.51 3.20
N VAL C 253 14.27 13.82 3.71
CA VAL C 253 14.20 14.51 5.00
C VAL C 253 14.45 13.53 6.14
N SER C 254 13.87 12.33 6.07
CA SER C 254 13.84 11.47 7.24
C SER C 254 15.18 10.73 7.39
N SER C 255 15.98 11.18 8.35
CA SER C 255 17.18 10.47 8.75
C SER C 255 16.84 9.23 9.57
N PRO C 256 17.64 8.15 9.46
CA PRO C 256 17.35 6.92 10.20
C PRO C 256 17.29 7.14 11.70
N GLY C 257 16.22 6.62 12.31
CA GLY C 257 16.02 6.76 13.73
C GLY C 257 15.66 8.17 14.21
N GLY C 258 15.50 9.11 13.28
CA GLY C 258 15.48 10.52 13.60
C GLY C 258 14.10 11.06 13.98
N ALA C 259 14.05 12.38 14.17
CA ALA C 259 12.83 13.02 14.64
C ALA C 259 11.74 12.98 13.57
N THR C 260 12.11 13.21 12.32
CA THR C 260 11.11 13.29 11.27
C THR C 260 10.38 11.97 11.09
N ILE C 261 11.12 10.85 11.05
CA ILE C 261 10.46 9.56 10.81
C ILE C 261 9.57 9.17 12.00
N HIS C 262 9.97 9.54 13.22
CA HIS C 262 9.07 9.38 14.37
C HIS C 262 7.78 10.18 14.18
N ALA C 263 7.89 11.41 13.68
CA ALA C 263 6.68 12.20 13.47
C ALA C 263 5.82 11.62 12.37
N LEU C 264 6.44 11.15 11.27
CA LEU C 264 5.67 10.56 10.18
C LEU C 264 4.90 9.34 10.66
N HIS C 265 5.50 8.55 11.56
CA HIS C 265 4.80 7.41 12.10
C HIS C 265 3.49 7.82 12.79
N VAL C 266 3.53 8.85 13.64
CA VAL C 266 2.28 9.20 14.33
C VAL C 266 1.24 9.75 13.34
N LEU C 267 1.67 10.39 12.24
CA LEU C 267 0.71 10.78 11.20
C LEU C 267 0.06 9.54 10.58
N GLU C 268 0.88 8.54 10.24
CA GLU C 268 0.37 7.31 9.65
C GLU C 268 -0.59 6.59 10.60
N SER C 269 -0.25 6.55 11.90
CA SER C 269 -1.11 5.84 12.83
C SER C 269 -2.49 6.48 12.93
N GLY C 270 -2.59 7.78 12.63
CA GLY C 270 -3.87 8.44 12.59
C GLY C 270 -4.58 8.37 11.25
N GLY C 271 -4.00 7.72 10.24
CA GLY C 271 -4.62 7.69 8.92
C GLY C 271 -4.63 9.04 8.23
N PHE C 272 -3.63 9.87 8.51
CA PHE C 272 -3.46 11.20 7.91
C PHE C 272 -3.71 11.21 6.41
N ARG C 273 -3.09 10.27 5.67
CA ARG C 273 -3.29 10.24 4.22
C ARG C 273 -4.76 10.04 3.87
N SER C 274 -5.43 9.09 4.54
CA SER C 274 -6.83 8.82 4.23
C SER C 274 -7.72 10.04 4.49
N LEU C 275 -7.39 10.89 5.47
CA LEU C 275 -8.24 12.06 5.72
C LEU C 275 -8.20 13.03 4.56
N LEU C 276 -7.01 13.25 3.98
CA LEU C 276 -6.91 14.15 2.84
C LEU C 276 -7.61 13.57 1.61
N ILE C 277 -7.51 12.26 1.39
CA ILE C 277 -8.30 11.62 0.35
C ILE C 277 -9.79 11.83 0.61
N ASN C 278 -10.22 11.59 1.85
CA ASN C 278 -11.61 11.82 2.23
C ASN C 278 -12.06 13.23 1.87
N ALA C 279 -11.20 14.21 2.14
CA ALA C 279 -11.57 15.60 1.92
C ALA C 279 -11.78 15.90 0.43
N VAL C 280 -10.80 15.54 -0.41
CA VAL C 280 -10.95 15.80 -1.84
C VAL C 280 -12.22 15.11 -2.36
N GLU C 281 -12.42 13.87 -1.93
CA GLU C 281 -13.63 13.14 -2.31
C GLU C 281 -14.89 13.86 -1.88
N ALA C 282 -14.95 14.31 -0.62
CA ALA C 282 -16.17 14.91 -0.11
C ALA C 282 -16.49 16.21 -0.84
N SER C 283 -15.47 17.02 -1.11
CA SER C 283 -15.69 18.27 -1.82
C SER C 283 -16.19 18.01 -3.23
N CYS C 284 -15.52 17.10 -3.93
CA CYS C 284 -15.93 16.76 -5.30
C CYS C 284 -17.36 16.24 -5.31
N ILE C 285 -17.71 15.34 -4.38
CA ILE C 285 -19.05 14.75 -4.38
C ILE C 285 -20.11 15.80 -4.09
N ARG C 286 -19.84 16.68 -3.11
CA ARG C 286 -20.79 17.74 -2.81
C ARG C 286 -20.98 18.65 -4.04
N THR C 287 -19.90 18.94 -4.75
CA THR C 287 -19.98 19.76 -5.96
C THR C 287 -20.88 19.11 -6.99
N ARG C 288 -20.74 17.81 -7.19
CA ARG C 288 -21.58 17.08 -8.14
C ARG C 288 -23.03 17.04 -7.66
N GLU C 289 -23.23 16.81 -6.36
CA GLU C 289 -24.58 16.75 -5.80
C GLU C 289 -25.29 18.08 -5.95
N LEU C 290 -24.60 19.18 -5.66
CA LEU C 290 -25.22 20.49 -5.78
C LEU C 290 -25.65 20.76 -7.22
N GLN C 291 -24.82 20.36 -8.19
CA GLN C 291 -25.19 20.62 -9.58
C GLN C 291 -26.33 19.72 -10.04
N SER C 292 -26.40 18.50 -9.49
CA SER C 292 -27.53 17.62 -9.79
C SER C 292 -28.83 18.21 -9.29
N MET C 293 -28.80 18.90 -8.14
CA MET C 293 -29.98 19.61 -7.67
C MET C 293 -30.35 20.75 -8.61
N ALA C 294 -29.34 21.53 -9.05
CA ALA C 294 -29.59 22.60 -10.01
C ALA C 294 -30.19 22.07 -11.31
N ASP C 295 -29.65 20.96 -11.83
CA ASP C 295 -30.24 20.35 -13.02
C ASP C 295 -31.70 19.97 -12.79
N GLN C 296 -32.01 19.36 -11.65
CA GLN C 296 -33.39 19.00 -11.34
C GLN C 296 -34.27 20.23 -11.19
N GLU C 297 -33.74 21.32 -10.65
CA GLU C 297 -34.50 22.56 -10.46
C GLU C 297 -34.39 23.48 -11.68
N ASN D 17 27.25 43.06 1.40
CA ASN D 17 27.87 42.01 0.59
C ASN D 17 29.34 41.82 0.93
N LEU D 18 29.92 42.78 1.68
CA LEU D 18 31.31 42.65 2.09
C LEU D 18 31.53 41.43 2.99
N TYR D 19 30.48 40.97 3.67
CA TYR D 19 30.58 39.73 4.43
C TYR D 19 31.03 38.58 3.55
N PHE D 20 30.50 38.50 2.34
CA PHE D 20 30.71 37.36 1.46
C PHE D 20 31.82 37.59 0.44
N GLN D 21 32.41 38.79 0.40
CA GLN D 21 33.43 39.14 -0.58
C GLN D 21 34.44 38.01 -0.79
N SER D 22 35.08 37.56 0.29
CA SER D 22 36.12 36.55 0.20
C SER D 22 35.94 35.47 1.27
N MET D 23 34.71 35.17 1.64
CA MET D 23 34.44 34.18 2.67
C MET D 23 34.50 32.77 2.09
N SER D 24 35.12 31.86 2.84
CA SER D 24 35.21 30.45 2.47
C SER D 24 34.29 29.65 3.38
N VAL D 25 33.47 28.79 2.80
CA VAL D 25 32.50 27.97 3.52
C VAL D 25 32.91 26.51 3.42
N GLY D 26 32.74 25.77 4.51
CA GLY D 26 32.99 24.35 4.51
C GLY D 26 31.85 23.58 5.16
N PHE D 27 31.68 22.36 4.68
CA PHE D 27 30.72 21.41 5.26
C PHE D 27 31.45 20.15 5.68
N ILE D 28 31.33 19.80 6.95
CA ILE D 28 31.71 18.48 7.44
CA ILE D 28 31.72 18.48 7.42
C ILE D 28 30.49 17.58 7.28
N GLY D 29 30.55 16.66 6.34
CA GLY D 29 29.39 15.88 5.92
C GLY D 29 28.96 16.40 4.56
N ALA D 30 28.65 15.48 3.65
CA ALA D 30 28.29 15.83 2.29
C ALA D 30 27.01 15.11 1.86
N GLY D 31 25.99 15.19 2.71
CA GLY D 31 24.72 14.56 2.46
C GLY D 31 23.65 15.53 2.00
N GLN D 32 22.39 15.19 2.33
CA GLN D 32 21.25 15.96 1.84
C GLN D 32 21.33 17.43 2.25
N LEU D 33 21.67 17.69 3.52
CA LEU D 33 21.66 19.08 3.99
C LEU D 33 22.78 19.89 3.35
N ALA D 34 23.99 19.33 3.33
CA ALA D 34 25.11 20.02 2.69
C ALA D 34 24.80 20.34 1.23
N PHE D 35 24.23 19.40 0.50
CA PHE D 35 23.88 19.68 -0.89
C PHE D 35 22.84 20.79 -0.98
N ALA D 36 21.79 20.70 -0.16
CA ALA D 36 20.71 21.69 -0.22
C ALA D 36 21.24 23.09 0.07
N LEU D 37 22.04 23.23 1.13
CA LEU D 37 22.63 24.52 1.46
C LEU D 37 23.55 25.01 0.36
N ALA D 38 24.44 24.14 -0.12
CA ALA D 38 25.38 24.55 -1.17
C ALA D 38 24.64 24.93 -2.44
N LYS D 39 23.59 24.19 -2.77
CA LYS D 39 22.77 24.55 -3.93
C LYS D 39 22.12 25.91 -3.74
N GLY D 40 21.50 26.13 -2.57
CA GLY D 40 20.88 27.41 -2.29
C GLY D 40 21.87 28.56 -2.29
N PHE D 41 23.01 28.37 -1.62
CA PHE D 41 24.00 29.44 -1.53
C PHE D 41 24.49 29.86 -2.91
N THR D 42 24.73 28.90 -3.79
CA THR D 42 25.24 29.24 -5.11
C THR D 42 24.14 29.81 -6.00
N ALA D 43 22.91 29.27 -5.91
CA ALA D 43 21.81 29.83 -6.69
C ALA D 43 21.53 31.26 -6.27
N ALA D 44 21.65 31.56 -4.98
CA ALA D 44 21.56 32.94 -4.51
C ALA D 44 22.72 33.80 -4.99
N GLY D 45 23.80 33.19 -5.48
CA GLY D 45 24.98 33.92 -5.92
C GLY D 45 25.84 34.46 -4.81
N VAL D 46 25.52 34.19 -3.55
CA VAL D 46 26.30 34.77 -2.46
C VAL D 46 27.67 34.11 -2.36
N LEU D 47 27.80 32.87 -2.82
CA LEU D 47 29.06 32.15 -2.82
C LEU D 47 29.27 31.47 -4.16
N ALA D 48 30.50 31.52 -4.65
CA ALA D 48 30.88 30.70 -5.80
C ALA D 48 31.16 29.28 -5.34
N ALA D 49 30.73 28.31 -6.16
CA ALA D 49 30.87 26.90 -5.81
C ALA D 49 32.30 26.52 -5.40
N HIS D 50 33.30 27.15 -6.01
CA HIS D 50 34.69 26.82 -5.71
C HIS D 50 35.17 27.40 -4.38
N LYS D 51 34.44 28.35 -3.81
CA LYS D 51 34.73 28.81 -2.44
C LYS D 51 34.11 27.89 -1.38
N ILE D 52 33.54 26.76 -1.78
CA ILE D 52 32.86 25.83 -0.89
C ILE D 52 33.60 24.49 -0.94
N MET D 53 33.75 23.87 0.23
CA MET D 53 34.40 22.56 0.32
C MET D 53 33.57 21.67 1.23
N ALA D 54 33.39 20.41 0.82
CA ALA D 54 32.67 19.45 1.63
C ALA D 54 33.51 18.20 1.79
N SER D 55 33.37 17.55 2.95
CA SER D 55 34.13 16.35 3.24
C SER D 55 33.21 15.26 3.77
N SER D 56 33.47 14.03 3.34
CA SER D 56 32.69 12.86 3.70
C SER D 56 33.60 11.65 3.63
N PRO D 57 33.31 10.58 4.39
CA PRO D 57 34.09 9.34 4.22
C PRO D 57 33.76 8.67 2.91
N ASP D 58 32.48 8.34 2.70
CA ASP D 58 32.02 7.61 1.52
C ASP D 58 31.75 8.61 0.40
N MET D 59 32.73 8.79 -0.50
CA MET D 59 32.55 9.58 -1.70
C MET D 59 31.72 8.86 -2.76
N ASP D 60 30.73 8.07 -2.34
CA ASP D 60 29.92 7.26 -3.23
C ASP D 60 28.42 7.49 -3.07
N LEU D 61 28.01 8.39 -2.19
CA LEU D 61 26.60 8.71 -2.05
C LEU D 61 26.14 9.55 -3.26
N ALA D 62 24.82 9.64 -3.41
CA ALA D 62 24.27 10.45 -4.50
C ALA D 62 24.60 11.94 -4.31
N THR D 63 24.65 12.39 -3.05
CA THR D 63 24.87 13.81 -2.79
C THR D 63 26.29 14.25 -3.12
N VAL D 64 27.28 13.38 -2.90
CA VAL D 64 28.65 13.73 -3.25
C VAL D 64 28.80 13.86 -4.75
N SER D 65 28.09 13.03 -5.52
CA SER D 65 28.10 13.17 -6.97
C SER D 65 27.48 14.49 -7.40
N ALA D 66 26.36 14.87 -6.77
CA ALA D 66 25.71 16.14 -7.11
C ALA D 66 26.60 17.33 -6.74
N LEU D 67 27.25 17.27 -5.57
CA LEU D 67 28.13 18.36 -5.18
C LEU D 67 29.29 18.52 -6.16
N ARG D 68 29.81 17.40 -6.66
CA ARG D 68 30.91 17.46 -7.62
C ARG D 68 30.47 18.15 -8.91
N LYS D 69 29.31 17.75 -9.46
CA LYS D 69 28.80 18.36 -10.68
C LYS D 69 28.51 19.85 -10.48
N MET D 70 28.22 20.26 -9.24
CA MET D 70 28.03 21.68 -8.94
C MET D 70 29.33 22.46 -8.98
N GLY D 71 30.47 21.78 -8.97
CA GLY D 71 31.75 22.45 -8.85
C GLY D 71 32.18 22.72 -7.42
N VAL D 72 31.68 21.93 -6.46
CA VAL D 72 32.10 22.06 -5.07
C VAL D 72 33.31 21.17 -4.83
N LYS D 73 34.34 21.74 -4.20
CA LYS D 73 35.53 20.96 -3.86
C LYS D 73 35.19 19.88 -2.85
N LEU D 74 35.52 18.63 -3.16
CA LEU D 74 35.32 17.51 -2.27
C LEU D 74 36.67 16.98 -1.78
N THR D 75 36.65 16.39 -0.60
CA THR D 75 37.84 15.77 0.00
C THR D 75 37.38 14.79 1.06
N PRO D 76 38.10 13.68 1.26
CA PRO D 76 37.74 12.78 2.35
C PRO D 76 38.22 13.25 3.71
N HIS D 77 39.01 14.32 3.77
CA HIS D 77 39.72 14.71 4.98
C HIS D 77 39.00 15.88 5.65
N ASN D 78 38.43 15.64 6.83
CA ASN D 78 37.77 16.71 7.58
C ASN D 78 38.73 17.83 7.94
N LYS D 79 40.00 17.50 8.20
CA LYS D 79 40.98 18.54 8.54
C LYS D 79 41.15 19.53 7.38
N GLU D 80 41.09 19.04 6.14
CA GLU D 80 41.25 19.91 4.98
C GLU D 80 40.08 20.88 4.87
N THR D 81 38.86 20.40 5.16
CA THR D 81 37.72 21.30 5.17
C THR D 81 37.88 22.38 6.24
N VAL D 82 38.39 22.00 7.41
CA VAL D 82 38.63 22.96 8.48
C VAL D 82 39.59 24.05 8.02
N GLN D 83 40.72 23.65 7.42
CA GLN D 83 41.73 24.62 7.04
C GLN D 83 41.24 25.55 5.93
N HIS D 84 40.37 25.05 5.04
CA HIS D 84 39.85 25.86 3.95
C HIS D 84 38.82 26.89 4.44
N SER D 85 38.06 26.55 5.48
CA SER D 85 36.83 27.26 5.80
C SER D 85 37.05 28.44 6.74
N ASP D 86 36.24 29.48 6.54
CA ASP D 86 36.02 30.52 7.53
C ASP D 86 34.78 30.21 8.36
N VAL D 87 33.71 29.80 7.68
CA VAL D 87 32.47 29.33 8.30
C VAL D 87 32.41 27.82 8.06
N LEU D 88 32.28 27.05 9.13
CA LEU D 88 32.33 25.60 9.06
C LEU D 88 30.99 25.05 9.51
N PHE D 89 30.19 24.53 8.56
CA PHE D 89 28.93 23.89 8.87
C PHE D 89 29.16 22.44 9.26
N LEU D 90 28.61 22.04 10.40
CA LEU D 90 28.63 20.63 10.81
C LEU D 90 27.35 20.00 10.30
N ALA D 91 27.46 19.21 9.24
CA ALA D 91 26.31 18.63 8.58
C ALA D 91 26.33 17.12 8.64
N VAL D 92 26.72 16.58 9.81
CA VAL D 92 26.71 15.14 10.04
C VAL D 92 25.58 14.81 11.01
N LYS D 93 25.25 13.52 11.07
CA LYS D 93 24.21 13.06 11.98
C LYS D 93 24.57 13.41 13.42
N PRO D 94 23.57 13.65 14.28
CA PRO D 94 23.86 14.18 15.64
C PRO D 94 24.83 13.33 16.45
N HIS D 95 24.73 12.00 16.37
CA HIS D 95 25.62 11.15 17.15
C HIS D 95 27.05 11.14 16.61
N ILE D 96 27.29 11.75 15.45
CA ILE D 96 28.65 11.86 14.91
C ILE D 96 29.33 13.14 15.37
N ILE D 97 28.57 14.14 15.82
CA ILE D 97 29.14 15.43 16.18
C ILE D 97 30.28 15.29 17.19
N PRO D 98 30.10 14.65 18.35
CA PRO D 98 31.24 14.57 19.29
C PRO D 98 32.43 13.83 18.73
N PHE D 99 32.21 12.89 17.81
CA PHE D 99 33.35 12.22 17.18
C PHE D 99 34.10 13.16 16.25
N ILE D 100 33.38 14.03 15.53
CA ILE D 100 34.04 15.00 14.68
C ILE D 100 34.74 16.06 15.52
N LEU D 101 34.12 16.45 16.63
CA LEU D 101 34.72 17.48 17.48
C LEU D 101 36.02 17.00 18.10
N ASP D 102 36.08 15.72 18.47
CA ASP D 102 37.36 15.15 18.93
C ASP D 102 38.40 15.19 17.81
N GLU D 103 37.96 14.94 16.58
CA GLU D 103 38.89 14.73 15.47
C GLU D 103 39.55 16.04 15.02
N ILE D 104 38.75 17.08 14.83
CA ILE D 104 39.22 18.35 14.28
C ILE D 104 39.32 19.44 15.32
N GLY D 105 39.00 19.15 16.59
CA GLY D 105 38.98 20.19 17.61
C GLY D 105 40.32 20.90 17.75
N ALA D 106 41.42 20.15 17.64
CA ALA D 106 42.73 20.79 17.73
C ALA D 106 43.03 21.70 16.54
N ASP D 107 42.19 21.68 15.50
CA ASP D 107 42.37 22.50 14.31
C ASP D 107 41.44 23.71 14.25
N ILE D 108 40.44 23.78 15.12
CA ILE D 108 39.59 24.96 15.17
C ILE D 108 40.39 26.13 15.73
N GLU D 109 40.57 27.15 14.92
CA GLU D 109 41.32 28.34 15.30
C GLU D 109 40.36 29.47 15.67
N ASP D 110 40.95 30.55 16.21
CA ASP D 110 40.15 31.71 16.60
C ASP D 110 39.35 32.27 15.43
N ARG D 111 39.84 32.09 14.21
CA ARG D 111 39.19 32.63 13.01
C ARG D 111 37.88 31.93 12.68
N HIS D 112 37.65 30.73 13.19
CA HIS D 112 36.53 29.92 12.72
C HIS D 112 35.22 30.33 13.38
N ILE D 113 34.16 30.33 12.58
CA ILE D 113 32.79 30.26 13.07
C ILE D 113 32.29 28.85 12.82
N VAL D 114 31.93 28.14 13.89
CA VAL D 114 31.47 26.77 13.80
C VAL D 114 29.94 26.77 13.89
N VAL D 115 29.29 26.30 12.83
CA VAL D 115 27.84 26.34 12.71
C VAL D 115 27.33 24.91 12.72
N SER D 116 26.74 24.49 13.84
CA SER D 116 26.18 23.16 13.93
C SER D 116 24.76 23.16 13.40
N CYS D 117 24.49 22.29 12.43
CA CYS D 117 23.15 22.06 11.91
C CYS D 117 22.50 20.83 12.49
N ALA D 118 23.21 20.09 13.35
CA ALA D 118 22.74 18.80 13.83
C ALA D 118 21.51 18.99 14.71
N ALA D 119 20.48 18.17 14.46
CA ALA D 119 19.28 18.20 15.29
C ALA D 119 19.63 17.93 16.74
N GLY D 120 19.06 18.72 17.64
CA GLY D 120 19.19 18.45 19.06
C GLY D 120 20.51 18.78 19.73
N VAL D 121 21.62 18.81 18.99
CA VAL D 121 22.95 18.96 19.62
C VAL D 121 23.09 20.38 20.17
N THR D 122 23.40 20.48 21.46
CA THR D 122 23.40 21.77 22.14
C THR D 122 24.71 22.52 21.94
N ILE D 123 24.60 23.86 21.94
CA ILE D 123 25.80 24.71 21.96
C ILE D 123 26.71 24.31 23.10
N SER D 124 26.13 24.02 24.27
CA SER D 124 26.94 23.69 25.43
C SER D 124 27.86 22.51 25.15
N SER D 125 27.32 21.44 24.57
CA SER D 125 28.12 20.25 24.32
C SER D 125 29.24 20.53 23.34
N ILE D 126 28.98 21.34 22.32
CA ILE D 126 29.98 21.66 21.31
C ILE D 126 31.09 22.50 21.93
N GLU D 127 30.71 23.55 22.66
CA GLU D 127 31.71 24.43 23.28
C GLU D 127 32.53 23.68 24.30
N LYS D 128 31.93 22.74 25.03
CA LYS D 128 32.69 21.97 26.01
C LYS D 128 33.80 21.17 25.33
N LYS D 129 33.48 20.52 24.20
CA LYS D 129 34.50 19.80 23.44
C LYS D 129 35.57 20.74 22.93
N LEU D 130 35.17 21.81 22.25
CA LEU D 130 36.15 22.67 21.59
C LEU D 130 36.95 23.52 22.58
N SER D 131 36.41 23.82 23.76
CA SER D 131 37.14 24.64 24.73
C SER D 131 38.30 23.90 25.37
N ALA D 132 38.31 22.57 25.33
CA ALA D 132 39.49 21.84 25.77
C ALA D 132 40.69 22.11 24.89
N PHE D 133 40.49 22.56 23.64
CA PHE D 133 41.61 22.88 22.76
C PHE D 133 41.96 24.36 22.79
N ARG D 134 41.00 25.23 22.45
CA ARG D 134 41.19 26.67 22.48
C ARG D 134 40.05 27.31 23.27
N PRO D 135 40.33 28.38 24.01
CA PRO D 135 39.40 28.80 25.07
C PRO D 135 38.09 29.40 24.59
N ALA D 136 38.02 30.01 23.41
CA ALA D 136 36.86 30.82 23.02
C ALA D 136 36.31 30.43 21.65
N PRO D 137 35.88 29.18 21.48
CA PRO D 137 35.33 28.77 20.16
C PRO D 137 34.05 29.53 19.84
N ARG D 138 33.97 30.03 18.61
CA ARG D 138 32.81 30.78 18.13
C ARG D 138 31.84 29.78 17.53
N VAL D 139 30.73 29.52 18.22
CA VAL D 139 29.78 28.47 17.86
C VAL D 139 28.42 29.10 17.62
N ILE D 140 27.75 28.66 16.56
CA ILE D 140 26.37 29.00 16.29
C ILE D 140 25.62 27.71 16.00
N ARG D 141 24.44 27.57 16.57
CA ARG D 141 23.58 26.44 16.32
C ARG D 141 22.44 26.89 15.43
N CYS D 142 22.14 26.12 14.39
CA CYS D 142 21.02 26.50 13.54
C CYS D 142 20.15 25.28 13.28
N MET D 143 18.90 25.55 12.89
CA MET D 143 17.99 24.52 12.42
C MET D 143 17.38 25.07 11.14
N THR D 144 17.53 24.34 10.04
CA THR D 144 17.04 24.82 8.75
C THR D 144 16.20 23.66 8.19
N ASN D 145 16.03 23.64 6.87
CA ASN D 145 15.26 22.56 6.25
C ASN D 145 15.61 22.51 4.77
N THR D 146 15.21 21.42 4.12
CA THR D 146 15.68 21.19 2.76
C THR D 146 15.21 22.23 1.73
N PRO D 147 14.08 22.93 1.88
CA PRO D 147 13.71 23.92 0.85
C PRO D 147 14.67 25.10 0.71
N VAL D 148 15.76 25.19 1.50
CA VAL D 148 16.82 26.11 1.12
C VAL D 148 17.31 25.82 -0.29
N VAL D 149 17.12 24.57 -0.77
CA VAL D 149 17.56 24.21 -2.11
C VAL D 149 16.84 25.04 -3.18
N VAL D 150 15.63 25.52 -2.91
CA VAL D 150 14.91 26.44 -3.80
C VAL D 150 14.81 27.84 -3.17
N ARG D 151 15.71 28.15 -2.24
CA ARG D 151 15.80 29.45 -1.58
C ARG D 151 14.51 29.84 -0.86
N GLU D 152 13.80 28.85 -0.30
CA GLU D 152 12.60 29.10 0.49
C GLU D 152 12.66 28.32 1.79
N GLY D 153 13.87 28.24 2.36
CA GLY D 153 14.07 27.58 3.63
C GLY D 153 13.44 28.34 4.78
N ALA D 154 13.37 27.65 5.91
CA ALA D 154 12.91 28.23 7.18
C ALA D 154 14.03 27.96 8.18
N THR D 155 14.74 29.03 8.59
CA THR D 155 15.96 28.85 9.38
C THR D 155 15.88 29.66 10.67
N VAL D 156 16.28 29.06 11.79
CA VAL D 156 16.52 29.79 13.02
C VAL D 156 17.96 29.50 13.47
N TYR D 157 18.53 30.42 14.23
CA TYR D 157 19.87 30.19 14.78
C TYR D 157 19.96 30.79 16.16
N ALA D 158 20.83 30.20 17.00
CA ALA D 158 21.20 30.74 18.30
C ALA D 158 22.72 30.92 18.37
N THR D 159 23.16 32.03 18.97
CA THR D 159 24.58 32.34 19.05
C THR D 159 25.16 31.83 20.37
N GLY D 160 26.39 31.32 20.32
CA GLY D 160 27.04 30.74 21.47
C GLY D 160 27.69 31.78 22.37
N THR D 161 28.45 31.27 23.36
CA THR D 161 29.05 32.13 24.38
C THR D 161 30.04 33.13 23.78
N HIS D 162 30.82 32.70 22.80
CA HIS D 162 31.93 33.48 22.27
C HIS D 162 31.68 34.02 20.86
N ALA D 163 30.49 33.80 20.31
CA ALA D 163 30.17 34.37 19.01
C ALA D 163 30.13 35.89 19.10
N GLN D 164 30.88 36.57 18.24
CA GLN D 164 30.84 38.02 18.24
C GLN D 164 29.53 38.51 17.64
N VAL D 165 29.29 39.82 17.75
CA VAL D 165 28.03 40.39 17.25
C VAL D 165 27.96 40.23 15.74
N GLU D 166 29.06 40.53 15.04
CA GLU D 166 29.11 40.37 13.59
C GLU D 166 28.95 38.91 13.16
N ASP D 167 29.29 37.95 14.03
CA ASP D 167 29.11 36.54 13.68
C ASP D 167 27.65 36.22 13.44
N GLY D 168 26.78 36.66 14.35
CA GLY D 168 25.36 36.44 14.14
C GLY D 168 24.83 37.25 12.96
N ARG D 169 25.33 38.46 12.78
CA ARG D 169 24.92 39.28 11.64
C ARG D 169 25.30 38.61 10.32
N LEU D 170 26.56 38.15 10.23
CA LEU D 170 27.00 37.34 9.10
C LEU D 170 26.10 36.14 8.88
N MET D 171 25.85 35.39 9.95
CA MET D 171 24.99 34.21 9.83
CA MET D 171 24.99 34.21 9.82
C MET D 171 23.61 34.56 9.31
N GLU D 172 23.00 35.62 9.84
CA GLU D 172 21.67 36.01 9.40
C GLU D 172 21.65 36.34 7.91
N GLN D 173 22.67 37.03 7.42
CA GLN D 173 22.70 37.41 6.02
C GLN D 173 22.97 36.22 5.11
N LEU D 174 23.83 35.29 5.55
CA LEU D 174 24.06 34.07 4.80
C LEU D 174 22.77 33.25 4.67
N LEU D 175 22.15 32.92 5.80
CA LEU D 175 20.96 32.08 5.75
C LEU D 175 19.75 32.81 5.19
N SER D 176 19.73 34.14 5.22
CA SER D 176 18.62 34.87 4.62
C SER D 176 18.64 34.80 3.10
N SER D 177 19.80 34.50 2.49
CA SER D 177 19.86 34.37 1.05
C SER D 177 19.13 33.13 0.53
N VAL D 178 18.78 32.19 1.42
CA VAL D 178 18.15 30.95 1.01
C VAL D 178 16.80 30.73 1.70
N GLY D 179 16.24 31.75 2.32
CA GLY D 179 14.92 31.62 2.88
C GLY D 179 14.72 32.55 4.08
N PHE D 180 13.68 32.24 4.85
CA PHE D 180 13.44 32.98 6.08
C PHE D 180 14.53 32.64 7.09
N CYS D 181 14.98 33.65 7.84
CA CYS D 181 15.99 33.42 8.86
C CYS D 181 15.75 34.39 10.02
N THR D 182 15.82 33.88 11.25
CA THR D 182 15.73 34.77 12.39
C THR D 182 16.48 34.17 13.57
N GLU D 183 16.99 35.04 14.44
CA GLU D 183 17.64 34.58 15.66
C GLU D 183 16.60 34.18 16.69
N VAL D 184 16.88 33.11 17.43
CA VAL D 184 16.04 32.66 18.52
C VAL D 184 16.90 32.35 19.73
N GLU D 185 16.25 32.20 20.88
CA GLU D 185 16.89 31.59 22.03
C GLU D 185 17.07 30.10 21.76
N GLU D 186 18.19 29.55 22.24
CA GLU D 186 18.47 28.15 21.91
C GLU D 186 17.38 27.22 22.43
N ASP D 187 16.69 27.58 23.52
CA ASP D 187 15.72 26.63 24.06
C ASP D 187 14.48 26.47 23.19
N LEU D 188 14.33 27.26 22.11
CA LEU D 188 13.24 27.04 21.16
C LEU D 188 13.61 26.11 20.02
N ILE D 189 14.89 25.73 19.87
CA ILE D 189 15.29 25.12 18.60
C ILE D 189 14.73 23.70 18.45
N ASP D 190 14.61 22.95 19.54
CA ASP D 190 14.05 21.60 19.43
C ASP D 190 12.61 21.65 18.95
N ALA D 191 11.83 22.64 19.40
CA ALA D 191 10.45 22.80 18.92
C ALA D 191 10.42 23.26 17.46
N VAL D 192 11.36 24.14 17.07
CA VAL D 192 11.43 24.52 15.66
C VAL D 192 11.73 23.30 14.80
N THR D 193 12.60 22.41 15.30
CA THR D 193 12.92 21.18 14.57
C THR D 193 11.64 20.39 14.27
N GLY D 194 10.75 20.30 15.26
CA GLY D 194 9.52 19.55 15.06
C GLY D 194 8.55 20.21 14.12
N LEU D 195 8.63 21.53 13.98
CA LEU D 195 7.70 22.29 13.15
C LEU D 195 8.25 22.49 11.75
N SER D 196 9.24 23.37 11.58
CA SER D 196 9.74 23.66 10.24
C SER D 196 10.88 22.72 9.80
N GLY D 197 11.61 22.10 10.73
CA GLY D 197 12.63 21.15 10.30
C GLY D 197 12.02 19.90 9.68
N SER D 198 11.11 19.26 10.41
CA SER D 198 10.38 18.10 9.89
C SER D 198 9.23 18.49 8.98
N GLY D 199 8.78 19.75 9.03
CA GLY D 199 7.60 20.17 8.30
C GLY D 199 7.53 19.80 6.84
N PRO D 200 8.63 19.92 6.08
CA PRO D 200 8.53 19.55 4.64
C PRO D 200 8.10 18.10 4.44
N ALA D 201 8.53 17.19 5.31
CA ALA D 201 8.09 15.80 5.20
C ALA D 201 6.58 15.67 5.43
N TYR D 202 6.03 16.43 6.39
CA TYR D 202 4.58 16.43 6.56
C TYR D 202 3.89 16.91 5.29
N ALA D 203 4.42 17.96 4.68
CA ALA D 203 3.85 18.50 3.45
C ALA D 203 3.94 17.50 2.30
N PHE D 204 5.08 16.80 2.17
CA PHE D 204 5.22 15.83 1.07
C PHE D 204 4.23 14.67 1.24
N THR D 205 4.06 14.19 2.48
CA THR D 205 3.02 13.20 2.78
C THR D 205 1.64 13.72 2.39
N ALA D 206 1.31 14.94 2.82
CA ALA D 206 0.02 15.52 2.50
C ALA D 206 -0.20 15.66 1.01
N LEU D 207 0.84 16.08 0.27
CA LEU D 207 0.69 16.28 -1.17
C LEU D 207 0.52 14.95 -1.90
N ASP D 208 1.24 13.93 -1.47
CA ASP D 208 1.06 12.59 -2.02
C ASP D 208 -0.39 12.13 -1.83
N ALA D 209 -0.92 12.32 -0.62
CA ALA D 209 -2.28 11.90 -0.29
C ALA D 209 -3.32 12.73 -1.02
N LEU D 210 -3.14 14.06 -1.08
CA LEU D 210 -4.05 14.90 -1.85
C LEU D 210 -4.09 14.48 -3.31
N ALA D 211 -2.92 14.15 -3.88
CA ALA D 211 -2.87 13.66 -5.26
C ALA D 211 -3.64 12.35 -5.43
N ASP D 212 -3.51 11.42 -4.47
CA ASP D 212 -4.31 10.20 -4.53
C ASP D 212 -5.80 10.53 -4.51
N GLY D 213 -6.18 11.55 -3.72
CA GLY D 213 -7.57 11.97 -3.70
C GLY D 213 -8.02 12.49 -5.06
N GLY D 214 -7.20 13.36 -5.68
CA GLY D 214 -7.51 13.79 -7.04
C GLY D 214 -7.63 12.62 -8.00
N VAL D 215 -6.69 11.68 -7.93
CA VAL D 215 -6.74 10.49 -8.78
C VAL D 215 -8.01 9.68 -8.52
N LYS D 216 -8.39 9.52 -7.25
CA LYS D 216 -9.60 8.75 -6.96
C LYS D 216 -10.81 9.41 -7.62
N MET D 217 -10.84 10.74 -7.67
CA MET D 217 -11.98 11.44 -8.24
C MET D 217 -11.84 11.69 -9.74
N GLY D 218 -10.85 11.09 -10.41
CA GLY D 218 -10.80 11.09 -11.86
C GLY D 218 -9.70 11.91 -12.49
N LEU D 219 -8.83 12.56 -11.71
CA LEU D 219 -7.77 13.37 -12.32
C LEU D 219 -6.56 12.51 -12.66
N PRO D 220 -5.88 12.83 -13.76
CA PRO D 220 -4.56 12.23 -14.01
C PRO D 220 -3.59 12.55 -12.88
N ARG D 221 -2.72 11.59 -12.56
CA ARG D 221 -1.81 11.77 -11.42
CA ARG D 221 -1.78 11.75 -11.44
C ARG D 221 -0.92 13.01 -11.61
N ARG D 222 -0.33 13.17 -12.80
CA ARG D 222 0.55 14.31 -13.03
C ARG D 222 -0.16 15.63 -12.73
N LEU D 223 -1.39 15.78 -13.23
CA LEU D 223 -2.15 17.00 -12.97
C LEU D 223 -2.51 17.15 -11.49
N ALA D 224 -2.91 16.05 -10.83
CA ALA D 224 -3.28 16.14 -9.43
C ALA D 224 -2.11 16.57 -8.54
N VAL D 225 -0.90 16.07 -8.84
CA VAL D 225 0.29 16.49 -8.08
C VAL D 225 0.56 17.98 -8.28
N ARG D 226 0.46 18.46 -9.53
CA ARG D 226 0.71 19.86 -9.85
C ARG D 226 -0.32 20.77 -9.18
N LEU D 227 -1.60 20.40 -9.26
CA LEU D 227 -2.66 21.21 -8.67
C LEU D 227 -2.56 21.24 -7.14
N GLY D 228 -2.33 20.09 -6.51
CA GLY D 228 -2.22 20.05 -5.06
C GLY D 228 -1.03 20.86 -4.55
N ALA D 229 0.12 20.74 -5.21
CA ALA D 229 1.30 21.49 -4.75
C ALA D 229 1.11 22.98 -4.98
N GLN D 230 0.47 23.36 -6.10
CA GLN D 230 0.21 24.78 -6.33
C GLN D 230 -0.78 25.33 -5.32
N ALA D 231 -1.78 24.52 -4.94
CA ALA D 231 -2.74 24.94 -3.92
C ALA D 231 -2.05 25.20 -2.57
N LEU D 232 -1.13 24.32 -2.18
CA LEU D 232 -0.43 24.49 -0.91
C LEU D 232 0.51 25.69 -0.96
N LEU D 233 1.28 25.83 -2.04
CA LEU D 233 2.15 26.99 -2.18
C LEU D 233 1.34 28.29 -2.11
N GLY D 234 0.24 28.36 -2.85
CA GLY D 234 -0.55 29.58 -2.86
C GLY D 234 -1.15 29.90 -1.50
N ALA D 235 -1.63 28.87 -0.80
CA ALA D 235 -2.24 29.08 0.51
C ALA D 235 -1.20 29.56 1.52
N ALA D 236 -0.02 28.94 1.50
CA ALA D 236 1.06 29.35 2.39
C ALA D 236 1.48 30.78 2.10
N LYS D 237 1.60 31.15 0.82
CA LYS D 237 1.94 32.53 0.48
C LYS D 237 0.86 33.49 0.93
N MET D 238 -0.42 33.13 0.73
CA MET D 238 -1.51 33.99 1.19
C MET D 238 -1.37 34.28 2.68
N LEU D 239 -1.15 33.25 3.48
CA LEU D 239 -1.06 33.43 4.93
C LEU D 239 0.14 34.30 5.31
N LEU D 240 1.27 34.10 4.64
CA LEU D 240 2.44 34.90 4.95
C LEU D 240 2.22 36.36 4.63
N HIS D 241 1.40 36.67 3.62
CA HIS D 241 1.18 38.04 3.19
C HIS D 241 -0.06 38.68 3.80
N SER D 242 -0.78 37.95 4.64
CA SER D 242 -2.03 38.44 5.23
C SER D 242 -1.83 38.68 6.72
N GLU D 243 -2.50 39.71 7.24
CA GLU D 243 -2.57 39.92 8.68
C GLU D 243 -3.71 39.14 9.33
N GLN D 244 -4.51 38.41 8.54
CA GLN D 244 -5.70 37.74 9.05
C GLN D 244 -5.34 36.36 9.61
N HIS D 245 -6.15 35.93 10.57
CA HIS D 245 -5.95 34.62 11.18
C HIS D 245 -6.21 33.51 10.16
N PRO D 246 -5.48 32.39 10.27
CA PRO D 246 -5.77 31.23 9.41
C PRO D 246 -7.25 30.84 9.37
N GLY D 247 -7.93 30.88 10.52
CA GLY D 247 -9.35 30.55 10.53
C GLY D 247 -10.20 31.53 9.75
N GLN D 248 -9.79 32.80 9.71
CA GLN D 248 -10.53 33.78 8.91
C GLN D 248 -10.33 33.54 7.41
N LEU D 249 -9.11 33.18 6.99
CA LEU D 249 -8.89 32.86 5.59
C LEU D 249 -9.64 31.59 5.21
N LYS D 250 -9.68 30.62 6.13
CA LYS D 250 -10.52 29.44 5.94
C LYS D 250 -11.99 29.85 5.76
N ASP D 251 -12.48 30.74 6.62
CA ASP D 251 -13.86 31.19 6.52
C ASP D 251 -14.14 31.87 5.19
N ASN D 252 -13.17 32.61 4.65
CA ASN D 252 -13.37 33.28 3.36
C ASN D 252 -13.66 32.28 2.25
N VAL D 253 -13.06 31.09 2.30
CA VAL D 253 -13.21 30.09 1.25
C VAL D 253 -14.46 29.23 1.43
N SER D 254 -15.01 29.14 2.65
CA SER D 254 -16.09 28.20 2.93
C SER D 254 -17.45 28.87 2.69
N SER D 255 -18.02 28.66 1.52
CA SER D 255 -19.37 29.16 1.30
C SER D 255 -20.42 28.29 2.02
N PRO D 256 -21.52 28.90 2.45
CA PRO D 256 -22.54 28.16 3.19
C PRO D 256 -23.09 26.98 2.38
N GLY D 257 -23.10 25.82 3.01
CA GLY D 257 -23.56 24.56 2.43
C GLY D 257 -22.67 24.00 1.34
N GLY D 258 -21.51 24.59 1.11
CA GLY D 258 -20.72 24.30 -0.08
C GLY D 258 -19.77 23.13 0.06
N ALA D 259 -19.01 22.91 -1.01
CA ALA D 259 -18.11 21.75 -1.07
C ALA D 259 -17.01 21.84 -0.03
N THR D 260 -16.43 23.02 0.15
CA THR D 260 -15.30 23.16 1.04
C THR D 260 -15.68 22.86 2.49
N ILE D 261 -16.78 23.45 2.98
CA ILE D 261 -17.15 23.17 4.37
C ILE D 261 -17.52 21.70 4.56
N HIS D 262 -18.06 21.05 3.51
CA HIS D 262 -18.28 19.61 3.62
C HIS D 262 -16.95 18.85 3.76
N ALA D 263 -15.94 19.22 2.98
CA ALA D 263 -14.64 18.57 3.11
C ALA D 263 -13.98 18.89 4.44
N LEU D 264 -14.16 20.12 4.96
CA LEU D 264 -13.55 20.45 6.25
C LEU D 264 -14.12 19.59 7.36
N HIS D 265 -15.42 19.28 7.28
CA HIS D 265 -16.04 18.42 8.28
C HIS D 265 -15.38 17.04 8.30
N VAL D 266 -15.13 16.45 7.14
CA VAL D 266 -14.56 15.10 7.19
C VAL D 266 -13.12 15.15 7.71
N LEU D 267 -12.37 16.24 7.49
CA LEU D 267 -11.06 16.39 8.15
C LEU D 267 -11.22 16.45 9.67
N GLU D 268 -12.17 17.25 10.15
CA GLU D 268 -12.40 17.35 11.58
C GLU D 268 -12.80 16.00 12.18
N SER D 269 -13.62 15.23 11.46
CA SER D 269 -14.08 13.96 12.02
C SER D 269 -12.93 12.98 12.20
N GLY D 270 -11.88 13.10 11.41
CA GLY D 270 -10.72 12.25 11.63
C GLY D 270 -9.68 12.84 12.58
N GLY D 271 -9.96 13.97 13.22
CA GLY D 271 -8.97 14.57 14.11
C GLY D 271 -7.74 15.06 13.38
N PHE D 272 -7.92 15.59 12.17
CA PHE D 272 -6.83 16.08 11.33
C PHE D 272 -5.93 17.04 12.09
N ARG D 273 -6.53 18.03 12.78
CA ARG D 273 -5.71 18.98 13.53
C ARG D 273 -4.85 18.26 14.57
N SER D 274 -5.43 17.30 15.29
CA SER D 274 -4.69 16.64 16.36
C SER D 274 -3.51 15.84 15.81
N LEU D 275 -3.62 15.32 14.59
CA LEU D 275 -2.51 14.54 14.03
C LEU D 275 -1.31 15.44 13.77
N LEU D 276 -1.54 16.64 13.25
CA LEU D 276 -0.43 17.56 13.01
C LEU D 276 0.16 18.04 14.34
N ILE D 277 -0.66 18.25 15.36
CA ILE D 277 -0.11 18.56 16.68
C ILE D 277 0.75 17.39 17.16
N ASN D 278 0.23 16.16 17.02
CA ASN D 278 0.97 14.97 17.42
C ASN D 278 2.32 14.91 16.74
N ALA D 279 2.36 15.24 15.44
CA ALA D 279 3.59 15.16 14.66
C ALA D 279 4.65 16.13 15.17
N VAL D 280 4.29 17.42 15.30
CA VAL D 280 5.24 18.40 15.83
C VAL D 280 5.77 17.97 17.17
N GLU D 281 4.86 17.48 18.03
CA GLU D 281 5.27 17.03 19.36
C GLU D 281 6.19 15.84 19.28
N ALA D 282 5.87 14.85 18.44
CA ALA D 282 6.68 13.65 18.39
C ALA D 282 8.09 13.96 17.89
N SER D 283 8.21 14.84 16.89
CA SER D 283 9.53 15.20 16.38
C SER D 283 10.33 15.99 17.42
N CYS D 284 9.68 16.97 18.07
CA CYS D 284 10.35 17.72 19.13
C CYS D 284 10.83 16.79 20.24
N ILE D 285 9.96 15.88 20.67
CA ILE D 285 10.33 15.00 21.78
C ILE D 285 11.47 14.08 21.38
N ARG D 286 11.41 13.50 20.19
CA ARG D 286 12.50 12.63 19.75
C ARG D 286 13.81 13.40 19.67
N THR D 287 13.75 14.66 19.22
CA THR D 287 14.93 15.51 19.20
C THR D 287 15.49 15.69 20.60
N ARG D 288 14.62 15.96 21.57
CA ARG D 288 15.08 16.08 22.96
C ARG D 288 15.68 14.78 23.45
N GLU D 289 15.09 13.64 23.08
CA GLU D 289 15.56 12.34 23.56
C GLU D 289 16.93 11.99 23.01
N LEU D 290 17.15 12.22 21.71
CA LEU D 290 18.44 11.92 21.11
C LEU D 290 19.55 12.71 21.81
N GLN D 291 19.27 13.95 22.20
CA GLN D 291 20.30 14.74 22.88
C GLN D 291 20.50 14.27 24.31
N SER D 292 19.42 13.97 25.04
CA SER D 292 19.57 13.46 26.39
C SER D 292 20.30 12.13 26.40
N MET D 293 20.16 11.33 25.34
CA MET D 293 21.01 10.15 25.19
C MET D 293 22.45 10.53 24.92
N ALA D 294 22.67 11.53 24.06
CA ALA D 294 24.03 11.95 23.72
C ALA D 294 24.76 12.57 24.90
N ASP D 295 24.04 13.31 25.76
CA ASP D 295 24.67 13.86 26.94
C ASP D 295 25.05 12.76 27.94
N GLN D 296 24.28 11.68 27.99
CA GLN D 296 24.58 10.55 28.85
C GLN D 296 25.67 9.66 28.25
N PHE E 20 -31.74 -48.98 7.71
CA PHE E 20 -31.71 -50.41 7.40
C PHE E 20 -30.32 -50.84 6.97
N GLN E 21 -30.10 -52.16 6.89
CA GLN E 21 -28.88 -52.68 6.31
C GLN E 21 -28.92 -52.59 4.79
N SER E 22 -30.03 -53.01 4.18
CA SER E 22 -30.23 -53.03 2.74
C SER E 22 -30.34 -51.63 2.14
N MET E 23 -30.05 -50.59 2.92
CA MET E 23 -30.20 -49.22 2.46
C MET E 23 -29.00 -48.78 1.63
N SER E 24 -29.26 -48.29 0.42
CA SER E 24 -28.23 -47.78 -0.46
C SER E 24 -28.25 -46.25 -0.42
N VAL E 25 -27.08 -45.65 -0.28
CA VAL E 25 -26.94 -44.19 -0.17
C VAL E 25 -26.10 -43.68 -1.33
N GLY E 26 -26.50 -42.54 -1.87
CA GLY E 26 -25.75 -41.90 -2.93
C GLY E 26 -25.44 -40.46 -2.60
N PHE E 27 -24.34 -39.97 -3.16
CA PHE E 27 -23.95 -38.57 -3.09
C PHE E 27 -23.79 -38.02 -4.50
N ILE E 28 -24.57 -37.00 -4.84
CA ILE E 28 -24.30 -36.21 -6.03
C ILE E 28 -23.43 -35.05 -5.60
N GLY E 29 -22.20 -35.02 -6.11
CA GLY E 29 -21.16 -34.19 -5.55
C GLY E 29 -20.24 -35.02 -4.67
N ALA E 30 -18.98 -35.17 -5.08
CA ALA E 30 -18.06 -36.01 -4.32
C ALA E 30 -16.94 -35.15 -3.73
N GLY E 31 -17.33 -34.12 -2.96
CA GLY E 31 -16.39 -33.16 -2.43
C GLY E 31 -16.24 -33.25 -0.93
N GLN E 32 -16.00 -32.11 -0.28
CA GLN E 32 -15.67 -32.11 1.14
C GLN E 32 -16.81 -32.71 1.97
N LEU E 33 -18.05 -32.25 1.72
CA LEU E 33 -19.15 -32.70 2.56
C LEU E 33 -19.42 -34.18 2.36
N ALA E 34 -19.40 -34.65 1.12
CA ALA E 34 -19.67 -36.05 0.85
C ALA E 34 -18.62 -36.94 1.49
N PHE E 35 -17.36 -36.51 1.45
CA PHE E 35 -16.31 -37.26 2.13
C PHE E 35 -16.58 -37.32 3.62
N ALA E 36 -16.88 -36.17 4.22
CA ALA E 36 -17.06 -36.10 5.67
C ALA E 36 -18.22 -36.98 6.12
N LEU E 37 -19.36 -36.92 5.42
CA LEU E 37 -20.51 -37.74 5.79
C LEU E 37 -20.20 -39.22 5.59
N ALA E 38 -19.56 -39.57 4.46
CA ALA E 38 -19.28 -40.99 4.21
C ALA E 38 -18.28 -41.54 5.20
N LYS E 39 -17.25 -40.75 5.52
CA LYS E 39 -16.29 -41.16 6.55
C LYS E 39 -17.00 -41.38 7.89
N GLY E 40 -17.83 -40.43 8.30
CA GLY E 40 -18.56 -40.57 9.55
C GLY E 40 -19.51 -41.74 9.56
N PHE E 41 -20.30 -41.90 8.47
CA PHE E 41 -21.25 -43.01 8.39
C PHE E 41 -20.55 -44.35 8.50
N THR E 42 -19.46 -44.51 7.75
CA THR E 42 -18.78 -45.80 7.77
C THR E 42 -18.04 -46.02 9.08
N ALA E 43 -17.47 -44.95 9.65
CA ALA E 43 -16.84 -45.09 10.97
C ALA E 43 -17.87 -45.46 12.02
N ALA E 44 -19.09 -44.91 11.91
CA ALA E 44 -20.15 -45.22 12.85
C ALA E 44 -20.60 -46.67 12.76
N GLY E 45 -20.38 -47.32 11.62
CA GLY E 45 -20.89 -48.65 11.39
C GLY E 45 -22.33 -48.71 10.90
N VAL E 46 -22.96 -47.58 10.60
CA VAL E 46 -24.35 -47.64 10.16
C VAL E 46 -24.46 -47.97 8.68
N LEU E 47 -23.41 -47.74 7.91
CA LEU E 47 -23.38 -48.01 6.48
C LEU E 47 -22.03 -48.61 6.14
N ALA E 48 -22.02 -49.71 5.41
CA ALA E 48 -20.78 -50.18 4.80
C ALA E 48 -20.45 -49.31 3.60
N ALA E 49 -19.15 -49.09 3.37
CA ALA E 49 -18.73 -48.19 2.30
C ALA E 49 -19.25 -48.66 0.94
N HIS E 50 -19.43 -49.97 0.77
CA HIS E 50 -19.86 -50.50 -0.51
C HIS E 50 -21.33 -50.23 -0.77
N LYS E 51 -22.07 -49.74 0.21
CA LYS E 51 -23.45 -49.30 0.02
C LYS E 51 -23.54 -47.84 -0.37
N ILE E 52 -22.41 -47.16 -0.53
CA ILE E 52 -22.37 -45.73 -0.85
C ILE E 52 -21.79 -45.58 -2.24
N MET E 53 -22.46 -44.78 -3.07
CA MET E 53 -21.96 -44.35 -4.36
C MET E 53 -21.91 -42.82 -4.37
N ALA E 54 -20.85 -42.27 -4.94
CA ALA E 54 -20.74 -40.84 -5.11
C ALA E 54 -20.32 -40.53 -6.54
N SER E 55 -20.80 -39.39 -7.04
CA SER E 55 -20.52 -38.96 -8.41
C SER E 55 -19.98 -37.54 -8.43
N SER E 56 -19.06 -37.30 -9.35
CA SER E 56 -18.49 -35.99 -9.60
C SER E 56 -18.02 -35.97 -11.06
N PRO E 57 -18.04 -34.81 -11.72
CA PRO E 57 -17.56 -34.76 -13.11
C PRO E 57 -16.05 -34.87 -13.23
N ASP E 58 -15.30 -34.60 -12.17
CA ASP E 58 -13.84 -34.72 -12.15
C ASP E 58 -13.47 -35.90 -11.26
N MET E 59 -13.18 -37.05 -11.86
CA MET E 59 -12.79 -38.23 -11.10
C MET E 59 -11.31 -38.21 -10.71
N ASP E 60 -10.61 -37.09 -10.92
CA ASP E 60 -9.22 -36.92 -10.52
C ASP E 60 -9.09 -35.99 -9.31
N LEU E 61 -10.11 -35.97 -8.46
CA LEU E 61 -10.15 -35.09 -7.29
C LEU E 61 -9.59 -35.78 -6.06
N ALA E 62 -9.07 -34.96 -5.13
CA ALA E 62 -8.55 -35.50 -3.87
C ALA E 62 -9.64 -36.22 -3.09
N THR E 63 -10.82 -35.59 -2.95
CA THR E 63 -11.90 -36.22 -2.21
C THR E 63 -12.35 -37.51 -2.89
N VAL E 64 -12.42 -37.51 -4.21
CA VAL E 64 -12.79 -38.71 -4.95
C VAL E 64 -11.82 -39.85 -4.66
N SER E 65 -10.51 -39.55 -4.62
CA SER E 65 -9.53 -40.59 -4.31
C SER E 65 -9.75 -41.13 -2.90
N ALA E 66 -9.86 -40.23 -1.92
CA ALA E 66 -10.08 -40.63 -0.53
C ALA E 66 -11.32 -41.50 -0.39
N LEU E 67 -12.41 -41.12 -1.04
CA LEU E 67 -13.63 -41.94 -1.01
C LEU E 67 -13.38 -43.33 -1.58
N ARG E 68 -12.60 -43.42 -2.66
CA ARG E 68 -12.30 -44.71 -3.26
C ARG E 68 -11.55 -45.61 -2.29
N LYS E 69 -10.53 -45.07 -1.62
CA LYS E 69 -9.76 -45.87 -0.67
C LYS E 69 -10.63 -46.40 0.45
N MET E 70 -11.68 -45.67 0.82
CA MET E 70 -12.59 -46.14 1.86
C MET E 70 -13.45 -47.30 1.41
N GLY E 71 -13.58 -47.52 0.10
CA GLY E 71 -14.49 -48.51 -0.43
C GLY E 71 -15.77 -47.98 -1.02
N VAL E 72 -15.88 -46.67 -1.21
CA VAL E 72 -17.09 -46.09 -1.80
C VAL E 72 -17.07 -46.27 -3.30
N LYS E 73 -18.23 -46.63 -3.88
CA LYS E 73 -18.36 -46.73 -5.33
C LYS E 73 -18.36 -45.33 -5.93
N LEU E 74 -17.52 -45.13 -6.95
CA LEU E 74 -17.44 -43.84 -7.61
C LEU E 74 -17.81 -43.97 -9.09
N THR E 75 -18.36 -42.88 -9.62
CA THR E 75 -18.80 -42.84 -11.01
C THR E 75 -18.86 -41.38 -11.43
N PRO E 76 -18.61 -41.06 -12.70
CA PRO E 76 -18.81 -39.69 -13.15
C PRO E 76 -20.27 -39.37 -13.49
N HIS E 77 -21.13 -40.38 -13.58
CA HIS E 77 -22.50 -40.23 -14.08
C HIS E 77 -23.46 -40.09 -12.91
N ASN E 78 -24.09 -38.92 -12.80
CA ASN E 78 -25.08 -38.69 -11.74
C ASN E 78 -26.28 -39.64 -11.87
N LYS E 79 -26.59 -40.05 -13.10
CA LYS E 79 -27.65 -41.04 -13.29
C LYS E 79 -27.31 -42.36 -12.61
N GLU E 80 -26.04 -42.77 -12.64
CA GLU E 80 -25.66 -44.00 -11.96
C GLU E 80 -25.89 -43.90 -10.47
N THR E 81 -25.52 -42.78 -9.87
CA THR E 81 -25.75 -42.59 -8.44
C THR E 81 -27.22 -42.71 -8.10
N VAL E 82 -28.08 -42.08 -8.91
CA VAL E 82 -29.52 -42.13 -8.66
C VAL E 82 -30.02 -43.57 -8.74
N GLN E 83 -29.64 -44.29 -9.79
CA GLN E 83 -30.07 -45.67 -9.93
C GLN E 83 -29.60 -46.56 -8.78
N HIS E 84 -28.43 -46.26 -8.21
CA HIS E 84 -27.91 -47.04 -7.08
C HIS E 84 -28.65 -46.73 -5.79
N SER E 85 -29.07 -45.48 -5.60
CA SER E 85 -29.40 -44.98 -4.28
C SER E 85 -30.86 -45.18 -3.91
N ASP E 86 -31.08 -45.38 -2.61
CA ASP E 86 -32.38 -45.18 -1.97
C ASP E 86 -32.45 -43.77 -1.37
N VAL E 87 -31.50 -43.45 -0.50
CA VAL E 87 -31.32 -42.11 0.04
C VAL E 87 -30.27 -41.41 -0.81
N LEU E 88 -30.65 -40.28 -1.40
CA LEU E 88 -29.79 -39.53 -2.32
C LEU E 88 -29.47 -38.17 -1.69
N PHE E 89 -28.22 -37.98 -1.28
CA PHE E 89 -27.76 -36.67 -0.80
C PHE E 89 -27.34 -35.81 -1.99
N LEU E 90 -27.75 -34.54 -1.95
CA LEU E 90 -27.28 -33.53 -2.88
C LEU E 90 -26.20 -32.72 -2.17
N ALA E 91 -24.95 -32.88 -2.60
CA ALA E 91 -23.79 -32.27 -1.97
C ALA E 91 -22.96 -31.51 -3.00
N VAL E 92 -23.64 -30.76 -3.85
CA VAL E 92 -23.00 -29.86 -4.79
C VAL E 92 -23.21 -28.44 -4.28
N LYS E 93 -22.46 -27.49 -4.85
CA LYS E 93 -22.62 -26.10 -4.47
C LYS E 93 -24.04 -25.64 -4.78
N PRO E 94 -24.57 -24.69 -4.00
CA PRO E 94 -25.99 -24.31 -4.16
C PRO E 94 -26.37 -23.87 -5.57
N HIS E 95 -25.50 -23.16 -6.30
CA HIS E 95 -25.91 -22.74 -7.64
C HIS E 95 -25.94 -23.90 -8.63
N ILE E 96 -25.43 -25.08 -8.28
CA ILE E 96 -25.50 -26.24 -9.17
C ILE E 96 -26.73 -27.09 -8.90
N ILE E 97 -27.42 -26.91 -7.77
CA ILE E 97 -28.61 -27.70 -7.46
C ILE E 97 -29.63 -27.67 -8.59
N PRO E 98 -30.03 -26.50 -9.13
CA PRO E 98 -31.05 -26.52 -10.20
C PRO E 98 -30.60 -27.29 -11.42
N PHE E 99 -29.31 -27.22 -11.75
CA PHE E 99 -28.77 -27.96 -12.89
C PHE E 99 -28.87 -29.46 -12.65
N ILE E 100 -28.51 -29.90 -11.44
CA ILE E 100 -28.58 -31.30 -11.07
C ILE E 100 -30.01 -31.81 -11.13
N LEU E 101 -30.95 -31.03 -10.58
CA LEU E 101 -32.34 -31.48 -10.54
C LEU E 101 -32.89 -31.67 -11.95
N ASP E 102 -32.53 -30.76 -12.87
CA ASP E 102 -32.93 -30.93 -14.25
C ASP E 102 -32.28 -32.14 -14.90
N GLU E 103 -31.08 -32.53 -14.45
CA GLU E 103 -30.39 -33.65 -15.08
C GLU E 103 -30.98 -34.99 -14.66
N ILE E 104 -31.31 -35.15 -13.38
CA ILE E 104 -31.73 -36.44 -12.85
C ILE E 104 -33.21 -36.48 -12.53
N GLY E 105 -33.93 -35.37 -12.73
CA GLY E 105 -35.35 -35.33 -12.38
C GLY E 105 -36.14 -36.48 -12.96
N ALA E 106 -35.92 -36.80 -14.24
CA ALA E 106 -36.63 -37.90 -14.88
C ALA E 106 -36.23 -39.26 -14.31
N ASP E 107 -35.19 -39.32 -13.47
CA ASP E 107 -34.68 -40.56 -12.92
C ASP E 107 -35.13 -40.82 -11.47
N ILE E 108 -35.78 -39.85 -10.83
CA ILE E 108 -36.25 -40.07 -9.47
C ILE E 108 -37.44 -41.02 -9.48
N GLU E 109 -37.42 -41.99 -8.57
CA GLU E 109 -38.51 -42.95 -8.43
C GLU E 109 -39.28 -42.66 -7.15
N ASP E 110 -40.31 -43.45 -6.91
CA ASP E 110 -41.09 -43.30 -5.69
C ASP E 110 -40.34 -43.80 -4.46
N ARG E 111 -39.35 -44.68 -4.65
CA ARG E 111 -38.55 -45.16 -3.53
C ARG E 111 -37.58 -44.12 -3.00
N HIS E 112 -37.27 -43.08 -3.77
CA HIS E 112 -36.17 -42.19 -3.45
C HIS E 112 -36.55 -41.19 -2.35
N ILE E 113 -35.60 -40.95 -1.45
CA ILE E 113 -35.61 -39.81 -0.54
C ILE E 113 -34.49 -38.89 -0.95
N VAL E 114 -34.81 -37.68 -1.35
CA VAL E 114 -33.84 -36.71 -1.83
C VAL E 114 -33.49 -35.79 -0.67
N VAL E 115 -32.23 -35.82 -0.23
CA VAL E 115 -31.79 -35.02 0.91
C VAL E 115 -30.86 -33.94 0.40
N SER E 116 -31.33 -32.69 0.40
CA SER E 116 -30.50 -31.58 -0.02
C SER E 116 -29.69 -31.06 1.15
N CYS E 117 -28.37 -31.05 1.00
CA CYS E 117 -27.47 -30.45 1.98
C CYS E 117 -27.07 -29.02 1.63
N ALA E 118 -27.50 -28.52 0.47
CA ALA E 118 -26.98 -27.25 -0.02
C ALA E 118 -27.42 -26.10 0.88
N ALA E 119 -26.46 -25.23 1.22
CA ALA E 119 -26.78 -24.04 1.99
C ALA E 119 -27.84 -23.21 1.28
N GLY E 120 -28.86 -22.78 2.03
CA GLY E 120 -29.83 -21.82 1.55
C GLY E 120 -30.94 -22.36 0.66
N VAL E 121 -30.74 -23.49 -0.03
CA VAL E 121 -31.68 -23.91 -1.07
C VAL E 121 -32.96 -24.44 -0.43
N THR E 122 -34.10 -23.90 -0.86
CA THR E 122 -35.36 -24.21 -0.21
C THR E 122 -35.95 -25.52 -0.72
N ILE E 123 -36.70 -26.19 0.18
CA ILE E 123 -37.48 -27.36 -0.22
C ILE E 123 -38.42 -27.00 -1.37
N SER E 124 -39.01 -25.81 -1.30
CA SER E 124 -39.95 -25.38 -2.33
C SER E 124 -39.29 -25.42 -3.71
N SER E 125 -38.09 -24.85 -3.83
CA SER E 125 -37.41 -24.80 -5.12
C SER E 125 -37.06 -26.20 -5.63
N ILE E 126 -36.68 -27.11 -4.72
CA ILE E 126 -36.37 -28.47 -5.11
C ILE E 126 -37.63 -29.20 -5.55
N GLU E 127 -38.71 -29.10 -4.76
CA GLU E 127 -39.94 -29.80 -5.09
C GLU E 127 -40.51 -29.29 -6.40
N LYS E 128 -40.36 -27.99 -6.69
CA LYS E 128 -40.89 -27.44 -7.94
C LYS E 128 -40.18 -28.07 -9.14
N LYS E 129 -38.84 -28.15 -9.07
CA LYS E 129 -38.08 -28.74 -10.18
C LYS E 129 -38.38 -30.22 -10.34
N LEU E 130 -38.42 -30.97 -9.24
CA LEU E 130 -38.62 -32.41 -9.36
C LEU E 130 -40.07 -32.76 -9.71
N SER E 131 -41.05 -31.95 -9.30
CA SER E 131 -42.44 -32.25 -9.57
C SER E 131 -42.80 -32.09 -11.03
N ALA E 132 -41.97 -31.41 -11.81
CA ALA E 132 -42.19 -31.36 -13.25
C ALA E 132 -41.97 -32.70 -13.92
N PHE E 133 -41.26 -33.62 -13.26
CA PHE E 133 -40.97 -34.92 -13.83
C PHE E 133 -41.86 -36.03 -13.26
N ARG E 134 -42.02 -36.10 -11.94
CA ARG E 134 -42.84 -37.11 -11.31
C ARG E 134 -43.45 -36.43 -10.09
N PRO E 135 -44.76 -36.53 -9.89
CA PRO E 135 -45.37 -35.86 -8.74
C PRO E 135 -44.92 -36.50 -7.43
N ALA E 136 -45.06 -35.72 -6.36
CA ALA E 136 -44.77 -36.13 -4.99
C ALA E 136 -43.33 -36.58 -4.73
N PRO E 137 -42.32 -35.80 -5.11
CA PRO E 137 -40.95 -36.13 -4.65
C PRO E 137 -40.85 -36.06 -3.13
N ARG E 138 -40.12 -37.02 -2.55
CA ARG E 138 -39.88 -37.05 -1.11
C ARG E 138 -38.58 -36.32 -0.85
N VAL E 139 -38.68 -35.10 -0.33
CA VAL E 139 -37.56 -34.21 -0.18
C VAL E 139 -37.36 -33.90 1.30
N ILE E 140 -36.10 -33.90 1.73
CA ILE E 140 -35.70 -33.45 3.06
C ILE E 140 -34.55 -32.47 2.86
N ARG E 141 -34.59 -31.37 3.60
CA ARG E 141 -33.51 -30.40 3.57
C ARG E 141 -32.75 -30.51 4.87
N CYS E 142 -31.43 -30.53 4.79
CA CYS E 142 -30.65 -30.59 6.01
C CYS E 142 -29.56 -29.53 5.98
N MET E 143 -29.05 -29.21 7.16
CA MET E 143 -27.85 -28.38 7.30
C MET E 143 -26.99 -29.08 8.33
N THR E 144 -25.74 -29.33 7.99
CA THR E 144 -24.86 -30.09 8.86
C THR E 144 -23.55 -29.32 8.89
N ASN E 145 -22.45 -29.98 9.21
CA ASN E 145 -21.15 -29.32 9.22
C ASN E 145 -20.07 -30.39 9.12
N THR E 146 -18.83 -29.94 8.87
CA THR E 146 -17.77 -30.89 8.53
C THR E 146 -17.39 -31.82 9.69
N PRO E 147 -17.59 -31.45 10.98
CA PRO E 147 -17.25 -32.39 12.06
C PRO E 147 -18.01 -33.71 12.06
N VAL E 148 -18.96 -33.93 11.14
CA VAL E 148 -19.47 -35.28 10.97
C VAL E 148 -18.34 -36.24 10.63
N VAL E 149 -17.24 -35.73 10.06
CA VAL E 149 -16.10 -36.57 9.74
C VAL E 149 -15.48 -37.22 10.99
N VAL E 150 -15.66 -36.63 12.16
CA VAL E 150 -15.24 -37.25 13.43
C VAL E 150 -16.45 -37.59 14.30
N ARG E 151 -17.62 -37.74 13.67
CA ARG E 151 -18.85 -38.16 14.33
CA ARG E 151 -18.88 -38.14 14.30
C ARG E 151 -19.28 -37.20 15.43
N GLU E 152 -18.98 -35.91 15.25
CA GLU E 152 -19.39 -34.87 16.20
C GLU E 152 -20.02 -33.71 15.44
N GLY E 153 -20.77 -34.01 14.40
CA GLY E 153 -21.46 -32.97 13.67
C GLY E 153 -22.64 -32.41 14.45
N ALA E 154 -23.17 -31.31 13.91
CA ALA E 154 -24.39 -30.68 14.38
C ALA E 154 -25.29 -30.55 13.16
N THR E 155 -26.40 -31.29 13.15
CA THR E 155 -27.24 -31.38 11.97
C THR E 155 -28.67 -31.03 12.35
N VAL E 156 -29.33 -30.23 11.52
CA VAL E 156 -30.78 -30.08 11.60
C VAL E 156 -31.36 -30.47 10.25
N TYR E 157 -32.64 -30.83 10.26
CA TYR E 157 -33.31 -31.20 9.01
C TYR E 157 -34.77 -30.78 9.07
N ALA E 158 -35.35 -30.53 7.89
CA ALA E 158 -36.76 -30.23 7.74
C ALA E 158 -37.34 -31.12 6.65
N THR E 159 -38.54 -31.66 6.88
CA THR E 159 -39.18 -32.58 5.96
C THR E 159 -40.05 -31.83 4.96
N GLY E 160 -40.06 -32.32 3.73
CA GLY E 160 -40.82 -31.69 2.67
C GLY E 160 -42.28 -32.10 2.65
N THR E 161 -42.97 -31.61 1.62
CA THR E 161 -44.42 -31.79 1.51
C THR E 161 -44.81 -33.26 1.44
N HIS E 162 -44.04 -34.07 0.72
CA HIS E 162 -44.42 -35.45 0.47
C HIS E 162 -43.53 -36.43 1.22
N ALA E 163 -42.62 -35.94 2.03
CA ALA E 163 -41.81 -36.83 2.86
C ALA E 163 -42.70 -37.55 3.85
N GLN E 164 -42.52 -38.86 3.98
CA GLN E 164 -43.35 -39.60 4.93
C GLN E 164 -42.77 -39.50 6.33
N VAL E 165 -43.59 -39.87 7.32
CA VAL E 165 -43.16 -39.76 8.71
C VAL E 165 -41.94 -40.63 8.95
N GLU E 166 -41.92 -41.83 8.36
CA GLU E 166 -40.75 -42.70 8.50
C GLU E 166 -39.52 -42.10 7.82
N ASP E 167 -39.71 -41.24 6.81
CA ASP E 167 -38.59 -40.61 6.13
C ASP E 167 -37.82 -39.70 7.08
N GLY E 168 -38.53 -38.90 7.87
CA GLY E 168 -37.86 -38.09 8.86
C GLY E 168 -37.17 -38.93 9.92
N ARG E 169 -37.83 -40.00 10.36
CA ARG E 169 -37.24 -40.85 11.39
C ARG E 169 -36.01 -41.58 10.86
N LEU E 170 -36.05 -42.03 9.60
CA LEU E 170 -34.88 -42.64 8.98
C LEU E 170 -33.73 -41.64 8.91
N MET E 171 -34.01 -40.43 8.46
CA MET E 171 -32.96 -39.42 8.33
CA MET E 171 -32.93 -39.47 8.33
C MET E 171 -32.37 -39.08 9.69
N GLU E 172 -33.23 -38.96 10.71
CA GLU E 172 -32.71 -38.65 12.04
C GLU E 172 -31.85 -39.79 12.58
N GLN E 173 -32.25 -41.04 12.33
CA GLN E 173 -31.44 -42.16 12.76
C GLN E 173 -30.07 -42.14 12.07
N LEU E 174 -30.07 -41.91 10.76
CA LEU E 174 -28.81 -41.87 10.01
C LEU E 174 -27.91 -40.73 10.47
N LEU E 175 -28.44 -39.51 10.57
CA LEU E 175 -27.56 -38.38 10.87
C LEU E 175 -27.16 -38.35 12.34
N SER E 176 -27.96 -38.94 13.21
CA SER E 176 -27.58 -39.02 14.63
C SER E 176 -26.33 -39.88 14.83
N SER E 177 -26.04 -40.76 13.87
CA SER E 177 -24.85 -41.62 14.02
C SER E 177 -23.56 -40.83 13.90
N VAL E 178 -23.61 -39.60 13.40
CA VAL E 178 -22.40 -38.80 13.16
C VAL E 178 -22.44 -37.46 13.92
N GLY E 179 -23.33 -37.33 14.89
CA GLY E 179 -23.37 -36.14 15.71
C GLY E 179 -24.78 -35.86 16.20
N PHE E 180 -24.98 -34.62 16.64
CA PHE E 180 -26.29 -34.18 17.11
C PHE E 180 -27.21 -34.01 15.91
N CYS E 181 -28.46 -34.45 16.06
CA CYS E 181 -29.41 -34.26 14.97
C CYS E 181 -30.80 -34.00 15.54
N THR E 182 -31.49 -32.99 15.00
CA THR E 182 -32.86 -32.73 15.42
C THR E 182 -33.64 -32.12 14.26
N GLU E 183 -34.93 -32.40 14.25
CA GLU E 183 -35.81 -31.79 13.27
C GLU E 183 -36.11 -30.34 13.66
N VAL E 184 -36.17 -29.46 12.64
CA VAL E 184 -36.58 -28.08 12.82
C VAL E 184 -37.55 -27.70 11.71
N GLU E 185 -38.30 -26.61 11.94
CA GLU E 185 -39.00 -25.95 10.85
C GLU E 185 -37.99 -25.37 9.86
N GLU E 186 -38.36 -25.39 8.57
CA GLU E 186 -37.40 -24.93 7.56
C GLU E 186 -37.00 -23.49 7.78
N ASP E 187 -37.89 -22.65 8.31
CA ASP E 187 -37.48 -21.25 8.41
C ASP E 187 -36.39 -21.00 9.47
N LEU E 188 -35.95 -22.02 10.22
CA LEU E 188 -34.79 -21.85 11.09
C LEU E 188 -33.46 -22.19 10.42
N ILE E 189 -33.47 -22.81 9.25
CA ILE E 189 -32.24 -23.45 8.76
C ILE E 189 -31.18 -22.42 8.34
N ASP E 190 -31.58 -21.26 7.81
CA ASP E 190 -30.59 -20.26 7.42
C ASP E 190 -29.83 -19.71 8.64
N ALA E 191 -30.52 -19.54 9.77
CA ALA E 191 -29.86 -19.15 11.01
C ALA E 191 -28.97 -20.28 11.54
N VAL E 192 -29.44 -21.53 11.47
CA VAL E 192 -28.56 -22.64 11.87
C VAL E 192 -27.29 -22.63 11.03
N THR E 193 -27.43 -22.36 9.73
CA THR E 193 -26.25 -22.25 8.87
C THR E 193 -25.24 -21.25 9.43
N GLY E 194 -25.73 -20.08 9.86
CA GLY E 194 -24.81 -19.08 10.39
C GLY E 194 -24.15 -19.46 11.71
N LEU E 195 -24.75 -20.39 12.45
CA LEU E 195 -24.26 -20.73 13.77
C LEU E 195 -23.42 -22.00 13.71
N SER E 196 -24.05 -23.17 13.48
CA SER E 196 -23.28 -24.41 13.47
C SER E 196 -22.72 -24.77 12.10
N GLY E 197 -23.32 -24.27 11.01
CA GLY E 197 -22.75 -24.53 9.69
C GLY E 197 -21.41 -23.84 9.52
N SER E 198 -21.38 -22.52 9.74
CA SER E 198 -20.13 -21.75 9.69
C SER E 198 -19.31 -21.88 10.97
N GLY E 199 -19.93 -22.36 12.06
CA GLY E 199 -19.27 -22.37 13.35
C GLY E 199 -17.89 -23.00 13.39
N PRO E 200 -17.66 -24.14 12.73
CA PRO E 200 -16.31 -24.71 12.78
C PRO E 200 -15.25 -23.75 12.30
N ALA E 201 -15.56 -22.95 11.27
CA ALA E 201 -14.61 -21.95 10.78
C ALA E 201 -14.29 -20.90 11.86
N TYR E 202 -15.29 -20.46 12.63
CA TYR E 202 -15.02 -19.53 13.73
C TYR E 202 -14.08 -20.18 14.74
N ALA E 203 -14.31 -21.46 15.05
CA ALA E 203 -13.45 -22.17 16.01
C ALA E 203 -12.04 -22.36 15.48
N PHE E 204 -11.86 -22.66 14.18
CA PHE E 204 -10.51 -22.81 13.63
C PHE E 204 -9.75 -21.50 13.70
N THR E 205 -10.43 -20.38 13.39
CA THR E 205 -9.81 -19.06 13.54
C THR E 205 -9.42 -18.82 15.00
N ALA E 206 -10.32 -19.11 15.93
CA ALA E 206 -10.04 -18.91 17.34
C ALA E 206 -8.87 -19.77 17.80
N LEU E 207 -8.83 -21.03 17.37
CA LEU E 207 -7.75 -21.92 17.77
C LEU E 207 -6.42 -21.47 17.21
N ASP E 208 -6.39 -21.00 15.95
CA ASP E 208 -5.15 -20.47 15.41
C ASP E 208 -4.63 -19.30 16.26
N ALA E 209 -5.54 -18.39 16.63
CA ALA E 209 -5.16 -17.20 17.39
C ALA E 209 -4.78 -17.56 18.83
N LEU E 210 -5.52 -18.48 19.46
CA LEU E 210 -5.15 -18.92 20.81
C LEU E 210 -3.77 -19.53 20.80
N ALA E 211 -3.46 -20.33 19.77
CA ALA E 211 -2.12 -20.90 19.65
C ALA E 211 -1.07 -19.80 19.48
N ASP E 212 -1.37 -18.77 18.67
CA ASP E 212 -0.43 -17.65 18.57
C ASP E 212 -0.21 -17.00 19.93
N GLY E 213 -1.26 -16.88 20.73
CA GLY E 213 -1.11 -16.36 22.09
C GLY E 213 -0.21 -17.23 22.93
N GLY E 214 -0.40 -18.54 22.87
CA GLY E 214 0.49 -19.45 23.58
C GLY E 214 1.93 -19.32 23.14
N VAL E 215 2.15 -19.23 21.83
CA VAL E 215 3.50 -19.05 21.31
C VAL E 215 4.09 -17.73 21.78
N LYS E 216 3.29 -16.65 21.75
CA LYS E 216 3.82 -15.37 22.20
C LYS E 216 4.33 -15.45 23.64
N MET E 217 3.63 -16.22 24.48
CA MET E 217 3.98 -16.35 25.88
C MET E 217 5.00 -17.45 26.15
N GLY E 218 5.53 -18.09 25.10
CA GLY E 218 6.68 -18.96 25.24
C GLY E 218 6.44 -20.43 24.99
N LEU E 219 5.23 -20.84 24.57
CA LEU E 219 4.94 -22.25 24.32
C LEU E 219 5.36 -22.64 22.91
N PRO E 220 5.86 -23.86 22.72
CA PRO E 220 6.04 -24.37 21.35
C PRO E 220 4.71 -24.44 20.63
N ARG E 221 4.75 -24.18 19.32
CA ARG E 221 3.52 -24.12 18.52
CA ARG E 221 3.51 -24.11 18.55
C ARG E 221 2.71 -25.40 18.66
N ARG E 222 3.36 -26.56 18.49
CA ARG E 222 2.62 -27.83 18.51
C ARG E 222 1.88 -28.02 19.84
N LEU E 223 2.54 -27.70 20.95
CA LEU E 223 1.89 -27.82 22.26
C LEU E 223 0.76 -26.81 22.44
N ALA E 224 0.97 -25.58 21.97
CA ALA E 224 -0.07 -24.56 22.08
C ALA E 224 -1.33 -24.95 21.30
N VAL E 225 -1.16 -25.52 20.10
CA VAL E 225 -2.32 -25.95 19.32
C VAL E 225 -3.07 -27.05 20.06
N ARG E 226 -2.32 -28.03 20.58
CA ARG E 226 -2.95 -29.17 21.25
C ARG E 226 -3.69 -28.71 22.52
N LEU E 227 -3.05 -27.86 23.31
CA LEU E 227 -3.68 -27.36 24.53
C LEU E 227 -4.91 -26.52 24.23
N GLY E 228 -4.79 -25.61 23.26
CA GLY E 228 -5.93 -24.77 22.92
C GLY E 228 -7.11 -25.58 22.41
N ALA E 229 -6.85 -26.53 21.51
CA ALA E 229 -7.95 -27.36 20.98
C ALA E 229 -8.55 -28.22 22.08
N GLN E 230 -7.71 -28.78 22.95
CA GLN E 230 -8.24 -29.60 24.05
C GLN E 230 -9.06 -28.75 25.02
N ALA E 231 -8.63 -27.52 25.28
CA ALA E 231 -9.40 -26.63 26.15
C ALA E 231 -10.78 -26.35 25.56
N LEU E 232 -10.85 -26.10 24.25
CA LEU E 232 -12.13 -25.78 23.65
C LEU E 232 -13.04 -27.00 23.59
N LEU E 233 -12.49 -28.16 23.26
CA LEU E 233 -13.28 -29.40 23.26
C LEU E 233 -13.83 -29.67 24.66
N GLY E 234 -12.96 -29.62 25.67
CA GLY E 234 -13.40 -29.91 27.02
C GLY E 234 -14.49 -28.96 27.49
N ALA E 235 -14.32 -27.66 27.20
CA ALA E 235 -15.30 -26.67 27.65
C ALA E 235 -16.65 -26.89 26.96
N ALA E 236 -16.60 -27.19 25.66
CA ALA E 236 -17.83 -27.45 24.93
C ALA E 236 -18.54 -28.68 25.51
N LYS E 237 -17.78 -29.73 25.85
CA LYS E 237 -18.39 -30.92 26.43
C LYS E 237 -18.97 -30.63 27.81
N MET E 238 -18.27 -29.83 28.62
CA MET E 238 -18.82 -29.44 29.93
C MET E 238 -20.19 -28.78 29.77
N LEU E 239 -20.28 -27.81 28.85
CA LEU E 239 -21.54 -27.11 28.66
C LEU E 239 -22.64 -28.07 28.20
N LEU E 240 -22.32 -28.98 27.28
CA LEU E 240 -23.33 -29.91 26.81
C LEU E 240 -23.80 -30.85 27.91
N HIS E 241 -22.93 -31.21 28.85
CA HIS E 241 -23.28 -32.09 29.95
C HIS E 241 -23.85 -31.36 31.16
N SER E 242 -23.82 -30.04 31.18
CA SER E 242 -24.31 -29.28 32.32
C SER E 242 -25.71 -28.74 32.02
N GLU E 243 -26.51 -28.59 33.07
CA GLU E 243 -27.73 -27.81 32.96
C GLU E 243 -27.50 -26.34 33.26
N GLN E 244 -26.28 -25.97 33.64
CA GLN E 244 -26.00 -24.63 34.10
C GLN E 244 -25.74 -23.68 32.93
N HIS E 245 -26.05 -22.42 33.16
CA HIS E 245 -25.87 -21.38 32.17
C HIS E 245 -24.38 -21.19 31.86
N PRO E 246 -24.02 -20.96 30.60
CA PRO E 246 -22.60 -20.71 30.29
C PRO E 246 -21.96 -19.62 31.14
N GLY E 247 -22.74 -18.63 31.60
CA GLY E 247 -22.19 -17.63 32.49
C GLY E 247 -21.93 -18.17 33.88
N GLN E 248 -22.74 -19.13 34.34
CA GLN E 248 -22.45 -19.77 35.61
C GLN E 248 -21.17 -20.60 35.49
N LEU E 249 -20.99 -21.33 34.39
CA LEU E 249 -19.77 -22.10 34.23
C LEU E 249 -18.56 -21.17 34.15
N LYS E 250 -18.72 -20.03 33.48
CA LYS E 250 -17.68 -19.01 33.46
C LYS E 250 -17.38 -18.50 34.86
N ASP E 251 -18.42 -18.21 35.66
CA ASP E 251 -18.21 -17.76 37.03
C ASP E 251 -17.44 -18.80 37.84
N ASN E 252 -17.75 -20.09 37.66
CA ASN E 252 -17.04 -21.14 38.37
C ASN E 252 -15.53 -21.11 38.13
N VAL E 253 -15.10 -20.72 36.92
CA VAL E 253 -13.68 -20.76 36.57
C VAL E 253 -12.93 -19.52 37.03
N SER E 254 -13.60 -18.37 37.21
CA SER E 254 -12.92 -17.11 37.51
C SER E 254 -12.83 -16.93 39.03
N SER E 255 -11.64 -17.15 39.58
CA SER E 255 -11.42 -16.83 40.97
C SER E 255 -11.23 -15.32 41.17
N PRO E 256 -11.58 -14.79 42.35
CA PRO E 256 -11.44 -13.34 42.58
C PRO E 256 -10.01 -12.86 42.39
N GLY E 257 -9.86 -11.79 41.62
CA GLY E 257 -8.57 -11.19 41.39
C GLY E 257 -7.65 -11.95 40.48
N GLY E 258 -8.08 -13.10 39.94
CA GLY E 258 -7.19 -14.06 39.33
C GLY E 258 -6.90 -13.80 37.86
N ALA E 259 -6.14 -14.74 37.29
CA ALA E 259 -5.69 -14.60 35.90
C ALA E 259 -6.86 -14.64 34.93
N THR E 260 -7.82 -15.53 35.18
CA THR E 260 -8.91 -15.72 34.21
C THR E 260 -9.79 -14.47 34.09
N ILE E 261 -10.19 -13.90 35.22
CA ILE E 261 -11.04 -12.70 35.16
C ILE E 261 -10.27 -11.52 34.54
N HIS E 262 -8.96 -11.45 34.74
CA HIS E 262 -8.16 -10.44 34.04
C HIS E 262 -8.21 -10.65 32.52
N ALA E 263 -8.10 -11.89 32.06
CA ALA E 263 -8.17 -12.12 30.61
C ALA E 263 -9.58 -11.87 30.08
N LEU E 264 -10.61 -12.26 30.84
CA LEU E 264 -11.98 -12.00 30.40
C LEU E 264 -12.21 -10.51 30.19
N HIS E 265 -11.63 -9.68 31.05
CA HIS E 265 -11.80 -8.24 30.88
C HIS E 265 -11.25 -7.77 29.53
N VAL E 266 -10.06 -8.25 29.13
CA VAL E 266 -9.52 -7.76 27.87
C VAL E 266 -10.36 -8.26 26.70
N LEU E 267 -10.97 -9.45 26.79
CA LEU E 267 -11.92 -9.88 25.76
C LEU E 267 -13.11 -8.93 25.68
N GLU E 268 -13.71 -8.60 26.84
CA GLU E 268 -14.83 -7.65 26.88
C GLU E 268 -14.45 -6.30 26.31
N SER E 269 -13.24 -5.83 26.61
CA SER E 269 -12.85 -4.48 26.15
C SER E 269 -12.75 -4.42 24.64
N GLY E 270 -12.48 -5.56 23.99
CA GLY E 270 -12.54 -5.60 22.54
C GLY E 270 -13.89 -5.90 21.93
N GLY E 271 -14.96 -6.02 22.71
CA GLY E 271 -16.25 -6.40 22.15
C GLY E 271 -16.28 -7.83 21.61
N PHE E 272 -15.52 -8.74 22.23
CA PHE E 272 -15.41 -10.13 21.78
C PHE E 272 -16.79 -10.73 21.51
N ARG E 273 -17.73 -10.53 22.44
CA ARG E 273 -19.07 -11.09 22.28
C ARG E 273 -19.73 -10.57 21.02
N SER E 274 -19.65 -9.25 20.81
CA SER E 274 -20.34 -8.65 19.67
C SER E 274 -19.78 -9.17 18.34
N LEU E 275 -18.49 -9.54 18.30
CA LEU E 275 -17.92 -10.05 17.07
C LEU E 275 -18.52 -11.40 16.69
N LEU E 276 -18.70 -12.28 17.68
CA LEU E 276 -19.34 -13.57 17.41
C LEU E 276 -20.81 -13.39 17.00
N ILE E 277 -21.53 -12.47 17.63
CA ILE E 277 -22.88 -12.16 17.17
C ILE E 277 -22.84 -11.65 15.73
N ASN E 278 -21.92 -10.71 15.45
CA ASN E 278 -21.75 -10.20 14.09
C ASN E 278 -21.56 -11.34 13.09
N ALA E 279 -20.76 -12.34 13.46
CA ALA E 279 -20.44 -13.41 12.53
C ALA E 279 -21.68 -14.27 12.22
N VAL E 280 -22.38 -14.73 13.25
CA VAL E 280 -23.60 -15.51 13.02
C VAL E 280 -24.56 -14.74 12.15
N GLU E 281 -24.74 -13.45 12.45
CA GLU E 281 -25.63 -12.60 11.67
C GLU E 281 -25.18 -12.52 10.22
N ALA E 282 -23.89 -12.27 9.99
CA ALA E 282 -23.40 -12.07 8.62
C ALA E 282 -23.53 -13.33 7.80
N SER E 283 -23.26 -14.49 8.40
CA SER E 283 -23.40 -15.74 7.67
C SER E 283 -24.87 -16.02 7.35
N CYS E 284 -25.77 -15.79 8.32
CA CYS E 284 -27.19 -16.01 8.07
C CYS E 284 -27.71 -15.08 6.98
N ILE E 285 -27.32 -13.81 7.05
CA ILE E 285 -27.80 -12.83 6.06
C ILE E 285 -27.26 -13.16 4.68
N ARG E 286 -25.98 -13.54 4.57
CA ARG E 286 -25.44 -13.92 3.27
C ARG E 286 -26.16 -15.15 2.72
N THR E 287 -26.45 -16.13 3.58
CA THR E 287 -27.22 -17.29 3.15
C THR E 287 -28.57 -16.87 2.57
N ARG E 288 -29.28 -15.97 3.28
CA ARG E 288 -30.57 -15.50 2.78
C ARG E 288 -30.42 -14.75 1.45
N GLU E 289 -29.36 -13.96 1.33
CA GLU E 289 -29.13 -13.15 0.13
C GLU E 289 -28.80 -14.02 -1.08
N LEU E 290 -27.96 -15.05 -0.89
CA LEU E 290 -27.65 -15.94 -2.01
C LEU E 290 -28.91 -16.64 -2.52
N GLN E 291 -29.79 -17.05 -1.61
CA GLN E 291 -30.99 -17.75 -2.06
C GLN E 291 -31.97 -16.81 -2.75
N SER E 292 -32.06 -15.56 -2.31
CA SER E 292 -32.87 -14.59 -3.04
C SER E 292 -32.34 -14.40 -4.45
N MET E 293 -31.01 -14.42 -4.62
CA MET E 293 -30.42 -14.37 -5.95
C MET E 293 -30.79 -15.61 -6.77
N ALA E 294 -30.78 -16.78 -6.13
CA ALA E 294 -31.22 -18.00 -6.82
C ALA E 294 -32.66 -17.87 -7.28
N ASP E 295 -33.55 -17.43 -6.38
CA ASP E 295 -34.97 -17.35 -6.73
C ASP E 295 -35.23 -16.26 -7.75
N GLN E 296 -34.44 -15.19 -7.74
CA GLN E 296 -34.62 -14.12 -8.73
C GLN E 296 -34.52 -14.65 -10.16
N GLU E 297 -33.66 -15.66 -10.38
CA GLU E 297 -33.56 -16.31 -11.68
C GLU E 297 -34.29 -17.66 -11.67
#